data_9ASJ
#
_entry.id   9ASJ
#
loop_
_entity.id
_entity.type
_entity.pdbx_description
1 polymer 'DNA polymerase theta'
2 non-polymer 'PHOSPHOAMINOPHOSPHONIC ACID-ADENYLATE ESTER'
#
_entity_poly.entity_id   1
_entity_poly.type   'polypeptide(L)'
_entity_poly.pdbx_seq_one_letter_code
;MNLLRRSGKRRRSESGSDSFSGSGGDSSASPQFLSGSVLSPPPGLGRCLKAAAAGECKPTVPDYERDKLLLANWGLPKAV
LEKYHSFGVKKMFEWQAECLLLGQVLEGKNLVYSAPTSAGKTLVAELLILKRVLEMRKKALFILPFVSVAKEKKYYLQSL
FQEVGIKVDGYMGSTSPSRHFSSLDIAVCTIERANGLINRLIEENKMDLLGMVVVDELHMLGDSHRGYLLELLLTKICYI
TRKSASCQADLASSLSNAVQIVGMSATLPNLELVASWLNAELYHTDFRPVPLLESVKVGNSIYDSSMKLVREFEPMLQVK
GDEDHVVSLCYETICDNHSVLLFCPSKKWCEKLADIIAREFYNLHHQAEGLVKPSECPPVILEQKELLEVMDQLRRLPSG
LDSVLQKTVPWGVAFHHAGLTFEERDIIEGAFRQGLIRVLAATSTLSSGVNLPARRVIIRTPIFGGRPLDILTYKQMVGR
AGRKGVDTVGESILICKNSEKSKGIALLQGSLKPVRSCLQRREGEEVTGSMIRAILEIIVGGVASTSQDMHTYAACTFLA
ASMKEGKQGIQRNQESVQLGAIEACVMWLLENEFIQSTEASDGTEGKVYHPTHLGSATLSSSLSPADTLDIFADLQRAMK
GFVLENDLHILYLVTPMFEDWTTIDWYRFFCLWEKLPTSMKRVAELVGVEEGFLARCVKGKVVARTERQHRQMAIHKRFF
TSLVLLDLISEVPLREINQKYGCNRGQIQSLQQSAAVYAGMITVFSNRLGWHNMELLLSQFQKRLTFGIQRELCDLVRVS
LLNAQRARVLYASGFHTVADLARANIVEVEVILKNAVPFKSARKAVDEEEEAVEERRNMRTIWVTGRKGLTEREAAALIV
EEARMILQQDLVEM
;
_entity_poly.pdbx_strand_id   A,B
#
# COMPACT_ATOMS: atom_id res chain seq x y z
N LYS A 68 32.84 -47.51 -11.15
CA LYS A 68 32.21 -46.65 -10.16
C LYS A 68 32.51 -45.18 -10.45
N LEU A 69 33.51 -44.94 -11.28
CA LEU A 69 33.89 -43.58 -11.67
C LEU A 69 33.13 -43.13 -12.92
N LEU A 70 31.80 -43.21 -12.86
CA LEU A 70 30.95 -42.86 -13.99
C LEU A 70 29.61 -42.41 -13.44
N LEU A 71 29.12 -41.27 -13.93
CA LEU A 71 27.99 -40.61 -13.28
C LEU A 71 26.72 -41.45 -13.33
N ALA A 72 26.44 -42.07 -14.48
CA ALA A 72 25.21 -42.86 -14.62
C ALA A 72 25.18 -44.04 -13.67
N ASN A 73 26.36 -44.54 -13.26
CA ASN A 73 26.40 -45.63 -12.28
C ASN A 73 25.83 -45.17 -10.95
N TRP A 74 26.15 -43.96 -10.52
CA TRP A 74 25.56 -43.39 -9.32
C TRP A 74 24.07 -43.12 -9.54
N GLY A 75 23.30 -43.27 -8.47
CA GLY A 75 21.87 -43.02 -8.54
C GLY A 75 21.54 -41.57 -8.82
N LEU A 76 21.05 -41.28 -10.02
CA LEU A 76 20.75 -39.93 -10.45
C LEU A 76 19.48 -39.92 -11.29
N PRO A 77 18.72 -38.83 -11.23
CA PRO A 77 17.58 -38.68 -12.16
C PRO A 77 18.05 -38.63 -13.60
N LYS A 78 17.20 -39.13 -14.49
CA LYS A 78 17.57 -39.20 -15.91
C LYS A 78 17.78 -37.79 -16.49
N ALA A 79 16.87 -36.87 -16.18
CA ALA A 79 16.98 -35.52 -16.73
C ALA A 79 18.22 -34.80 -16.21
N VAL A 80 18.52 -34.95 -14.92
CA VAL A 80 19.72 -34.35 -14.35
C VAL A 80 20.97 -34.90 -15.03
N LEU A 81 21.00 -36.21 -15.26
CA LEU A 81 22.15 -36.83 -15.92
C LEU A 81 22.31 -36.32 -17.34
N GLU A 82 21.20 -36.25 -18.09
CA GLU A 82 21.25 -35.74 -19.46
C GLU A 82 21.72 -34.30 -19.51
N LYS A 83 21.23 -33.46 -18.59
CA LYS A 83 21.70 -32.09 -18.53
C LYS A 83 23.18 -32.02 -18.15
N TYR A 84 23.64 -32.94 -17.30
CA TYR A 84 25.05 -32.98 -16.95
C TYR A 84 25.91 -33.30 -18.16
N HIS A 85 25.44 -34.21 -19.03
CA HIS A 85 26.12 -34.40 -20.31
C HIS A 85 26.09 -33.13 -21.15
N SER A 86 24.99 -32.38 -21.09
CA SER A 86 24.89 -31.15 -21.87
C SER A 86 25.90 -30.11 -21.40
N PHE A 87 26.30 -30.15 -20.13
CA PHE A 87 27.27 -29.21 -19.60
C PHE A 87 28.71 -29.68 -19.76
N GLY A 88 28.92 -30.83 -20.41
CA GLY A 88 30.26 -31.33 -20.65
C GLY A 88 30.87 -32.09 -19.50
N VAL A 89 30.12 -32.37 -18.45
CA VAL A 89 30.62 -33.11 -17.29
C VAL A 89 30.02 -34.51 -17.36
N LYS A 90 30.85 -35.50 -17.69
CA LYS A 90 30.45 -36.89 -17.67
C LYS A 90 31.49 -37.81 -17.06
N LYS A 91 32.72 -37.38 -16.85
CA LYS A 91 33.77 -38.17 -16.25
C LYS A 91 34.02 -37.68 -14.83
N MET A 92 34.00 -38.60 -13.88
CA MET A 92 34.18 -38.27 -12.47
C MET A 92 35.60 -38.64 -12.05
N PHE A 93 36.33 -37.67 -11.50
CA PHE A 93 37.70 -37.91 -11.09
C PHE A 93 37.74 -38.81 -9.85
N GLU A 94 38.93 -39.38 -9.59
CA GLU A 94 39.08 -40.30 -8.48
C GLU A 94 38.84 -39.60 -7.14
N TRP A 95 39.29 -38.34 -7.01
CA TRP A 95 39.15 -37.65 -5.75
C TRP A 95 37.69 -37.41 -5.40
N GLN A 96 36.86 -37.08 -6.39
CA GLN A 96 35.44 -36.87 -6.12
C GLN A 96 34.76 -38.15 -5.65
N ALA A 97 35.05 -39.28 -6.30
CA ALA A 97 34.48 -40.55 -5.89
C ALA A 97 34.95 -40.95 -4.50
N GLU A 98 36.23 -40.71 -4.20
CA GLU A 98 36.75 -41.04 -2.87
C GLU A 98 36.10 -40.17 -1.80
N CYS A 99 35.90 -38.88 -2.11
CA CYS A 99 35.22 -38.00 -1.15
C CYS A 99 33.78 -38.42 -0.92
N LEU A 100 33.09 -38.81 -1.99
CA LEU A 100 31.71 -39.28 -1.86
C LEU A 100 31.61 -40.70 -1.34
N LEU A 101 32.72 -41.39 -1.19
CA LEU A 101 32.76 -42.73 -0.59
C LEU A 101 33.61 -42.72 0.66
N LEU A 102 33.49 -41.66 1.46
CA LEU A 102 34.24 -41.54 2.71
C LEU A 102 33.48 -42.18 3.86
N GLY A 103 33.07 -43.43 3.62
CA GLY A 103 32.40 -44.21 4.65
C GLY A 103 30.96 -43.81 4.92
N GLN A 104 30.76 -43.19 6.08
CA GLN A 104 29.43 -42.90 6.61
C GLN A 104 28.97 -41.47 6.37
N VAL A 105 29.66 -40.74 5.49
CA VAL A 105 29.35 -39.33 5.26
C VAL A 105 27.94 -39.15 4.71
N LEU A 106 27.54 -40.03 3.79
CA LEU A 106 26.35 -39.78 2.98
C LEU A 106 25.06 -39.71 3.80
N GLU A 107 24.89 -40.57 4.80
CA GLU A 107 23.59 -40.74 5.44
C GLU A 107 23.39 -39.85 6.66
N GLY A 108 23.99 -38.66 6.68
CA GLY A 108 23.65 -37.70 7.71
C GLY A 108 24.78 -36.88 8.29
N LYS A 109 25.97 -37.46 8.35
CA LYS A 109 27.10 -36.75 8.95
C LYS A 109 27.62 -35.67 8.02
N ASN A 110 28.01 -34.53 8.59
CA ASN A 110 28.53 -33.42 7.82
C ASN A 110 29.89 -33.75 7.23
N LEU A 111 30.29 -32.98 6.23
CA LEU A 111 31.51 -33.23 5.48
C LEU A 111 32.21 -31.93 5.14
N VAL A 112 33.54 -31.94 5.20
CA VAL A 112 34.37 -30.82 4.79
C VAL A 112 35.52 -31.36 3.97
N TYR A 113 35.74 -30.79 2.78
CA TYR A 113 36.80 -31.25 1.90
C TYR A 113 37.47 -30.06 1.22
N SER A 114 38.71 -30.28 0.77
CA SER A 114 39.49 -29.27 0.09
C SER A 114 39.97 -29.80 -1.25
N ALA A 115 39.98 -28.94 -2.26
CA ALA A 115 40.45 -29.29 -3.59
C ALA A 115 40.83 -28.00 -4.31
N PRO A 116 41.70 -28.08 -5.32
CA PRO A 116 42.04 -26.89 -6.10
C PRO A 116 40.80 -26.31 -6.78
N THR A 117 40.93 -25.02 -7.15
CA THR A 117 39.78 -24.27 -7.64
C THR A 117 39.17 -24.86 -8.90
N SER A 118 39.93 -25.63 -9.67
CA SER A 118 39.43 -26.24 -10.90
C SER A 118 39.32 -27.76 -10.81
N ALA A 119 39.36 -28.31 -9.60
CA ALA A 119 39.35 -29.76 -9.43
C ALA A 119 37.96 -30.38 -9.52
N GLY A 120 36.91 -29.57 -9.59
CA GLY A 120 35.55 -30.09 -9.61
C GLY A 120 34.92 -30.12 -8.23
N LYS A 121 35.09 -29.03 -7.50
CA LYS A 121 34.58 -28.97 -6.12
C LYS A 121 33.06 -28.97 -6.09
N THR A 122 32.42 -28.35 -7.09
CA THR A 122 30.97 -28.22 -7.07
C THR A 122 30.26 -29.56 -7.16
N LEU A 123 30.80 -30.48 -7.98
CA LEU A 123 30.08 -31.70 -8.33
C LEU A 123 29.78 -32.56 -7.10
N VAL A 124 30.74 -32.67 -6.18
CA VAL A 124 30.52 -33.46 -4.97
C VAL A 124 29.35 -32.88 -4.17
N ALA A 125 29.34 -31.56 -4.00
CA ALA A 125 28.26 -30.90 -3.27
C ALA A 125 26.93 -31.10 -3.98
N GLU A 126 26.92 -31.00 -5.31
CA GLU A 126 25.66 -31.18 -6.04
C GLU A 126 25.14 -32.61 -5.89
N LEU A 127 26.03 -33.59 -5.98
CA LEU A 127 25.60 -34.98 -5.78
C LEU A 127 25.06 -35.19 -4.37
N LEU A 128 25.73 -34.62 -3.37
CA LEU A 128 25.26 -34.77 -2.00
C LEU A 128 23.91 -34.11 -1.78
N ILE A 129 23.70 -32.90 -2.31
CA ILE A 129 22.43 -32.23 -2.09
C ILE A 129 21.32 -32.94 -2.84
N LEU A 130 21.61 -33.47 -4.04
CA LEU A 130 20.63 -34.27 -4.75
C LEU A 130 20.23 -35.50 -3.93
N LYS A 131 21.22 -36.22 -3.39
CA LYS A 131 20.91 -37.41 -2.61
C LYS A 131 20.08 -37.05 -1.38
N ARG A 132 20.44 -35.98 -0.69
CA ARG A 132 19.68 -35.55 0.48
C ARG A 132 18.27 -35.16 0.11
N VAL A 133 18.09 -34.47 -1.01
CA VAL A 133 16.77 -33.96 -1.39
C VAL A 133 15.85 -35.11 -1.78
N LEU A 134 16.31 -36.01 -2.65
CA LEU A 134 15.41 -37.08 -3.08
C LEU A 134 15.31 -38.21 -2.06
N GLU A 135 16.22 -38.28 -1.09
CA GLU A 135 16.10 -39.29 -0.04
C GLU A 135 15.13 -38.86 1.04
N MET A 136 15.41 -37.72 1.69
CA MET A 136 14.54 -37.14 2.70
C MET A 136 14.15 -35.74 2.25
N ARG A 137 12.88 -35.55 1.92
CA ARG A 137 12.40 -34.25 1.44
C ARG A 137 12.58 -33.19 2.51
N LYS A 138 13.51 -32.27 2.29
CA LYS A 138 13.80 -31.21 3.24
C LYS A 138 14.50 -30.07 2.50
N LYS A 139 14.21 -28.84 2.92
CA LYS A 139 14.82 -27.68 2.29
C LYS A 139 16.33 -27.70 2.50
N ALA A 140 17.08 -27.45 1.43
CA ALA A 140 18.53 -27.47 1.46
C ALA A 140 19.06 -26.10 1.09
N LEU A 141 19.93 -25.55 1.94
CA LEU A 141 20.53 -24.26 1.68
C LEU A 141 21.68 -24.40 0.69
N PHE A 142 22.14 -23.26 0.18
CA PHE A 142 23.31 -23.22 -0.70
C PHE A 142 23.94 -21.83 -0.50
N ILE A 143 25.00 -21.79 0.30
CA ILE A 143 25.61 -20.54 0.73
C ILE A 143 26.78 -20.22 -0.18
N LEU A 144 26.79 -19.02 -0.74
CA LEU A 144 27.87 -18.52 -1.58
C LEU A 144 28.29 -17.14 -1.11
N PRO A 145 29.56 -16.79 -1.27
CA PRO A 145 30.06 -15.55 -0.64
C PRO A 145 29.67 -14.28 -1.36
N PHE A 146 29.55 -14.31 -2.69
CA PHE A 146 29.33 -13.11 -3.48
C PHE A 146 27.97 -13.17 -4.18
N VAL A 147 27.43 -11.98 -4.48
CA VAL A 147 26.11 -11.89 -5.09
C VAL A 147 26.15 -12.39 -6.53
N SER A 148 27.19 -12.02 -7.29
CA SER A 148 27.27 -12.43 -8.69
C SER A 148 27.42 -13.94 -8.81
N VAL A 149 28.31 -14.53 -8.02
CA VAL A 149 28.48 -15.98 -8.06
C VAL A 149 27.22 -16.68 -7.54
N ALA A 150 26.52 -16.06 -6.59
CA ALA A 150 25.26 -16.63 -6.11
C ALA A 150 24.21 -16.65 -7.22
N LYS A 151 24.10 -15.56 -7.98
CA LYS A 151 23.19 -15.53 -9.12
C LYS A 151 23.56 -16.58 -10.16
N GLU A 152 24.85 -16.70 -10.46
CA GLU A 152 25.29 -17.70 -11.42
C GLU A 152 24.98 -19.11 -10.94
N LYS A 153 25.21 -19.38 -9.66
CA LYS A 153 24.92 -20.70 -9.11
C LYS A 153 23.43 -21.00 -9.12
N LYS A 154 22.61 -20.01 -8.78
CA LYS A 154 21.16 -20.21 -8.81
C LYS A 154 20.68 -20.51 -10.22
N TYR A 155 21.19 -19.77 -11.20
CA TYR A 155 20.77 -20.01 -12.59
C TYR A 155 21.24 -21.38 -13.06
N TYR A 156 22.47 -21.77 -12.70
CA TYR A 156 22.96 -23.10 -13.07
C TYR A 156 22.10 -24.19 -12.44
N LEU A 157 21.76 -24.03 -11.16
CA LEU A 157 20.94 -25.04 -10.48
C LEU A 157 19.54 -25.11 -11.07
N GLN A 158 18.97 -23.97 -11.44
CA GLN A 158 17.67 -23.98 -12.12
C GLN A 158 17.76 -24.69 -13.46
N SER A 159 18.80 -24.36 -14.25
CA SER A 159 18.99 -24.99 -15.55
C SER A 159 19.29 -26.48 -15.43
N LEU A 160 19.72 -26.93 -14.26
CA LEU A 160 19.91 -28.35 -14.02
C LEU A 160 18.67 -29.03 -13.45
N PHE A 161 17.80 -28.28 -12.77
CA PHE A 161 16.75 -28.87 -11.95
C PHE A 161 15.34 -28.42 -12.37
N GLN A 162 15.17 -27.95 -13.61
CA GLN A 162 13.82 -27.58 -14.04
C GLN A 162 12.83 -28.73 -13.83
N GLU A 163 13.16 -29.91 -14.36
CA GLU A 163 12.17 -30.98 -14.50
C GLU A 163 11.91 -31.69 -13.18
N VAL A 164 12.94 -31.81 -12.33
CA VAL A 164 12.84 -32.65 -11.13
C VAL A 164 11.78 -32.15 -10.15
N GLY A 165 11.30 -30.92 -10.31
CA GLY A 165 10.36 -30.35 -9.37
C GLY A 165 11.01 -29.69 -8.17
N ILE A 166 12.33 -29.70 -8.08
CA ILE A 166 13.05 -29.05 -6.99
C ILE A 166 13.06 -27.56 -7.30
N LYS A 167 12.12 -26.82 -6.71
CA LYS A 167 12.01 -25.38 -6.96
C LYS A 167 13.17 -24.67 -6.29
N VAL A 168 14.04 -24.05 -7.10
CA VAL A 168 15.21 -23.36 -6.61
C VAL A 168 15.02 -21.86 -6.79
N ASP A 169 15.46 -21.10 -5.80
CA ASP A 169 15.40 -19.64 -5.87
C ASP A 169 16.34 -19.12 -4.78
N GLY A 170 16.82 -17.90 -4.97
CA GLY A 170 17.82 -17.36 -4.08
C GLY A 170 17.47 -16.04 -3.41
N TYR A 171 18.15 -15.75 -2.31
CA TYR A 171 17.95 -14.52 -1.55
C TYR A 171 19.27 -13.75 -1.62
N MET A 172 19.45 -12.96 -2.68
CA MET A 172 20.69 -12.21 -2.89
C MET A 172 20.40 -10.73 -2.65
N GLY A 173 20.52 -10.31 -1.40
CA GLY A 173 20.40 -8.92 -1.04
C GLY A 173 19.06 -8.29 -1.38
N SER A 174 19.06 -7.43 -2.40
CA SER A 174 17.86 -6.67 -2.73
C SER A 174 16.72 -7.58 -3.17
N THR A 175 17.01 -8.57 -4.02
CA THR A 175 15.97 -9.41 -4.57
C THR A 175 15.44 -10.37 -3.51
N SER A 176 14.14 -10.65 -3.59
CA SER A 176 13.49 -11.60 -2.70
C SER A 176 12.53 -12.48 -3.50
N PRO A 177 12.44 -13.76 -3.17
CA PRO A 177 11.54 -14.65 -3.91
C PRO A 177 10.08 -14.22 -3.78
N SER A 178 9.34 -14.39 -4.87
CA SER A 178 7.89 -14.16 -4.81
C SER A 178 7.20 -15.30 -4.08
N ARG A 179 7.60 -16.53 -4.34
CA ARG A 179 7.05 -17.69 -3.65
C ARG A 179 7.64 -17.80 -2.25
N HIS A 180 6.85 -18.38 -1.35
CA HIS A 180 7.29 -18.53 0.04
C HIS A 180 8.40 -19.57 0.14
N PHE A 181 9.15 -19.49 1.24
CA PHE A 181 10.25 -20.43 1.45
C PHE A 181 9.76 -21.86 1.58
N SER A 182 8.54 -22.06 2.10
CA SER A 182 7.98 -23.40 2.20
C SER A 182 7.81 -24.03 0.82
N SER A 183 7.37 -23.23 -0.15
CA SER A 183 7.28 -23.75 -1.52
C SER A 183 8.65 -24.05 -2.11
N LEU A 184 9.67 -23.28 -1.72
CA LEU A 184 11.01 -23.49 -2.24
C LEU A 184 11.61 -24.78 -1.69
N ASP A 185 12.61 -25.27 -2.39
CA ASP A 185 13.32 -26.48 -1.97
C ASP A 185 14.81 -26.28 -1.84
N ILE A 186 15.42 -25.49 -2.73
CA ILE A 186 16.83 -25.14 -2.64
C ILE A 186 16.94 -23.63 -2.61
N ALA A 187 17.61 -23.09 -1.60
CA ALA A 187 17.80 -21.66 -1.44
C ALA A 187 19.26 -21.32 -1.70
N VAL A 188 19.57 -20.88 -2.91
CA VAL A 188 20.92 -20.46 -3.27
C VAL A 188 21.11 -19.04 -2.75
N CYS A 189 21.62 -18.92 -1.53
CA CYS A 189 21.61 -17.67 -0.79
C CYS A 189 23.02 -17.19 -0.48
N THR A 190 23.18 -15.87 -0.46
CA THR A 190 24.41 -15.27 0.01
C THR A 190 24.47 -15.34 1.53
N ILE A 191 25.69 -15.15 2.07
CA ILE A 191 25.90 -15.30 3.51
C ILE A 191 25.05 -14.30 4.28
N GLU A 192 25.06 -13.04 3.84
CA GLU A 192 24.39 -11.98 4.58
C GLU A 192 22.89 -12.22 4.69
N ARG A 193 22.28 -12.86 3.69
CA ARG A 193 20.87 -13.19 3.75
C ARG A 193 20.60 -14.62 4.18
N ALA A 194 21.57 -15.53 4.02
CA ALA A 194 21.42 -16.86 4.61
C ALA A 194 21.35 -16.78 6.13
N ASN A 195 22.15 -15.90 6.72
CA ASN A 195 22.06 -15.68 8.16
C ASN A 195 20.66 -15.23 8.56
N GLY A 196 20.09 -14.28 7.82
CA GLY A 196 18.75 -13.82 8.12
C GLY A 196 17.70 -14.90 7.93
N LEU A 197 17.82 -15.70 6.87
CA LEU A 197 16.88 -16.79 6.65
C LEU A 197 16.93 -17.82 7.77
N ILE A 198 18.14 -18.19 8.21
CA ILE A 198 18.25 -19.15 9.29
C ILE A 198 17.76 -18.55 10.60
N ASN A 199 17.98 -17.24 10.81
CA ASN A 199 17.42 -16.59 11.99
C ASN A 199 15.90 -16.63 11.98
N ARG A 200 15.30 -16.38 10.81
CA ARG A 200 13.84 -16.47 10.69
C ARG A 200 13.36 -17.89 10.96
N LEU A 201 14.05 -18.89 10.42
CA LEU A 201 13.67 -20.28 10.65
C LEU A 201 13.76 -20.65 12.11
N ILE A 202 14.83 -20.22 12.79
CA ILE A 202 15.00 -20.54 14.20
C ILE A 202 14.01 -19.76 15.07
N GLU A 203 13.54 -18.61 14.58
CA GLU A 203 12.64 -17.78 15.37
C GLU A 203 11.31 -18.48 15.63
N GLU A 204 10.54 -18.71 14.58
CA GLU A 204 9.23 -19.37 14.73
C GLU A 204 9.31 -20.87 14.50
N ASN A 205 10.29 -21.51 15.13
CA ASN A 205 10.41 -22.97 15.24
C ASN A 205 10.01 -23.69 13.94
N LYS A 206 10.71 -23.36 12.86
CA LYS A 206 10.51 -24.02 11.57
C LYS A 206 11.75 -24.81 11.14
N MET A 207 12.49 -25.34 12.11
CA MET A 207 13.75 -25.99 11.82
C MET A 207 13.58 -27.32 11.08
N ASP A 208 12.40 -27.94 11.15
CA ASP A 208 12.21 -29.25 10.54
C ASP A 208 12.32 -29.19 9.02
N LEU A 209 12.02 -28.05 8.42
CA LEU A 209 12.11 -27.92 6.97
C LEU A 209 13.55 -28.05 6.49
N LEU A 210 14.49 -27.42 7.18
CA LEU A 210 15.89 -27.45 6.78
C LEU A 210 16.48 -28.84 6.99
N GLY A 211 17.21 -29.31 5.99
CA GLY A 211 17.82 -30.62 6.06
C GLY A 211 19.30 -30.66 5.72
N MET A 212 19.82 -29.58 5.14
CA MET A 212 21.21 -29.53 4.73
C MET A 212 21.65 -28.12 4.39
N VAL A 213 22.80 -27.69 4.92
CA VAL A 213 23.36 -26.37 4.65
C VAL A 213 24.67 -26.58 3.90
N VAL A 214 24.75 -26.07 2.68
CA VAL A 214 25.95 -26.18 1.86
C VAL A 214 26.64 -24.83 1.83
N VAL A 215 27.93 -24.82 2.16
CA VAL A 215 28.72 -23.59 2.26
C VAL A 215 29.85 -23.64 1.25
N ASP A 216 30.06 -22.53 0.55
CA ASP A 216 31.12 -22.40 -0.44
C ASP A 216 32.18 -21.47 0.13
N GLU A 217 33.46 -21.85 -0.07
CA GLU A 217 34.61 -21.10 0.45
C GLU A 217 34.55 -20.96 1.97
N LEU A 218 34.67 -22.11 2.63
CA LEU A 218 34.71 -22.12 4.10
C LEU A 218 35.81 -21.23 4.65
N HIS A 219 36.92 -21.09 3.92
CA HIS A 219 38.07 -20.36 4.43
C HIS A 219 37.79 -18.88 4.64
N MET A 220 36.68 -18.37 4.12
CA MET A 220 36.35 -16.96 4.28
C MET A 220 35.99 -16.60 5.73
N LEU A 221 35.69 -17.59 6.58
CA LEU A 221 35.28 -17.29 7.95
C LEU A 221 36.39 -16.68 8.78
N GLY A 222 37.58 -16.46 8.22
CA GLY A 222 38.65 -15.80 8.93
C GLY A 222 38.49 -14.30 8.95
N ASP A 223 39.56 -13.57 8.66
CA ASP A 223 39.52 -12.11 8.64
C ASP A 223 38.78 -11.67 7.38
N SER A 224 37.48 -11.41 7.51
CA SER A 224 36.66 -11.00 6.38
C SER A 224 35.48 -10.20 6.90
N HIS A 225 34.88 -9.42 5.99
CA HIS A 225 33.74 -8.58 6.34
C HIS A 225 32.44 -9.36 6.48
N ARG A 226 32.35 -10.54 5.87
CA ARG A 226 31.13 -11.33 5.95
C ARG A 226 31.36 -12.79 6.27
N GLY A 227 32.61 -13.26 6.36
CA GLY A 227 32.85 -14.63 6.76
C GLY A 227 32.49 -14.91 8.21
N TYR A 228 32.56 -13.87 9.06
CA TYR A 228 32.16 -14.06 10.45
C TYR A 228 30.66 -14.33 10.56
N LEU A 229 29.85 -13.76 9.66
CA LEU A 229 28.44 -14.12 9.63
C LEU A 229 28.25 -15.60 9.31
N LEU A 230 29.06 -16.12 8.39
CA LEU A 230 29.04 -17.56 8.11
C LEU A 230 29.45 -18.36 9.33
N GLU A 231 30.46 -17.88 10.07
CA GLU A 231 30.88 -18.56 11.29
C GLU A 231 29.74 -18.62 12.30
N LEU A 232 29.04 -17.49 12.52
CA LEU A 232 27.94 -17.48 13.47
C LEU A 232 26.80 -18.38 13.01
N LEU A 233 26.52 -18.37 11.70
CA LEU A 233 25.47 -19.23 11.16
C LEU A 233 25.78 -20.71 11.42
N LEU A 234 27.01 -21.12 11.09
CA LEU A 234 27.38 -22.53 11.25
C LEU A 234 27.43 -22.93 12.71
N THR A 235 27.91 -22.04 13.59
CA THR A 235 27.93 -22.39 15.01
C THR A 235 26.53 -22.45 15.59
N LYS A 236 25.61 -21.61 15.10
CA LYS A 236 24.22 -21.71 15.52
C LYS A 236 23.60 -23.03 15.09
N ILE A 237 23.87 -23.44 13.85
CA ILE A 237 23.35 -24.71 13.36
C ILE A 237 23.90 -25.88 14.17
N CYS A 238 25.21 -25.85 14.44
CA CYS A 238 25.83 -26.92 15.21
C CYS A 238 25.28 -26.97 16.64
N TYR A 239 25.10 -25.82 17.28
CA TYR A 239 24.57 -25.79 18.63
C TYR A 239 23.13 -26.28 18.67
N ILE A 240 22.33 -25.90 17.66
CA ILE A 240 20.96 -26.38 17.60
C ILE A 240 20.93 -27.90 17.43
N THR A 241 21.80 -28.43 16.56
CA THR A 241 21.85 -29.88 16.39
C THR A 241 22.26 -30.58 17.67
N ARG A 242 23.27 -30.05 18.37
CA ARG A 242 23.74 -30.66 19.60
C ARG A 242 22.67 -30.62 20.69
N LYS A 243 21.97 -29.49 20.82
CA LYS A 243 20.96 -29.34 21.86
C LYS A 243 19.74 -30.22 21.62
N SER A 244 19.44 -30.55 20.36
CA SER A 244 18.28 -31.36 20.05
C SER A 244 18.51 -32.84 20.32
N ALA A 245 19.75 -33.27 20.49
CA ALA A 245 20.07 -34.67 20.75
C ALA A 245 20.14 -35.00 22.24
N SER A 246 19.89 -34.04 23.11
CA SER A 246 19.96 -34.27 24.55
C SER A 246 18.81 -35.16 25.02
N SER A 256 21.34 -39.84 9.54
CA SER A 256 21.75 -40.03 10.93
C SER A 256 21.66 -38.71 11.69
N ASN A 257 21.66 -37.60 10.96
CA ASN A 257 21.62 -36.27 11.55
C ASN A 257 20.60 -35.44 10.79
N ALA A 258 20.03 -34.45 11.48
CA ALA A 258 18.98 -33.63 10.88
C ALA A 258 19.50 -32.78 9.73
N VAL A 259 20.58 -32.03 9.96
CA VAL A 259 21.09 -31.09 8.96
C VAL A 259 22.57 -31.41 8.68
N GLN A 260 22.88 -31.61 7.41
CA GLN A 260 24.21 -31.97 6.97
C GLN A 260 24.91 -30.73 6.41
N ILE A 261 26.10 -30.42 6.94
CA ILE A 261 26.86 -29.25 6.53
C ILE A 261 28.00 -29.73 5.64
N VAL A 262 27.90 -29.43 4.35
CA VAL A 262 28.89 -29.84 3.36
C VAL A 262 29.52 -28.57 2.80
N GLY A 263 30.85 -28.51 2.86
CA GLY A 263 31.56 -27.32 2.44
C GLY A 263 32.75 -27.63 1.58
N MET A 264 33.19 -26.60 0.84
CA MET A 264 34.34 -26.69 -0.04
C MET A 264 35.30 -25.55 0.28
N SER A 265 36.59 -25.82 0.13
CA SER A 265 37.60 -24.84 0.47
C SER A 265 38.85 -25.08 -0.38
N ALA A 266 39.75 -24.11 -0.36
CA ALA A 266 41.07 -24.25 -0.96
C ALA A 266 41.96 -25.06 -0.03
N THR A 267 43.27 -25.05 -0.27
CA THR A 267 44.21 -25.83 0.53
C THR A 267 44.40 -25.15 1.88
N LEU A 268 43.39 -25.31 2.74
CA LEU A 268 43.45 -24.76 4.09
C LEU A 268 44.42 -25.56 4.93
N PRO A 269 45.47 -24.94 5.48
CA PRO A 269 46.44 -25.71 6.28
C PRO A 269 45.85 -26.33 7.53
N ASN A 270 44.86 -25.70 8.15
CA ASN A 270 44.28 -26.16 9.41
C ASN A 270 42.84 -26.65 9.22
N LEU A 271 42.57 -27.30 8.09
CA LEU A 271 41.22 -27.80 7.83
C LEU A 271 40.83 -28.93 8.77
N GLU A 272 41.81 -29.63 9.35
CA GLU A 272 41.48 -30.66 10.35
C GLU A 272 40.79 -30.05 11.55
N LEU A 273 41.29 -28.90 12.03
CA LEU A 273 40.64 -28.22 13.15
C LEU A 273 39.25 -27.73 12.77
N VAL A 274 39.09 -27.26 11.52
CA VAL A 274 37.77 -26.88 11.05
C VAL A 274 36.87 -28.11 10.93
N ALA A 275 37.41 -29.21 10.41
CA ALA A 275 36.61 -30.43 10.30
C ALA A 275 36.17 -30.94 11.67
N SER A 276 37.06 -30.87 12.65
CA SER A 276 36.70 -31.26 14.01
C SER A 276 35.76 -30.26 14.68
N TRP A 277 35.73 -29.02 14.19
CA TRP A 277 34.80 -28.03 14.74
C TRP A 277 33.35 -28.45 14.52
N LEU A 278 33.05 -28.99 13.33
CA LEU A 278 31.76 -29.59 13.07
C LEU A 278 31.79 -31.10 13.16
N ASN A 279 32.86 -31.67 13.72
CA ASN A 279 33.07 -33.11 13.88
C ASN A 279 32.94 -33.85 12.55
N ALA A 280 33.10 -33.14 11.44
CA ALA A 280 32.94 -33.72 10.11
C ALA A 280 34.20 -34.45 9.67
N GLU A 281 34.01 -35.46 8.82
CA GLU A 281 35.13 -36.16 8.23
C GLU A 281 35.82 -35.28 7.19
N LEU A 282 37.14 -35.41 7.09
CA LEU A 282 37.96 -34.57 6.24
C LEU A 282 38.59 -35.39 5.11
N TYR A 283 38.53 -34.86 3.90
CA TYR A 283 39.23 -35.43 2.75
C TYR A 283 39.89 -34.29 2.00
N HIS A 284 41.21 -34.15 2.14
CA HIS A 284 41.97 -33.11 1.46
C HIS A 284 42.71 -33.74 0.28
N THR A 285 42.60 -33.10 -0.88
CA THR A 285 43.24 -33.59 -2.10
C THR A 285 43.89 -32.43 -2.84
N ASP A 286 44.86 -32.77 -3.69
CA ASP A 286 45.55 -31.79 -4.52
C ASP A 286 45.44 -32.14 -6.00
N PHE A 287 44.42 -32.88 -6.40
CA PHE A 287 44.25 -33.26 -7.80
C PHE A 287 43.90 -32.05 -8.63
N ARG A 288 44.50 -31.97 -9.82
CA ARG A 288 44.25 -30.88 -10.76
C ARG A 288 44.00 -31.49 -12.14
N PRO A 289 42.97 -31.05 -12.86
CA PRO A 289 42.74 -31.60 -14.21
C PRO A 289 43.91 -31.36 -15.14
N VAL A 290 44.57 -30.20 -15.03
CA VAL A 290 45.78 -29.92 -15.81
C VAL A 290 46.87 -29.44 -14.85
N PRO A 291 48.13 -29.80 -15.09
CA PRO A 291 49.21 -29.28 -14.24
C PRO A 291 49.29 -27.76 -14.30
N LEU A 292 49.73 -27.17 -13.20
CA LEU A 292 49.95 -25.73 -13.11
C LEU A 292 51.45 -25.48 -12.95
N LEU A 293 52.02 -24.68 -13.84
CA LEU A 293 53.44 -24.37 -13.83
C LEU A 293 53.59 -22.86 -13.55
N GLU A 294 53.62 -22.52 -12.28
CA GLU A 294 53.85 -21.14 -11.88
C GLU A 294 55.28 -20.73 -12.20
N SER A 295 55.46 -19.46 -12.59
CA SER A 295 56.77 -19.00 -13.02
C SER A 295 56.91 -17.51 -12.74
N VAL A 296 58.16 -17.05 -12.74
CA VAL A 296 58.50 -15.66 -12.49
C VAL A 296 59.43 -15.19 -13.60
N LYS A 297 59.46 -13.87 -13.80
CA LYS A 297 60.22 -13.26 -14.88
C LYS A 297 61.50 -12.62 -14.34
N VAL A 298 62.57 -12.70 -15.13
CA VAL A 298 63.79 -11.96 -14.86
C VAL A 298 64.36 -11.44 -16.16
N GLY A 299 64.14 -10.16 -16.44
CA GLY A 299 64.60 -9.56 -17.69
C GLY A 299 64.03 -10.26 -18.91
N ASN A 300 64.89 -10.98 -19.62
CA ASN A 300 64.48 -11.79 -20.76
C ASN A 300 64.58 -13.28 -20.45
N SER A 301 64.30 -13.67 -19.21
CA SER A 301 64.35 -15.06 -18.79
C SER A 301 63.19 -15.33 -17.84
N ILE A 302 62.75 -16.59 -17.82
CA ILE A 302 61.63 -17.03 -16.98
C ILE A 302 62.14 -18.11 -16.04
N TYR A 303 61.88 -17.93 -14.74
CA TYR A 303 62.28 -18.88 -13.71
C TYR A 303 61.06 -19.54 -13.11
N ASP A 304 61.18 -20.84 -12.82
CA ASP A 304 60.08 -21.62 -12.28
C ASP A 304 59.88 -21.27 -10.80
N SER A 305 58.99 -22.02 -10.14
CA SER A 305 58.66 -21.73 -8.75
C SER A 305 59.87 -21.91 -7.84
N SER A 306 60.63 -22.99 -8.03
CA SER A 306 61.75 -23.30 -7.15
C SER A 306 63.06 -22.73 -7.66
N MET A 307 63.06 -21.44 -7.98
CA MET A 307 64.26 -20.68 -8.32
C MET A 307 65.05 -21.38 -9.43
N LYS A 308 64.34 -21.88 -10.45
CA LYS A 308 64.95 -22.64 -11.53
C LYS A 308 64.48 -22.08 -12.87
N LEU A 309 65.42 -21.84 -13.77
CA LEU A 309 65.09 -21.41 -15.12
C LEU A 309 64.45 -22.55 -15.89
N VAL A 310 63.32 -22.28 -16.54
CA VAL A 310 62.61 -23.29 -17.30
C VAL A 310 62.57 -22.97 -18.79
N ARG A 311 62.58 -21.70 -19.18
CA ARG A 311 62.56 -21.33 -20.58
C ARG A 311 63.21 -19.96 -20.74
N GLU A 312 64.08 -19.84 -21.74
CA GLU A 312 64.74 -18.58 -22.04
C GLU A 312 63.78 -17.70 -22.84
N PHE A 313 63.28 -16.65 -22.21
CA PHE A 313 62.34 -15.76 -22.88
C PHE A 313 62.99 -15.04 -24.04
N GLU A 314 62.22 -14.85 -25.12
CA GLU A 314 62.64 -14.08 -26.27
C GLU A 314 61.43 -13.23 -26.70
N PRO A 315 61.65 -11.96 -27.06
CA PRO A 315 60.53 -11.14 -27.55
C PRO A 315 60.29 -11.35 -29.03
N MET A 316 59.01 -11.42 -29.39
CA MET A 316 58.64 -11.59 -30.79
C MET A 316 58.52 -10.24 -31.51
N LEU A 317 57.62 -9.38 -31.04
CA LEU A 317 57.44 -8.06 -31.62
C LEU A 317 56.98 -7.10 -30.53
N GLN A 318 57.58 -5.92 -30.51
CA GLN A 318 57.23 -4.89 -29.53
C GLN A 318 57.55 -3.53 -30.11
N VAL A 319 56.63 -2.59 -29.91
CA VAL A 319 56.82 -1.21 -30.37
C VAL A 319 56.43 -0.22 -29.29
N GLU A 323 62.18 -4.19 -21.01
CA GLU A 323 62.53 -5.31 -20.15
C GLU A 323 61.30 -6.13 -19.79
N ASP A 324 60.23 -5.44 -19.34
CA ASP A 324 59.01 -6.13 -18.97
C ASP A 324 58.38 -6.82 -20.18
N HIS A 325 58.19 -6.08 -21.27
CA HIS A 325 57.66 -6.62 -22.52
C HIS A 325 56.34 -7.36 -22.29
N VAL A 326 55.46 -6.72 -21.50
CA VAL A 326 54.21 -7.35 -21.12
C VAL A 326 53.30 -7.63 -22.31
N VAL A 327 53.50 -6.92 -23.42
CA VAL A 327 52.66 -7.14 -24.60
C VAL A 327 53.06 -8.40 -25.35
N SER A 328 54.29 -8.89 -25.18
CA SER A 328 54.74 -10.07 -25.90
C SER A 328 54.07 -11.34 -25.36
N LEU A 329 53.99 -11.47 -24.04
CA LEU A 329 53.41 -12.67 -23.43
C LEU A 329 51.98 -12.89 -23.89
N CYS A 330 51.21 -11.82 -24.06
CA CYS A 330 49.92 -11.95 -24.71
C CYS A 330 50.07 -12.44 -26.14
N TYR A 331 51.05 -11.89 -26.86
CA TYR A 331 51.20 -12.18 -28.29
C TYR A 331 51.49 -13.67 -28.53
N GLU A 332 52.42 -14.24 -27.77
CA GLU A 332 52.79 -15.63 -28.00
C GLU A 332 51.60 -16.57 -27.80
N THR A 333 50.79 -16.29 -26.78
CA THR A 333 49.57 -17.07 -26.59
C THR A 333 48.55 -16.78 -27.69
N ILE A 334 48.56 -15.57 -28.24
CA ILE A 334 47.59 -15.22 -29.29
C ILE A 334 47.86 -16.03 -30.56
N CYS A 335 49.12 -16.12 -30.99
CA CYS A 335 49.44 -16.90 -32.17
C CYS A 335 49.21 -18.39 -31.95
N ASP A 336 49.11 -18.83 -30.71
CA ASP A 336 48.77 -20.22 -30.39
C ASP A 336 47.28 -20.45 -30.31
N ASN A 337 46.46 -19.45 -30.61
CA ASN A 337 45.01 -19.54 -30.60
C ASN A 337 44.48 -19.92 -29.21
N HIS A 338 44.78 -19.05 -28.25
CA HIS A 338 44.32 -19.22 -26.87
C HIS A 338 44.03 -17.84 -26.31
N SER A 339 43.82 -17.76 -25.00
CA SER A 339 43.44 -16.53 -24.32
C SER A 339 44.39 -16.25 -23.17
N VAL A 340 44.28 -15.04 -22.62
CA VAL A 340 45.17 -14.57 -21.57
C VAL A 340 44.40 -13.69 -20.61
N LEU A 341 44.64 -13.86 -19.32
CA LEU A 341 44.16 -12.96 -18.28
C LEU A 341 45.33 -12.12 -17.79
N LEU A 342 45.17 -10.80 -17.81
CA LEU A 342 46.23 -9.87 -17.43
C LEU A 342 45.73 -9.05 -16.24
N PHE A 343 45.98 -9.55 -15.03
CA PHE A 343 45.55 -8.85 -13.83
C PHE A 343 46.45 -7.65 -13.57
N CYS A 344 45.84 -6.53 -13.24
CA CYS A 344 46.51 -5.26 -13.01
C CYS A 344 46.10 -4.69 -11.67
N PRO A 345 46.95 -3.86 -11.05
CA PRO A 345 46.65 -3.36 -9.71
C PRO A 345 45.46 -2.40 -9.65
N SER A 346 45.42 -1.41 -10.56
CA SER A 346 44.44 -0.35 -10.50
C SER A 346 43.62 -0.30 -11.78
N LYS A 347 42.44 0.33 -11.68
CA LYS A 347 41.57 0.48 -12.84
C LYS A 347 42.22 1.34 -13.92
N LYS A 348 42.87 2.43 -13.51
CA LYS A 348 43.52 3.30 -14.48
C LYS A 348 44.63 2.57 -15.23
N TRP A 349 45.35 1.69 -14.53
CA TRP A 349 46.33 0.84 -15.19
C TRP A 349 45.66 -0.09 -16.19
N CYS A 350 44.47 -0.61 -15.84
CA CYS A 350 43.76 -1.52 -16.74
C CYS A 350 43.39 -0.84 -18.05
N GLU A 351 42.91 0.41 -17.97
CA GLU A 351 42.57 1.15 -19.19
C GLU A 351 43.81 1.38 -20.04
N LYS A 352 44.93 1.75 -19.40
CA LYS A 352 46.17 1.98 -20.14
C LYS A 352 46.68 0.71 -20.79
N LEU A 353 46.65 -0.40 -20.05
CA LEU A 353 47.21 -1.65 -20.57
C LEU A 353 46.34 -2.22 -21.70
N ALA A 354 45.02 -2.16 -21.55
CA ALA A 354 44.14 -2.65 -22.61
C ALA A 354 44.29 -1.83 -23.88
N ASP A 355 44.43 -0.51 -23.72
CA ASP A 355 44.64 0.35 -24.89
C ASP A 355 45.98 0.05 -25.55
N ILE A 356 47.02 -0.20 -24.77
CA ILE A 356 48.35 -0.46 -25.32
C ILE A 356 48.34 -1.72 -26.18
N ILE A 357 47.77 -2.81 -25.64
CA ILE A 357 47.79 -4.08 -26.37
C ILE A 357 46.98 -3.97 -27.65
N ALA A 358 45.87 -3.21 -27.61
CA ALA A 358 45.05 -3.03 -28.80
C ALA A 358 45.84 -2.33 -29.91
N ARG A 359 46.63 -1.31 -29.54
CA ARG A 359 47.41 -0.58 -30.53
C ARG A 359 48.46 -1.48 -31.19
N GLU A 360 49.11 -2.34 -30.40
CA GLU A 360 50.08 -3.26 -30.97
C GLU A 360 49.45 -4.23 -31.95
N PHE A 361 48.17 -4.57 -31.76
CA PHE A 361 47.51 -5.46 -32.70
C PHE A 361 47.31 -4.83 -34.08
N TYR A 362 47.47 -3.50 -34.20
CA TYR A 362 47.45 -2.85 -35.50
C TYR A 362 48.70 -3.18 -36.29
N ASN A 363 49.87 -2.78 -35.76
CA ASN A 363 51.11 -2.92 -36.52
C ASN A 363 51.58 -4.36 -36.57
N LEU A 364 51.44 -5.09 -35.47
CA LEU A 364 51.99 -6.45 -35.39
C LEU A 364 51.11 -7.50 -36.04
N HIS A 365 49.90 -7.14 -36.48
CA HIS A 365 49.02 -8.09 -37.16
C HIS A 365 48.44 -7.57 -38.46
N HIS A 366 48.58 -6.28 -38.77
CA HIS A 366 48.08 -5.74 -40.02
C HIS A 366 49.08 -4.86 -40.76
N GLN A 367 50.24 -4.58 -40.15
CA GLN A 367 51.27 -3.75 -40.78
C GLN A 367 50.72 -2.39 -41.20
N ALA A 368 49.91 -1.79 -40.34
CA ALA A 368 49.30 -0.49 -40.63
C ALA A 368 49.48 0.46 -39.45
N GLU A 383 36.22 -14.68 -33.89
CA GLU A 383 35.35 -14.43 -35.03
C GLU A 383 34.96 -12.96 -35.11
N GLN A 384 35.24 -12.34 -36.26
CA GLN A 384 34.94 -10.92 -36.43
C GLN A 384 33.45 -10.66 -36.38
N LYS A 385 32.64 -11.53 -36.99
CA LYS A 385 31.20 -11.33 -37.01
C LYS A 385 30.62 -11.39 -35.59
N GLU A 386 31.05 -12.37 -34.80
CA GLU A 386 30.54 -12.49 -33.43
C GLU A 386 31.09 -11.38 -32.54
N LEU A 387 32.31 -10.92 -32.81
CA LEU A 387 32.88 -9.84 -32.00
C LEU A 387 32.10 -8.54 -32.17
N LEU A 388 31.59 -8.29 -33.38
CA LEU A 388 30.75 -7.11 -33.60
C LEU A 388 29.43 -7.22 -32.84
N GLU A 389 28.94 -8.44 -32.61
CA GLU A 389 27.72 -8.61 -31.83
C GLU A 389 27.92 -8.14 -30.40
N VAL A 390 29.09 -8.40 -29.82
CA VAL A 390 29.40 -7.90 -28.49
C VAL A 390 29.39 -6.38 -28.47
N MET A 391 29.95 -5.76 -29.50
CA MET A 391 29.90 -4.30 -29.61
C MET A 391 28.47 -3.81 -29.70
N ASP A 392 27.62 -4.50 -30.47
CA ASP A 392 26.22 -4.10 -30.60
C ASP A 392 25.50 -4.19 -29.26
N GLN A 393 25.77 -5.25 -28.49
CA GLN A 393 25.13 -5.41 -27.19
C GLN A 393 25.50 -4.27 -26.24
N LEU A 394 26.76 -3.82 -26.28
CA LEU A 394 27.21 -2.74 -25.43
C LEU A 394 26.82 -1.37 -25.97
N ARG A 395 26.31 -1.28 -27.19
CA ARG A 395 26.01 0.02 -27.78
C ARG A 395 24.74 0.63 -27.22
N ARG A 396 23.72 -0.18 -26.95
CA ARG A 396 22.47 0.33 -26.39
C ARG A 396 22.28 -0.04 -24.93
N LEU A 397 23.38 -0.31 -24.22
CA LEU A 397 23.32 -0.44 -22.78
C LEU A 397 22.98 0.92 -22.18
N PRO A 398 22.27 0.93 -21.04
CA PRO A 398 21.88 2.23 -20.42
C PRO A 398 23.02 3.23 -20.29
N SER A 399 24.25 2.78 -20.12
CA SER A 399 25.41 3.66 -20.08
C SER A 399 26.10 3.79 -21.43
N GLY A 400 25.56 3.16 -22.47
CA GLY A 400 26.22 3.22 -23.77
C GLY A 400 27.49 2.40 -23.80
N LEU A 401 28.39 2.79 -24.70
CA LEU A 401 29.67 2.12 -24.87
C LEU A 401 30.78 3.00 -24.32
N ASP A 402 31.68 2.40 -23.54
CA ASP A 402 32.78 3.13 -22.95
C ASP A 402 33.73 3.62 -24.04
N SER A 403 34.30 4.82 -23.82
CA SER A 403 35.21 5.40 -24.81
C SER A 403 36.45 4.55 -24.97
N VAL A 404 37.02 4.06 -23.86
CA VAL A 404 38.22 3.24 -23.95
C VAL A 404 37.91 1.90 -24.61
N LEU A 405 36.73 1.34 -24.33
CA LEU A 405 36.35 0.08 -24.94
C LEU A 405 36.12 0.20 -26.44
N GLN A 406 35.82 1.41 -26.93
CA GLN A 406 35.56 1.59 -28.35
C GLN A 406 36.79 1.26 -29.18
N LYS A 407 37.97 1.68 -28.72
CA LYS A 407 39.21 1.50 -29.47
C LYS A 407 39.88 0.16 -29.20
N THR A 408 39.30 -0.69 -28.35
CA THR A 408 39.95 -1.93 -27.96
C THR A 408 39.13 -3.18 -28.26
N VAL A 409 37.80 -3.12 -28.09
CA VAL A 409 37.00 -4.34 -28.10
C VAL A 409 37.15 -5.16 -29.39
N PRO A 410 37.02 -4.59 -30.60
CA PRO A 410 36.97 -5.46 -31.78
C PRO A 410 38.33 -5.98 -32.21
N TRP A 411 39.14 -6.42 -31.24
CA TRP A 411 40.44 -7.00 -31.54
C TRP A 411 40.80 -8.17 -30.63
N GLY A 412 39.90 -8.61 -29.76
CA GLY A 412 40.24 -9.60 -28.77
C GLY A 412 40.92 -9.06 -27.53
N VAL A 413 41.04 -7.75 -27.40
CA VAL A 413 41.69 -7.11 -26.27
C VAL A 413 40.67 -6.20 -25.60
N ALA A 414 40.52 -6.34 -24.29
CA ALA A 414 39.56 -5.54 -23.55
C ALA A 414 40.03 -5.43 -22.10
N PHE A 415 39.15 -4.93 -21.24
CA PHE A 415 39.45 -4.78 -19.82
C PHE A 415 38.15 -4.91 -19.03
N HIS A 416 38.29 -5.26 -17.76
CA HIS A 416 37.13 -5.54 -16.92
C HIS A 416 37.52 -5.33 -15.47
N HIS A 417 37.04 -4.24 -14.86
CA HIS A 417 37.31 -4.00 -13.45
C HIS A 417 36.08 -3.50 -12.72
N ALA A 418 36.24 -3.06 -11.47
CA ALA A 418 35.11 -2.68 -10.64
C ALA A 418 34.38 -1.46 -11.19
N GLY A 419 35.12 -0.48 -11.70
CA GLY A 419 34.53 0.77 -12.16
C GLY A 419 33.60 0.64 -13.35
N LEU A 420 33.61 -0.50 -14.04
CA LEU A 420 32.71 -0.70 -15.15
C LEU A 420 31.30 -1.03 -14.65
N THR A 421 30.34 -0.99 -15.57
CA THR A 421 28.96 -1.28 -15.23
C THR A 421 28.79 -2.77 -14.90
N PHE A 422 27.78 -3.07 -14.08
CA PHE A 422 27.48 -4.46 -13.77
C PHE A 422 27.03 -5.23 -15.00
N GLU A 423 26.27 -4.57 -15.89
CA GLU A 423 25.89 -5.21 -17.14
C GLU A 423 27.07 -5.28 -18.11
N GLU A 424 27.91 -4.24 -18.12
CA GLU A 424 29.10 -4.26 -18.98
C GLU A 424 30.04 -5.40 -18.59
N ARG A 425 30.21 -5.63 -17.29
CA ARG A 425 31.09 -6.69 -16.83
C ARG A 425 30.60 -8.06 -17.28
N ASP A 426 29.28 -8.28 -17.24
CA ASP A 426 28.74 -9.58 -17.60
C ASP A 426 28.94 -9.87 -19.08
N ILE A 427 28.82 -8.85 -19.94
CA ILE A 427 29.04 -9.06 -21.36
C ILE A 427 30.51 -9.31 -21.65
N ILE A 428 31.40 -8.51 -21.04
CA ILE A 428 32.84 -8.69 -21.26
C ILE A 428 33.28 -10.06 -20.77
N GLU A 429 32.82 -10.45 -19.58
CA GLU A 429 33.11 -11.79 -19.08
C GLU A 429 32.45 -12.85 -19.97
N GLY A 430 31.22 -12.58 -20.41
CA GLY A 430 30.54 -13.53 -21.27
C GLY A 430 31.26 -13.72 -22.60
N ALA A 431 31.84 -12.65 -23.14
CA ALA A 431 32.60 -12.77 -24.38
C ALA A 431 33.84 -13.65 -24.19
N PHE A 432 34.43 -13.64 -22.99
CA PHE A 432 35.57 -14.50 -22.74
C PHE A 432 35.19 -15.97 -22.73
N ARG A 433 33.99 -16.29 -22.20
CA ARG A 433 33.56 -17.68 -22.15
C ARG A 433 33.40 -18.26 -23.55
N GLN A 434 32.99 -17.44 -24.52
CA GLN A 434 32.93 -17.87 -25.91
C GLN A 434 34.24 -17.66 -26.64
N GLY A 435 35.23 -17.02 -26.03
CA GLY A 435 36.50 -16.78 -26.68
C GLY A 435 36.54 -15.59 -27.60
N LEU A 436 35.47 -14.79 -27.65
CA LEU A 436 35.46 -13.64 -28.56
C LEU A 436 36.54 -12.63 -28.18
N ILE A 437 36.70 -12.35 -26.90
CA ILE A 437 37.78 -11.51 -26.40
C ILE A 437 38.89 -12.41 -25.88
N ARG A 438 40.12 -12.14 -26.29
CA ARG A 438 41.23 -13.02 -25.99
C ARG A 438 42.20 -12.47 -24.96
N VAL A 439 42.07 -11.19 -24.58
CA VAL A 439 42.89 -10.59 -23.53
C VAL A 439 41.98 -9.77 -22.64
N LEU A 440 42.10 -9.99 -21.33
CA LEU A 440 41.34 -9.23 -20.33
C LEU A 440 42.30 -8.58 -19.35
N ALA A 441 42.33 -7.25 -19.35
CA ALA A 441 43.09 -6.49 -18.36
C ALA A 441 42.17 -6.23 -17.17
N ALA A 442 42.22 -7.13 -16.19
CA ALA A 442 41.33 -7.09 -15.04
C ALA A 442 42.09 -6.66 -13.80
N THR A 443 41.33 -6.37 -12.74
CA THR A 443 41.86 -6.04 -11.44
C THR A 443 41.71 -7.24 -10.50
N SER A 444 41.99 -7.03 -9.22
CA SER A 444 41.88 -8.10 -8.23
C SER A 444 40.44 -8.50 -7.96
N THR A 445 39.45 -7.75 -8.46
CA THR A 445 38.06 -8.09 -8.22
C THR A 445 37.66 -9.37 -8.95
N LEU A 446 38.24 -9.62 -10.12
CA LEU A 446 37.92 -10.83 -10.88
C LEU A 446 38.45 -12.09 -10.21
N SER A 447 39.33 -11.97 -9.21
CA SER A 447 39.90 -13.14 -8.56
C SER A 447 38.82 -13.98 -7.90
N SER A 448 37.87 -13.34 -7.22
CA SER A 448 36.79 -14.04 -6.54
C SER A 448 35.49 -14.08 -7.34
N GLY A 449 35.54 -13.71 -8.61
CA GLY A 449 34.36 -13.68 -9.45
C GLY A 449 33.93 -15.05 -9.93
N VAL A 450 33.28 -15.08 -11.09
CA VAL A 450 32.78 -16.31 -11.69
C VAL A 450 33.95 -17.15 -12.19
N ASN A 451 33.68 -18.41 -12.51
CA ASN A 451 34.71 -19.32 -13.01
C ASN A 451 35.10 -18.90 -14.43
N LEU A 452 36.22 -18.20 -14.54
CA LEU A 452 36.70 -17.72 -15.83
C LEU A 452 38.02 -18.41 -16.18
N PRO A 453 38.02 -19.38 -17.09
CA PRO A 453 39.25 -20.10 -17.41
C PRO A 453 40.06 -19.39 -18.49
N ALA A 454 41.37 -19.67 -18.48
CA ALA A 454 42.28 -19.12 -19.46
C ALA A 454 43.49 -20.01 -19.56
N ARG A 455 44.20 -19.91 -20.69
CA ARG A 455 45.41 -20.71 -20.88
C ARG A 455 46.58 -20.13 -20.10
N ARG A 456 46.67 -18.80 -20.00
CA ARG A 456 47.75 -18.14 -19.30
C ARG A 456 47.19 -17.04 -18.41
N VAL A 457 47.85 -16.83 -17.27
CA VAL A 457 47.51 -15.76 -16.34
C VAL A 457 48.77 -14.95 -16.07
N ILE A 458 48.70 -13.64 -16.24
CA ILE A 458 49.83 -12.74 -16.05
C ILE A 458 49.44 -11.69 -15.02
N ILE A 459 50.29 -11.50 -14.02
CA ILE A 459 50.07 -10.53 -12.95
C ILE A 459 51.17 -9.48 -13.05
N ARG A 460 50.77 -8.22 -13.22
CA ARG A 460 51.72 -7.17 -13.60
C ARG A 460 52.68 -6.85 -12.45
N THR A 461 52.15 -6.62 -11.25
CA THR A 461 52.99 -6.19 -10.15
C THR A 461 52.74 -7.04 -8.91
N PRO A 462 53.78 -7.23 -8.08
CA PRO A 462 53.55 -7.89 -6.78
C PRO A 462 52.94 -6.98 -5.74
N ILE A 463 52.85 -5.68 -6.00
CA ILE A 463 52.28 -4.71 -5.08
C ILE A 463 50.92 -4.28 -5.62
N PHE A 464 49.88 -4.43 -4.81
CA PHE A 464 48.52 -4.05 -5.20
C PHE A 464 48.05 -2.96 -4.23
N GLY A 465 47.96 -1.74 -4.72
CA GLY A 465 47.52 -0.62 -3.90
C GLY A 465 48.47 -0.26 -2.77
N GLY A 466 49.78 -0.32 -3.01
CA GLY A 466 50.76 0.04 -2.01
C GLY A 466 51.06 -1.03 -0.99
N ARG A 467 50.46 -2.20 -1.10
CA ARG A 467 50.67 -3.29 -0.16
C ARG A 467 50.96 -4.57 -0.92
N PRO A 468 51.70 -5.50 -0.30
CA PRO A 468 51.96 -6.79 -0.97
C PRO A 468 50.67 -7.54 -1.25
N LEU A 469 50.64 -8.21 -2.40
CA LEU A 469 49.44 -8.93 -2.82
C LEU A 469 49.20 -10.13 -1.91
N ASP A 470 47.95 -10.33 -1.51
CA ASP A 470 47.60 -11.39 -0.58
C ASP A 470 47.80 -12.74 -1.25
N ILE A 471 48.27 -13.71 -0.46
CA ILE A 471 48.48 -15.07 -0.97
C ILE A 471 47.15 -15.71 -1.34
N LEU A 472 46.11 -15.45 -0.54
CA LEU A 472 44.78 -16.00 -0.86
C LEU A 472 44.29 -15.48 -2.21
N THR A 473 44.47 -14.19 -2.47
CA THR A 473 44.14 -13.65 -3.79
C THR A 473 44.99 -14.28 -4.88
N TYR A 474 46.29 -14.48 -4.60
CA TYR A 474 47.18 -15.03 -5.60
C TYR A 474 46.76 -16.44 -6.00
N LYS A 475 46.38 -17.28 -5.02
CA LYS A 475 45.95 -18.63 -5.34
C LYS A 475 44.67 -18.62 -6.19
N GLN A 476 43.75 -17.70 -5.87
CA GLN A 476 42.54 -17.58 -6.68
C GLN A 476 42.85 -17.06 -8.07
N MET A 477 43.80 -16.13 -8.18
CA MET A 477 44.15 -15.58 -9.49
C MET A 477 44.80 -16.64 -10.37
N VAL A 478 45.81 -17.35 -9.86
CA VAL A 478 46.51 -18.35 -10.65
C VAL A 478 45.74 -19.66 -10.77
N GLY A 479 44.63 -19.80 -10.05
CA GLY A 479 43.81 -20.99 -10.18
C GLY A 479 42.98 -21.04 -11.44
N ARG A 480 42.95 -19.95 -12.21
CA ARG A 480 42.21 -19.88 -13.45
C ARG A 480 43.03 -20.30 -14.67
N ALA A 481 44.29 -20.70 -14.47
CA ALA A 481 45.14 -21.12 -15.57
C ALA A 481 44.86 -22.57 -15.92
N GLY A 482 44.57 -22.82 -17.20
CA GLY A 482 44.32 -24.18 -17.66
C GLY A 482 42.85 -24.50 -17.81
N ARG A 483 42.37 -24.54 -19.06
CA ARG A 483 40.99 -24.91 -19.33
C ARG A 483 40.87 -26.43 -19.40
N LYS A 484 39.91 -26.98 -18.66
CA LYS A 484 39.77 -28.43 -18.58
C LYS A 484 39.35 -29.01 -19.93
N GLY A 485 40.08 -30.02 -20.38
CA GLY A 485 39.76 -30.73 -21.59
C GLY A 485 40.27 -30.11 -22.88
N VAL A 486 40.89 -28.94 -22.81
CA VAL A 486 41.41 -28.29 -24.02
C VAL A 486 42.89 -27.97 -23.83
N ASP A 487 43.21 -27.21 -22.79
CA ASP A 487 44.59 -26.84 -22.53
C ASP A 487 45.34 -28.00 -21.89
N THR A 488 46.51 -28.32 -22.44
CA THR A 488 47.33 -29.39 -21.88
C THR A 488 48.10 -28.96 -20.65
N VAL A 489 48.26 -27.65 -20.43
CA VAL A 489 48.99 -27.14 -19.27
C VAL A 489 48.33 -25.87 -18.78
N GLY A 490 48.86 -25.30 -17.70
CA GLY A 490 48.41 -24.03 -17.19
C GLY A 490 49.56 -23.22 -16.62
N GLU A 491 49.73 -21.99 -17.07
CA GLU A 491 50.88 -21.18 -16.73
C GLU A 491 50.44 -19.90 -16.01
N SER A 492 51.18 -19.55 -14.96
CA SER A 492 50.99 -18.29 -14.25
C SER A 492 52.32 -17.56 -14.19
N ILE A 493 52.32 -16.31 -14.66
CA ILE A 493 53.55 -15.51 -14.73
C ILE A 493 53.35 -14.27 -13.88
N LEU A 494 54.14 -14.15 -12.82
CA LEU A 494 54.14 -12.97 -11.97
C LEU A 494 55.36 -12.13 -12.30
N ILE A 495 55.14 -10.83 -12.51
CA ILE A 495 56.19 -9.92 -12.95
C ILE A 495 56.76 -9.20 -11.74
N CYS A 496 58.04 -9.42 -11.47
CA CYS A 496 58.73 -8.77 -10.37
C CYS A 496 59.98 -8.09 -10.90
N LYS A 497 60.35 -6.97 -10.25
CA LYS A 497 61.50 -6.18 -10.67
C LYS A 497 62.32 -5.81 -9.46
N ASN A 498 63.62 -5.57 -9.70
CA ASN A 498 64.62 -5.19 -8.70
C ASN A 498 64.41 -5.86 -7.35
N SER A 499 64.39 -5.06 -6.28
CA SER A 499 64.30 -5.60 -4.92
C SER A 499 62.95 -6.24 -4.64
N GLU A 500 61.92 -5.91 -5.43
CA GLU A 500 60.59 -6.48 -5.22
C GLU A 500 60.53 -7.97 -5.53
N LYS A 501 61.56 -8.53 -6.14
CA LYS A 501 61.55 -9.95 -6.51
C LYS A 501 61.52 -10.84 -5.26
N SER A 502 62.10 -10.38 -4.16
CA SER A 502 62.09 -11.18 -2.92
C SER A 502 60.65 -11.38 -2.44
N LYS A 503 59.83 -10.34 -2.48
CA LYS A 503 58.43 -10.48 -2.11
C LYS A 503 57.69 -11.39 -3.07
N GLY A 504 57.99 -11.28 -4.36
CA GLY A 504 57.32 -12.13 -5.34
C GLY A 504 57.62 -13.60 -5.14
N ILE A 505 58.88 -13.94 -4.88
CA ILE A 505 59.26 -15.34 -4.69
C ILE A 505 58.54 -15.95 -3.50
N ALA A 506 58.34 -15.17 -2.43
CA ALA A 506 57.64 -15.68 -1.26
C ALA A 506 56.22 -16.11 -1.58
N LEU A 507 55.56 -15.43 -2.52
CA LEU A 507 54.22 -15.80 -2.91
C LEU A 507 54.19 -17.18 -3.56
N LEU A 508 55.17 -17.47 -4.42
CA LEU A 508 55.20 -18.76 -5.12
C LEU A 508 55.41 -19.91 -4.15
N GLN A 509 56.35 -19.78 -3.22
CA GLN A 509 56.66 -20.84 -2.27
C GLN A 509 55.85 -20.74 -0.98
N GLY A 510 55.04 -19.69 -0.83
CA GLY A 510 54.23 -19.56 0.37
C GLY A 510 52.95 -20.37 0.31
N SER A 511 52.26 -20.41 1.45
CA SER A 511 51.00 -21.11 1.57
C SER A 511 49.97 -20.19 2.22
N LEU A 512 48.71 -20.43 1.87
CA LEU A 512 47.63 -19.59 2.37
C LEU A 512 47.50 -19.73 3.89
N LYS A 513 47.32 -18.61 4.56
CA LYS A 513 47.35 -18.57 6.01
C LYS A 513 46.16 -19.32 6.61
N PRO A 514 46.33 -19.91 7.80
CA PRO A 514 45.22 -20.63 8.42
C PRO A 514 44.09 -19.68 8.81
N VAL A 515 42.88 -20.23 8.84
CA VAL A 515 41.70 -19.43 9.17
C VAL A 515 41.78 -18.93 10.61
N ARG A 516 41.08 -17.84 10.87
CA ARG A 516 41.03 -17.22 12.19
C ARG A 516 39.59 -17.25 12.69
N SER A 517 39.36 -16.60 13.83
CA SER A 517 38.05 -16.57 14.47
C SER A 517 37.39 -15.21 14.42
N CYS A 518 38.17 -14.13 14.56
CA CYS A 518 37.63 -12.76 14.57
C CYS A 518 36.55 -12.60 15.65
N LEU A 519 36.78 -13.24 16.80
CA LEU A 519 35.83 -13.19 17.90
C LEU A 519 36.47 -12.61 19.15
N VAL A 527 35.55 -6.53 24.17
CA VAL A 527 34.38 -7.04 23.46
C VAL A 527 34.57 -6.86 21.95
N THR A 528 33.83 -7.64 21.17
CA THR A 528 33.90 -7.60 19.72
C THR A 528 32.50 -7.51 19.14
N GLY A 529 32.40 -6.88 17.97
CA GLY A 529 31.11 -6.79 17.29
C GLY A 529 30.60 -8.10 16.76
N SER A 530 31.49 -9.08 16.55
CA SER A 530 31.05 -10.39 16.08
C SER A 530 30.38 -11.18 17.18
N MET A 531 30.91 -11.13 18.40
CA MET A 531 30.32 -11.88 19.51
C MET A 531 29.02 -11.25 20.00
N ILE A 532 28.92 -9.91 19.93
CA ILE A 532 27.70 -9.24 20.37
C ILE A 532 26.52 -9.69 19.52
N ARG A 533 26.70 -9.72 18.20
CA ARG A 533 25.65 -10.23 17.33
C ARG A 533 25.43 -11.73 17.53
N ALA A 534 26.50 -12.48 17.82
CA ALA A 534 26.37 -13.91 18.04
C ALA A 534 25.47 -14.20 19.23
N ILE A 535 25.70 -13.50 20.34
CA ILE A 535 24.88 -13.71 21.53
C ILE A 535 23.45 -13.27 21.28
N LEU A 536 23.28 -12.10 20.65
CA LEU A 536 21.94 -11.57 20.40
C LEU A 536 21.15 -12.45 19.43
N GLU A 537 21.84 -13.18 18.56
CA GLU A 537 21.14 -14.01 17.57
C GLU A 537 20.45 -15.22 18.19
N ILE A 538 20.73 -15.53 19.44
CA ILE A 538 20.19 -16.72 20.11
C ILE A 538 19.15 -16.35 21.16
N ILE A 539 19.50 -15.42 22.06
CA ILE A 539 18.61 -15.08 23.17
C ILE A 539 17.30 -14.49 22.65
N VAL A 540 17.41 -13.56 21.70
CA VAL A 540 16.21 -13.02 21.06
C VAL A 540 15.49 -14.11 20.28
N GLY A 541 16.22 -15.10 19.77
CA GLY A 541 15.58 -16.25 19.19
C GLY A 541 14.94 -17.19 20.19
N GLY A 542 15.28 -17.06 21.47
CA GLY A 542 14.69 -17.85 22.52
C GLY A 542 15.24 -19.24 22.67
N VAL A 543 16.25 -19.62 21.89
CA VAL A 543 16.78 -20.98 21.95
C VAL A 543 17.49 -21.22 23.28
N ALA A 544 18.33 -20.28 23.69
CA ALA A 544 19.05 -20.38 24.96
C ALA A 544 18.79 -19.14 25.80
N SER A 545 18.34 -19.34 27.03
CA SER A 545 18.04 -18.26 27.94
C SER A 545 18.94 -18.24 29.17
N THR A 546 19.11 -19.39 29.83
CA THR A 546 19.94 -19.44 31.02
C THR A 546 21.41 -19.23 30.66
N SER A 547 22.15 -18.70 31.63
CA SER A 547 23.57 -18.41 31.39
C SER A 547 24.36 -19.70 31.14
N GLN A 548 24.06 -20.76 31.89
CA GLN A 548 24.77 -22.02 31.69
C GLN A 548 24.49 -22.61 30.32
N ASP A 549 23.21 -22.57 29.89
CA ASP A 549 22.89 -23.03 28.53
C ASP A 549 23.54 -22.14 27.49
N MET A 550 23.57 -20.83 27.74
CA MET A 550 24.27 -19.91 26.85
C MET A 550 25.76 -20.20 26.83
N HIS A 551 26.35 -20.56 27.97
CA HIS A 551 27.76 -20.89 28.01
C HIS A 551 28.06 -22.17 27.24
N THR A 552 27.08 -23.06 27.10
CA THR A 552 27.25 -24.21 26.23
C THR A 552 27.42 -23.77 24.79
N TYR A 553 26.68 -22.75 24.36
CA TYR A 553 26.84 -22.21 23.02
C TYR A 553 28.24 -21.63 22.82
N ALA A 554 28.76 -20.96 23.85
CA ALA A 554 30.12 -20.41 23.76
C ALA A 554 31.17 -21.50 23.59
N ALA A 555 30.89 -22.72 24.05
CA ALA A 555 31.79 -23.84 23.81
C ALA A 555 31.60 -24.47 22.45
N CYS A 556 30.52 -24.15 21.74
CA CYS A 556 30.28 -24.65 20.40
C CYS A 556 30.80 -23.71 19.32
N THR A 557 31.38 -22.58 19.70
CA THR A 557 31.89 -21.62 18.73
C THR A 557 33.23 -22.06 18.17
N PHE A 558 33.70 -21.35 17.15
CA PHE A 558 34.98 -21.67 16.53
C PHE A 558 36.15 -21.35 17.45
N LEU A 559 36.05 -20.27 18.23
CA LEU A 559 37.14 -19.92 19.14
C LEU A 559 37.37 -21.01 20.19
N ALA A 560 36.28 -21.51 20.77
CA ALA A 560 36.41 -22.57 21.78
C ALA A 560 36.92 -23.87 21.15
N ALA A 561 36.42 -24.21 19.96
CA ALA A 561 36.83 -25.46 19.31
C ALA A 561 38.26 -25.41 18.83
N SER A 562 38.86 -24.22 18.70
CA SER A 562 40.26 -24.13 18.30
C SER A 562 41.17 -24.75 19.35
N MET A 563 40.89 -24.49 20.63
CA MET A 563 41.70 -25.03 21.72
C MET A 563 41.37 -26.50 21.95
N GLY A 580 34.66 -15.62 29.78
CA GLY A 580 35.42 -14.39 29.84
C GLY A 580 34.70 -13.22 29.19
N ALA A 581 34.88 -13.09 27.87
CA ALA A 581 34.22 -12.04 27.13
C ALA A 581 32.80 -12.39 26.72
N ILE A 582 32.37 -13.63 26.95
CA ILE A 582 31.01 -14.03 26.59
C ILE A 582 29.99 -13.33 27.48
N GLU A 583 30.26 -13.30 28.79
CA GLU A 583 29.35 -12.63 29.71
C GLU A 583 29.41 -11.12 29.55
N ALA A 584 30.54 -10.59 29.05
CA ALA A 584 30.64 -9.16 28.80
C ALA A 584 29.71 -8.71 27.68
N CYS A 585 29.44 -9.60 26.72
CA CYS A 585 28.50 -9.26 25.66
C CYS A 585 27.10 -9.06 26.20
N VAL A 586 26.68 -9.90 27.16
CA VAL A 586 25.38 -9.74 27.78
C VAL A 586 25.32 -8.42 28.56
N MET A 587 26.39 -8.10 29.29
CA MET A 587 26.42 -6.86 30.06
C MET A 587 26.33 -5.64 29.15
N TRP A 588 26.86 -5.73 27.92
CA TRP A 588 26.70 -4.63 26.97
C TRP A 588 25.29 -4.57 26.44
N LEU A 589 24.70 -5.73 26.13
CA LEU A 589 23.32 -5.76 25.65
C LEU A 589 22.34 -5.31 26.72
N LEU A 590 22.61 -5.67 27.98
CA LEU A 590 21.74 -5.25 29.07
C LEU A 590 21.75 -3.74 29.26
N GLU A 591 22.94 -3.13 29.17
CA GLU A 591 23.06 -1.69 29.39
C GLU A 591 22.31 -0.90 28.32
N ASN A 592 22.21 -1.44 27.11
CA ASN A 592 21.57 -0.75 26.00
C ASN A 592 20.14 -1.22 25.75
N GLU A 593 19.51 -1.84 26.74
CA GLU A 593 18.07 -2.14 26.74
C GLU A 593 17.77 -3.29 25.77
N PHE A 594 18.78 -3.72 25.00
CA PHE A 594 18.58 -4.76 24.00
C PHE A 594 17.95 -6.01 24.60
N ILE A 595 18.37 -6.39 25.80
CA ILE A 595 17.88 -7.60 26.47
C ILE A 595 17.64 -7.28 27.94
N GLN A 596 16.49 -7.69 28.46
CA GLN A 596 16.16 -7.51 29.86
C GLN A 596 16.45 -8.79 30.64
N SER A 597 16.81 -8.62 31.91
CA SER A 597 17.21 -9.73 32.77
C SER A 597 16.20 -9.93 33.88
N THR A 598 15.76 -11.18 34.08
CA THR A 598 14.91 -11.54 35.19
C THR A 598 15.52 -12.70 35.96
N GLU A 599 14.78 -13.27 36.91
CA GLU A 599 15.28 -14.41 37.67
C GLU A 599 14.98 -15.72 36.94
N LYS A 607 20.17 -16.28 36.14
CA LYS A 607 19.49 -15.19 35.45
C LYS A 607 18.94 -15.63 34.11
N VAL A 608 17.69 -15.26 33.83
CA VAL A 608 17.05 -15.55 32.55
C VAL A 608 16.94 -14.25 31.77
N TYR A 609 17.40 -14.27 30.53
CA TYR A 609 17.43 -13.07 29.69
C TYR A 609 16.29 -13.13 28.68
N HIS A 610 15.52 -12.05 28.62
CA HIS A 610 14.38 -11.96 27.71
C HIS A 610 14.62 -10.89 26.65
N PRO A 611 14.11 -11.10 25.44
CA PRO A 611 14.19 -10.06 24.42
C PRO A 611 13.23 -8.91 24.70
N THR A 612 13.56 -7.76 24.13
CA THR A 612 12.75 -6.56 24.24
C THR A 612 12.18 -6.19 22.87
N HIS A 613 11.46 -5.07 22.82
CA HIS A 613 10.95 -4.57 21.55
C HIS A 613 12.09 -4.21 20.60
N LEU A 614 13.11 -3.53 21.12
CA LEU A 614 14.28 -3.21 20.31
C LEU A 614 15.07 -4.46 19.95
N GLY A 615 15.20 -5.39 20.90
CA GLY A 615 15.95 -6.61 20.62
C GLY A 615 15.28 -7.47 19.56
N SER A 616 13.95 -7.58 19.62
CA SER A 616 13.23 -8.37 18.63
C SER A 616 13.29 -7.74 17.24
N ALA A 617 13.66 -6.46 17.14
CA ALA A 617 13.78 -5.80 15.86
C ALA A 617 15.20 -5.91 15.29
N THR A 618 16.21 -5.88 16.15
CA THR A 618 17.59 -6.01 15.67
C THR A 618 17.83 -7.39 15.05
N LEU A 619 17.33 -8.45 15.69
CA LEU A 619 17.53 -9.78 15.16
C LEU A 619 16.72 -10.02 13.89
N SER A 620 15.45 -9.60 13.89
CA SER A 620 14.60 -9.86 12.73
C SER A 620 15.09 -9.12 11.50
N SER A 621 15.53 -7.87 11.65
CA SER A 621 15.99 -7.08 10.52
C SER A 621 17.42 -7.42 10.11
N SER A 622 18.14 -8.21 10.91
CA SER A 622 19.51 -8.63 10.61
C SER A 622 20.44 -7.42 10.48
N LEU A 623 20.50 -6.63 11.56
CA LEU A 623 21.43 -5.51 11.66
C LEU A 623 22.40 -5.75 12.81
N SER A 624 23.60 -5.22 12.66
CA SER A 624 24.56 -5.28 13.75
C SER A 624 24.07 -4.43 14.92
N PRO A 625 24.18 -4.93 16.15
CA PRO A 625 23.70 -4.15 17.30
C PRO A 625 24.40 -2.81 17.47
N ALA A 626 25.64 -2.67 16.97
CA ALA A 626 26.31 -1.38 17.02
C ALA A 626 25.59 -0.36 16.16
N ASP A 627 25.14 -0.75 14.97
CA ASP A 627 24.45 0.17 14.08
C ASP A 627 23.02 0.43 14.51
N THR A 628 22.34 -0.57 15.09
CA THR A 628 20.93 -0.43 15.44
C THR A 628 20.72 0.66 16.49
N LEU A 629 21.68 0.82 17.41
CA LEU A 629 21.56 1.86 18.43
C LEU A 629 21.47 3.24 17.80
N ASP A 630 22.30 3.51 16.78
CA ASP A 630 22.26 4.80 16.11
C ASP A 630 21.02 4.94 15.24
N ILE A 631 20.64 3.87 14.53
CA ILE A 631 19.46 3.91 13.68
C ILE A 631 18.21 4.19 14.51
N PHE A 632 18.08 3.53 15.66
CA PHE A 632 16.94 3.76 16.53
C PHE A 632 16.90 5.21 17.00
N ALA A 633 18.06 5.79 17.30
CA ALA A 633 18.10 7.20 17.66
C ALA A 633 17.92 8.09 16.43
N ASP A 634 18.43 7.67 15.28
CA ASP A 634 18.29 8.47 14.06
C ASP A 634 16.86 8.43 13.55
N LEU A 635 16.24 7.25 13.54
CA LEU A 635 14.85 7.15 13.11
C LEU A 635 13.93 7.89 14.07
N GLN A 636 14.20 7.78 15.38
CA GLN A 636 13.39 8.51 16.36
C GLN A 636 13.69 10.01 16.36
N ARG A 637 14.75 10.45 15.69
CA ARG A 637 14.91 11.87 15.42
C ARG A 637 13.96 12.34 14.32
N ALA A 638 13.42 11.42 13.54
CA ALA A 638 12.36 11.71 12.58
C ALA A 638 10.97 11.57 13.19
N MET A 639 10.89 11.32 14.50
CA MET A 639 9.59 11.30 15.18
C MET A 639 8.88 12.63 15.00
N LYS A 640 9.60 13.74 15.19
CA LYS A 640 9.01 15.06 15.32
C LYS A 640 9.11 15.90 14.05
N GLY A 641 10.16 15.73 13.26
CA GLY A 641 10.32 16.51 12.05
C GLY A 641 10.51 15.68 10.82
N PHE A 642 9.56 15.76 9.88
CA PHE A 642 9.59 14.99 8.66
C PHE A 642 9.10 15.83 7.50
N VAL A 643 9.55 15.47 6.29
CA VAL A 643 9.11 16.11 5.06
C VAL A 643 8.61 15.03 4.11
N LEU A 644 7.77 15.43 3.17
CA LEU A 644 7.17 14.49 2.24
C LEU A 644 7.17 14.93 0.78
N GLU A 645 7.57 16.16 0.47
CA GLU A 645 7.59 16.60 -0.93
C GLU A 645 8.60 15.80 -1.74
N ASN A 646 9.78 15.58 -1.20
CA ASN A 646 10.88 14.93 -1.89
C ASN A 646 11.28 13.67 -1.15
N ASP A 647 11.78 12.70 -1.91
CA ASP A 647 12.20 11.43 -1.35
C ASP A 647 13.51 11.51 -0.59
N LEU A 648 14.11 12.70 -0.49
CA LEU A 648 15.46 12.81 0.07
C LEU A 648 15.49 12.37 1.53
N HIS A 649 14.60 12.92 2.36
CA HIS A 649 14.61 12.57 3.78
C HIS A 649 14.29 11.09 3.98
N ILE A 650 13.34 10.57 3.21
CA ILE A 650 13.06 9.14 3.26
C ILE A 650 14.26 8.35 2.76
N LEU A 651 14.88 8.80 1.67
CA LEU A 651 16.09 8.15 1.17
C LEU A 651 17.26 8.32 2.13
N TYR A 652 17.32 9.46 2.83
CA TYR A 652 18.40 9.69 3.79
C TYR A 652 18.39 8.68 4.92
N LEU A 653 17.25 8.05 5.19
CA LEU A 653 17.15 7.05 6.23
C LEU A 653 17.49 5.64 5.74
N VAL A 654 17.79 5.47 4.45
CA VAL A 654 18.15 4.17 3.89
C VAL A 654 19.54 4.14 3.29
N THR A 655 20.25 5.27 3.27
CA THR A 655 21.64 5.25 2.83
C THR A 655 22.49 4.47 3.84
N PRO A 656 23.21 3.44 3.42
CA PRO A 656 23.92 2.59 4.38
C PRO A 656 24.95 3.35 5.20
N MET A 657 25.93 3.92 4.53
CA MET A 657 27.03 4.68 5.12
C MET A 657 27.79 5.34 3.97
N PHE A 658 28.91 5.98 4.29
CA PHE A 658 29.78 6.50 3.25
C PHE A 658 30.80 5.47 2.80
N GLU A 659 31.24 4.60 3.71
CA GLU A 659 32.28 3.58 3.49
C GLU A 659 33.37 4.07 2.55
N ASP A 660 33.74 3.25 1.57
CA ASP A 660 34.69 3.62 0.52
C ASP A 660 34.04 3.54 -0.85
N TRP A 661 32.77 3.96 -0.94
CA TRP A 661 32.02 3.80 -2.18
C TRP A 661 32.57 4.71 -3.28
N THR A 662 33.02 5.91 -2.92
CA THR A 662 33.66 6.80 -3.89
C THR A 662 34.42 7.89 -3.14
N THR A 663 35.24 8.61 -3.88
CA THR A 663 35.91 9.80 -3.37
C THR A 663 34.99 11.01 -3.56
N ILE A 664 34.82 11.80 -2.51
CA ILE A 664 33.90 12.94 -2.56
C ILE A 664 34.68 14.20 -2.93
N ASP A 665 34.18 14.92 -3.93
CA ASP A 665 34.77 16.19 -4.35
C ASP A 665 33.95 17.32 -3.76
N TRP A 666 34.58 18.15 -2.95
CA TRP A 666 33.85 19.17 -2.19
C TRP A 666 33.44 20.36 -3.05
N TYR A 667 34.26 20.75 -4.02
CA TYR A 667 33.89 21.87 -4.88
C TYR A 667 32.62 21.57 -5.67
N ARG A 668 32.45 20.30 -6.08
CA ARG A 668 31.20 19.87 -6.66
C ARG A 668 30.05 20.01 -5.66
N PHE A 669 30.30 19.65 -4.41
CA PHE A 669 29.26 19.76 -3.39
C PHE A 669 28.86 21.22 -3.17
N PHE A 670 29.78 22.16 -3.41
CA PHE A 670 29.42 23.57 -3.41
C PHE A 670 28.40 23.87 -4.50
N CYS A 671 28.61 23.30 -5.70
CA CYS A 671 27.60 23.41 -6.75
C CYS A 671 26.36 22.60 -6.41
N LEU A 672 26.54 21.47 -5.72
CA LEU A 672 25.39 20.68 -5.28
C LEU A 672 24.53 21.45 -4.29
N TRP A 673 25.16 22.18 -3.37
CA TRP A 673 24.42 22.78 -2.27
C TRP A 673 23.56 23.95 -2.73
N GLU A 674 24.11 24.83 -3.57
CA GLU A 674 23.35 26.02 -3.97
C GLU A 674 22.21 25.66 -4.92
N LYS A 675 22.48 24.84 -5.93
CA LYS A 675 21.48 24.57 -6.96
C LYS A 675 20.36 23.67 -6.48
N LEU A 676 20.48 23.09 -5.29
CA LEU A 676 19.38 22.31 -4.73
C LEU A 676 18.20 23.24 -4.43
N PRO A 677 16.97 22.76 -4.64
CA PRO A 677 15.79 23.61 -4.39
C PRO A 677 15.66 24.04 -2.94
N THR A 678 14.69 24.92 -2.65
CA THR A 678 14.48 25.38 -1.29
C THR A 678 14.04 24.28 -0.35
N SER A 679 13.60 23.14 -0.87
CA SER A 679 13.22 21.99 -0.07
C SER A 679 14.38 21.06 0.26
N MET A 680 15.26 20.80 -0.72
CA MET A 680 16.38 19.90 -0.48
C MET A 680 17.31 20.45 0.59
N LYS A 681 17.44 21.77 0.68
CA LYS A 681 18.21 22.37 1.76
C LYS A 681 17.49 22.25 3.10
N ARG A 682 16.15 22.25 3.08
CA ARG A 682 15.40 22.07 4.31
C ARG A 682 15.66 20.69 4.92
N VAL A 683 15.78 19.67 4.08
CA VAL A 683 16.07 18.33 4.58
C VAL A 683 17.42 18.29 5.29
N ALA A 684 18.40 19.03 4.76
CA ALA A 684 19.72 19.07 5.36
C ALA A 684 19.68 19.64 6.77
N GLU A 685 18.92 20.72 6.97
CA GLU A 685 18.80 21.29 8.32
C GLU A 685 18.09 20.34 9.27
N LEU A 686 17.17 19.53 8.76
CA LEU A 686 16.42 18.60 9.60
C LEU A 686 17.24 17.40 10.06
N VAL A 687 18.41 17.17 9.45
CA VAL A 687 19.23 16.01 9.79
C VAL A 687 20.61 16.42 10.33
N GLY A 688 20.74 17.67 10.76
CA GLY A 688 21.96 18.14 11.38
C GLY A 688 22.99 18.73 10.44
N VAL A 689 22.77 18.66 9.13
CA VAL A 689 23.71 19.26 8.18
C VAL A 689 23.66 20.78 8.32
N GLU A 690 24.83 21.40 8.39
CA GLU A 690 24.94 22.84 8.62
C GLU A 690 25.26 23.54 7.31
N GLU A 691 24.50 24.60 7.02
CA GLU A 691 24.77 25.40 5.83
C GLU A 691 26.10 26.16 5.95
N GLY A 692 26.44 26.60 7.16
CA GLY A 692 27.68 27.33 7.34
C GLY A 692 28.91 26.53 6.98
N PHE A 693 28.96 25.27 7.42
CA PHE A 693 30.03 24.34 7.06
C PHE A 693 29.42 23.26 6.18
N LEU A 694 29.46 23.49 4.86
CA LEU A 694 29.03 22.48 3.90
C LEU A 694 29.83 22.72 2.62
N ALA A 695 30.88 21.92 2.43
CA ALA A 695 31.85 22.09 1.36
C ALA A 695 32.58 23.43 1.44
N ARG A 696 32.54 24.08 2.60
CA ARG A 696 33.14 25.39 2.79
C ARG A 696 34.47 25.32 3.51
N CYS A 697 34.51 24.74 4.71
CA CYS A 697 35.75 24.67 5.49
C CYS A 697 36.65 23.54 5.04
N VAL A 698 36.14 22.57 4.27
CA VAL A 698 36.98 21.47 3.80
C VAL A 698 37.96 21.95 2.74
N LYS A 699 37.56 22.94 1.93
CA LYS A 699 38.46 23.44 0.90
C LYS A 699 39.73 24.04 1.48
N GLY A 700 39.59 24.80 2.57
CA GLY A 700 40.75 25.36 3.23
C GLY A 700 41.54 24.41 4.08
N LYS A 701 41.04 23.19 4.30
CA LYS A 701 41.74 22.20 5.10
C LYS A 701 41.63 20.81 4.46
N GLN A 709 34.38 15.25 15.63
CA GLN A 709 33.76 15.60 14.37
C GLN A 709 33.56 14.37 13.49
N HIS A 710 33.89 13.20 14.04
CA HIS A 710 33.73 11.96 13.29
C HIS A 710 32.27 11.68 13.00
N ARG A 711 31.38 11.92 13.97
CA ARG A 711 29.95 11.71 13.74
C ARG A 711 29.37 12.76 12.81
N GLN A 712 29.91 13.98 12.84
CA GLN A 712 29.41 15.03 11.96
C GLN A 712 29.91 14.86 10.53
N MET A 713 31.16 14.40 10.37
CA MET A 713 31.67 14.15 9.02
C MET A 713 30.92 13.01 8.35
N ALA A 714 30.51 12.01 9.11
CA ALA A 714 29.75 10.89 8.58
C ALA A 714 28.29 11.23 8.31
N ILE A 715 27.92 12.51 8.39
CA ILE A 715 26.58 12.97 8.07
C ILE A 715 26.56 13.72 6.74
N HIS A 716 27.50 14.64 6.54
CA HIS A 716 27.61 15.32 5.25
C HIS A 716 27.95 14.35 4.13
N LYS A 717 28.88 13.42 4.40
CA LYS A 717 29.14 12.35 3.44
C LYS A 717 27.92 11.47 3.24
N ARG A 718 27.21 11.18 4.33
CA ARG A 718 25.95 10.46 4.22
C ARG A 718 24.89 11.27 3.49
N PHE A 719 24.88 12.59 3.68
CA PHE A 719 23.97 13.45 2.94
C PHE A 719 24.25 13.40 1.45
N PHE A 720 25.53 13.44 1.07
CA PHE A 720 25.89 13.34 -0.34
C PHE A 720 25.47 11.99 -0.92
N THR A 721 25.57 10.92 -0.12
CA THR A 721 25.11 9.61 -0.57
C THR A 721 23.62 9.60 -0.85
N SER A 722 22.84 10.36 -0.08
CA SER A 722 21.41 10.44 -0.33
C SER A 722 21.10 11.25 -1.58
N LEU A 723 21.90 12.29 -1.86
CA LEU A 723 21.68 13.08 -3.06
C LEU A 723 21.87 12.26 -4.33
N VAL A 724 22.90 11.41 -4.36
CA VAL A 724 23.13 10.55 -5.52
C VAL A 724 21.97 9.59 -5.70
N LEU A 725 21.50 8.98 -4.61
CA LEU A 725 20.39 8.04 -4.71
C LEU A 725 19.11 8.72 -5.16
N LEU A 726 18.94 10.01 -4.88
CA LEU A 726 17.75 10.72 -5.33
C LEU A 726 17.70 10.78 -6.85
N ASP A 727 18.83 11.07 -7.49
CA ASP A 727 18.88 11.02 -8.95
C ASP A 727 18.81 9.58 -9.46
N LEU A 728 19.21 8.61 -8.64
CA LEU A 728 19.16 7.21 -9.08
C LEU A 728 17.73 6.71 -9.16
N ILE A 729 16.85 7.15 -8.25
CA ILE A 729 15.44 6.77 -8.31
C ILE A 729 14.64 7.68 -9.23
N SER A 730 15.21 8.80 -9.66
CA SER A 730 14.56 9.68 -10.62
C SER A 730 14.89 9.30 -12.06
N GLU A 731 15.54 8.16 -12.26
CA GLU A 731 15.89 7.62 -13.58
C GLU A 731 16.78 8.55 -14.39
N VAL A 732 17.60 9.35 -13.70
CA VAL A 732 18.66 10.10 -14.41
C VAL A 732 19.66 9.11 -14.97
N PRO A 733 20.01 9.18 -16.25
CA PRO A 733 20.86 8.15 -16.84
C PRO A 733 22.26 8.15 -16.25
N LEU A 734 22.86 6.94 -16.25
CA LEU A 734 24.15 6.76 -15.59
C LEU A 734 25.24 7.60 -16.26
N ARG A 735 25.12 7.88 -17.55
CA ARG A 735 26.10 8.71 -18.22
C ARG A 735 26.09 10.14 -17.66
N GLU A 736 24.89 10.71 -17.49
CA GLU A 736 24.78 12.04 -16.92
C GLU A 736 25.21 12.02 -15.46
N ILE A 737 24.73 11.03 -14.70
CA ILE A 737 25.03 10.96 -13.28
C ILE A 737 26.51 10.73 -13.00
N ASN A 738 27.26 10.21 -13.99
CA ASN A 738 28.69 10.05 -13.82
C ASN A 738 29.42 11.38 -13.94
N GLN A 739 29.15 12.13 -15.02
CA GLN A 739 29.79 13.42 -15.21
C GLN A 739 29.26 14.50 -14.27
N LYS A 740 28.17 14.21 -13.55
CA LYS A 740 27.52 15.20 -12.68
C LYS A 740 27.91 14.99 -11.23
N TYR A 741 27.99 13.73 -10.78
CA TYR A 741 28.45 13.40 -9.43
C TYR A 741 29.81 12.74 -9.41
N GLY A 742 30.54 12.77 -10.52
CA GLY A 742 31.94 12.38 -10.55
C GLY A 742 32.24 10.92 -10.28
N CYS A 743 31.28 10.14 -9.81
CA CYS A 743 31.49 8.72 -9.52
C CYS A 743 30.98 7.91 -10.71
N ASN A 744 31.84 7.04 -11.24
CA ASN A 744 31.48 6.26 -12.40
C ASN A 744 30.41 5.22 -12.05
N ARG A 745 29.87 4.58 -13.09
CA ARG A 745 28.77 3.66 -12.91
C ARG A 745 29.15 2.46 -12.05
N GLY A 746 30.44 2.11 -12.02
CA GLY A 746 30.86 0.99 -11.19
C GLY A 746 30.69 1.25 -9.71
N GLN A 747 31.06 2.46 -9.27
CA GLN A 747 30.93 2.82 -7.86
C GLN A 747 29.51 3.24 -7.48
N ILE A 748 28.63 3.42 -8.45
CA ILE A 748 27.27 3.84 -8.16
C ILE A 748 26.34 2.65 -8.00
N GLN A 749 26.42 1.67 -8.90
CA GLN A 749 25.71 0.42 -8.68
C GLN A 749 26.28 -0.37 -7.52
N SER A 750 27.51 -0.07 -7.11
CA SER A 750 28.04 -0.64 -5.88
C SER A 750 27.36 -0.06 -4.64
N LEU A 751 26.56 0.99 -4.79
CA LEU A 751 25.82 1.59 -3.70
C LEU A 751 24.33 1.33 -3.78
N GLN A 752 23.71 1.50 -4.95
CA GLN A 752 22.26 1.34 -5.06
C GLN A 752 21.84 -0.11 -4.79
N GLN A 753 22.66 -1.09 -5.17
CA GLN A 753 22.38 -2.47 -4.79
C GLN A 753 22.82 -2.78 -3.37
N SER A 754 23.54 -1.87 -2.72
CA SER A 754 23.83 -1.99 -1.30
C SER A 754 22.89 -1.15 -0.44
N ALA A 755 22.35 -0.05 -1.00
CA ALA A 755 21.36 0.74 -0.29
C ALA A 755 19.97 0.12 -0.39
N ALA A 756 19.71 -0.64 -1.46
CA ALA A 756 18.43 -1.32 -1.59
C ALA A 756 18.25 -2.37 -0.49
N VAL A 757 19.31 -3.08 -0.15
CA VAL A 757 19.25 -4.02 0.96
C VAL A 757 19.02 -3.28 2.27
N TYR A 758 19.62 -2.10 2.42
CA TYR A 758 19.43 -1.32 3.64
C TYR A 758 17.97 -0.92 3.82
N ALA A 759 17.31 -0.51 2.73
CA ALA A 759 15.88 -0.20 2.82
C ALA A 759 15.06 -1.43 3.10
N GLY A 760 15.56 -2.61 2.73
CA GLY A 760 14.90 -3.86 3.08
C GLY A 760 15.12 -4.31 4.49
N MET A 761 16.00 -3.64 5.24
CA MET A 761 16.22 -3.93 6.65
C MET A 761 15.72 -2.82 7.56
N ILE A 762 15.67 -1.57 7.08
CA ILE A 762 15.06 -0.50 7.86
C ILE A 762 13.54 -0.70 7.92
N THR A 763 12.94 -1.13 6.81
CA THR A 763 11.51 -1.39 6.79
C THR A 763 11.15 -2.51 7.76
N VAL A 764 11.93 -3.58 7.76
CA VAL A 764 11.69 -4.67 8.72
C VAL A 764 11.96 -4.19 10.14
N PHE A 765 12.96 -3.32 10.30
CA PHE A 765 13.27 -2.77 11.63
C PHE A 765 12.10 -1.98 12.18
N SER A 766 11.32 -1.34 11.32
CA SER A 766 10.17 -0.55 11.77
C SER A 766 8.99 -1.43 12.16
N ASN A 767 8.72 -2.49 11.39
CA ASN A 767 7.58 -3.35 11.68
C ASN A 767 7.72 -4.03 13.03
N ARG A 768 8.91 -4.57 13.32
CA ARG A 768 9.13 -5.21 14.61
C ARG A 768 9.12 -4.21 15.75
N LEU A 769 9.33 -2.93 15.46
CA LEU A 769 9.24 -1.87 16.46
C LEU A 769 7.87 -1.19 16.48
N GLY A 770 6.92 -1.70 15.69
CA GLY A 770 5.59 -1.13 15.66
C GLY A 770 5.48 0.27 15.11
N TRP A 771 6.16 0.55 13.99
CA TRP A 771 6.06 1.83 13.30
C TRP A 771 5.43 1.58 11.94
N HIS A 772 4.09 1.58 11.89
CA HIS A 772 3.38 1.31 10.65
C HIS A 772 3.29 2.52 9.73
N ASN A 773 3.59 3.72 10.23
CA ASN A 773 3.50 4.90 9.38
C ASN A 773 4.63 4.95 8.36
N MET A 774 5.86 4.67 8.80
CA MET A 774 7.03 4.79 7.95
C MET A 774 7.37 3.51 7.20
N GLU A 775 6.92 2.34 7.67
CA GLU A 775 7.01 1.16 6.84
C GLU A 775 6.21 1.33 5.56
N LEU A 776 5.06 2.00 5.65
CA LEU A 776 4.29 2.31 4.45
C LEU A 776 5.08 3.21 3.51
N LEU A 777 5.77 4.20 4.06
CA LEU A 777 6.60 5.08 3.23
C LEU A 777 7.80 4.34 2.66
N LEU A 778 8.43 3.48 3.47
CA LEU A 778 9.65 2.79 3.08
C LEU A 778 9.38 1.42 2.45
N SER A 779 8.13 1.03 2.26
CA SER A 779 7.84 -0.28 1.70
C SER A 779 8.34 -0.40 0.27
N GLN A 780 8.12 0.63 -0.54
CA GLN A 780 8.46 0.58 -1.96
C GLN A 780 9.85 1.11 -2.26
N PHE A 781 10.58 1.60 -1.27
CA PHE A 781 11.88 2.21 -1.53
C PHE A 781 13.00 1.18 -1.70
N GLN A 782 12.78 -0.08 -1.32
CA GLN A 782 13.74 -1.11 -1.69
C GLN A 782 13.61 -1.47 -3.17
N LYS A 783 12.37 -1.53 -3.68
CA LYS A 783 12.17 -1.82 -5.09
C LYS A 783 12.57 -0.64 -5.97
N ARG A 784 12.41 0.59 -5.46
CA ARG A 784 12.78 1.76 -6.25
C ARG A 784 14.29 1.96 -6.34
N LEU A 785 15.05 1.41 -5.39
CA LEU A 785 16.49 1.55 -5.42
C LEU A 785 17.18 0.40 -6.13
N THR A 786 16.60 -0.80 -6.10
CA THR A 786 17.20 -1.93 -6.80
C THR A 786 17.25 -1.71 -8.30
N PHE A 787 16.16 -1.18 -8.87
CA PHE A 787 16.06 -0.99 -10.31
C PHE A 787 16.19 0.46 -10.74
N GLY A 788 16.25 1.40 -9.81
CA GLY A 788 16.35 2.80 -10.15
C GLY A 788 15.16 3.32 -10.93
N ILE A 789 13.96 2.99 -10.48
CA ILE A 789 12.74 3.34 -11.18
C ILE A 789 11.92 4.31 -10.33
N GLN A 790 10.80 4.77 -10.88
CA GLN A 790 9.86 5.62 -10.16
C GLN A 790 8.70 4.76 -9.65
N ARG A 791 7.73 5.43 -9.02
CA ARG A 791 6.59 4.71 -8.46
C ARG A 791 5.67 4.16 -9.54
N GLU A 792 5.76 4.66 -10.77
CA GLU A 792 4.87 4.20 -11.83
C GLU A 792 5.22 2.79 -12.28
N LEU A 793 6.51 2.46 -12.36
CA LEU A 793 6.98 1.20 -12.91
C LEU A 793 7.08 0.10 -11.87
N CYS A 794 6.63 0.34 -10.63
CA CYS A 794 6.80 -0.64 -9.57
C CYS A 794 6.15 -1.97 -9.91
N ASP A 795 4.95 -1.92 -10.51
CA ASP A 795 4.30 -3.15 -10.94
C ASP A 795 4.92 -3.71 -12.21
N LEU A 796 5.48 -2.85 -13.05
CA LEU A 796 6.01 -3.30 -14.34
C LEU A 796 7.34 -4.03 -14.18
N VAL A 797 8.17 -3.60 -13.24
CA VAL A 797 9.52 -4.14 -13.09
C VAL A 797 9.48 -5.48 -12.39
N ARG A 798 8.27 -5.96 -12.07
CA ARG A 798 8.14 -7.28 -11.46
C ARG A 798 8.66 -8.38 -12.38
N VAL A 799 8.40 -8.25 -13.68
CA VAL A 799 8.98 -9.16 -14.65
C VAL A 799 10.47 -8.90 -14.74
N SER A 800 11.26 -9.98 -14.75
CA SER A 800 12.71 -9.88 -14.61
C SER A 800 13.40 -9.30 -15.84
N LEU A 801 12.70 -9.11 -16.95
CA LEU A 801 13.31 -8.70 -18.21
C LEU A 801 13.23 -7.20 -18.46
N LEU A 802 12.97 -6.40 -17.41
CA LEU A 802 12.92 -4.94 -17.51
C LEU A 802 13.66 -4.36 -16.32
N ASN A 803 14.92 -3.96 -16.51
CA ASN A 803 15.71 -3.47 -15.39
C ASN A 803 15.42 -1.99 -15.09
N ALA A 804 15.81 -1.10 -16.00
CA ALA A 804 15.52 0.33 -15.82
C ALA A 804 15.21 1.07 -17.11
N GLN A 805 15.22 0.40 -18.27
CA GLN A 805 14.99 1.10 -19.53
C GLN A 805 13.98 0.34 -20.38
N ARG A 806 13.91 -0.98 -20.20
CA ARG A 806 12.91 -1.78 -20.88
C ARG A 806 11.52 -1.57 -20.32
N ALA A 807 11.39 -0.89 -19.18
CA ALA A 807 10.10 -0.59 -18.59
C ALA A 807 9.59 0.81 -18.90
N ARG A 808 10.48 1.82 -18.93
CA ARG A 808 10.04 3.16 -19.28
C ARG A 808 9.61 3.25 -20.75
N VAL A 809 10.40 2.66 -21.65
CA VAL A 809 10.03 2.69 -23.06
C VAL A 809 8.76 1.87 -23.28
N LEU A 810 8.54 0.83 -22.48
CA LEU A 810 7.28 0.10 -22.53
C LEU A 810 6.17 0.87 -21.82
N TYR A 811 6.52 1.63 -20.78
CA TYR A 811 5.53 2.47 -20.10
C TYR A 811 4.98 3.53 -21.05
N ALA A 812 5.84 4.14 -21.85
CA ALA A 812 5.41 5.18 -22.79
C ALA A 812 4.49 4.65 -23.88
N SER A 813 4.39 3.34 -24.05
CA SER A 813 3.53 2.75 -25.07
C SER A 813 2.11 2.54 -24.58
N GLY A 814 1.79 2.94 -23.35
CA GLY A 814 0.45 2.86 -22.81
C GLY A 814 0.23 1.73 -21.82
N PHE A 815 1.13 0.76 -21.74
CA PHE A 815 1.00 -0.33 -20.76
C PHE A 815 1.54 0.15 -19.43
N HIS A 816 0.65 0.60 -18.56
CA HIS A 816 1.04 1.19 -17.28
C HIS A 816 1.12 0.17 -16.14
N THR A 817 0.73 -1.08 -16.38
CA THR A 817 0.70 -2.07 -15.32
C THR A 817 1.08 -3.42 -15.91
N VAL A 818 1.57 -4.32 -15.04
CA VAL A 818 1.89 -5.68 -15.45
C VAL A 818 0.65 -6.47 -15.84
N ALA A 819 -0.54 -5.95 -15.54
CA ALA A 819 -1.78 -6.66 -15.89
C ALA A 819 -2.02 -6.63 -17.40
N ASP A 820 -2.17 -5.44 -17.97
CA ASP A 820 -2.42 -5.33 -19.40
C ASP A 820 -1.20 -5.68 -20.24
N LEU A 821 0.00 -5.66 -19.65
CA LEU A 821 1.18 -6.14 -20.36
C LEU A 821 1.08 -7.63 -20.63
N ALA A 822 0.49 -8.38 -19.70
CA ALA A 822 0.28 -9.81 -19.92
C ALA A 822 -0.66 -10.04 -21.09
N ARG A 823 -1.70 -9.22 -21.21
CA ARG A 823 -2.65 -9.30 -22.32
C ARG A 823 -2.23 -8.47 -23.52
N ALA A 824 -1.07 -7.83 -23.47
CA ALA A 824 -0.61 -7.01 -24.57
C ALA A 824 -0.32 -7.87 -25.80
N ASN A 825 -0.46 -7.26 -26.98
CA ASN A 825 -0.22 -7.97 -28.23
C ASN A 825 1.25 -8.34 -28.36
N ILE A 826 1.50 -9.56 -28.81
CA ILE A 826 2.88 -10.06 -28.93
C ILE A 826 3.67 -9.26 -29.94
N VAL A 827 3.07 -8.97 -31.10
CA VAL A 827 3.80 -8.26 -32.14
C VAL A 827 3.89 -6.76 -31.84
N GLU A 828 2.95 -6.22 -31.05
CA GLU A 828 2.95 -4.79 -30.76
C GLU A 828 4.15 -4.39 -29.92
N VAL A 829 4.51 -5.21 -28.93
CA VAL A 829 5.66 -4.88 -28.08
C VAL A 829 7.00 -5.05 -28.79
N GLU A 830 7.01 -5.71 -29.95
CA GLU A 830 8.26 -5.83 -30.71
C GLU A 830 8.73 -4.47 -31.21
N VAL A 831 7.81 -3.65 -31.72
CA VAL A 831 8.20 -2.39 -32.33
C VAL A 831 8.63 -1.38 -31.26
N ILE A 832 7.97 -1.39 -30.10
CA ILE A 832 8.31 -0.41 -29.07
C ILE A 832 9.68 -0.70 -28.47
N LEU A 833 10.02 -1.98 -28.31
CA LEU A 833 11.34 -2.32 -27.79
C LEU A 833 12.43 -2.07 -28.82
N LYS A 834 12.08 -2.12 -30.11
CA LYS A 834 13.07 -1.88 -31.16
C LYS A 834 13.59 -0.45 -31.11
N ASN A 835 12.71 0.52 -30.87
CA ASN A 835 13.09 1.93 -30.84
C ASN A 835 13.78 2.25 -29.52
N ALA A 836 14.06 3.54 -29.30
CA ALA A 836 14.72 4.03 -28.09
C ALA A 836 16.07 3.35 -27.88
N VAL A 837 16.96 3.57 -28.84
CA VAL A 837 18.31 3.01 -28.83
C VAL A 837 19.28 4.13 -28.45
N PRO A 838 19.85 4.13 -27.24
CA PRO A 838 20.80 5.15 -26.81
C PRO A 838 22.13 5.08 -27.56
N MET A 859 22.38 -10.38 -33.80
CA MET A 859 20.92 -10.32 -33.67
C MET A 859 20.49 -10.36 -32.22
N ARG A 860 21.23 -11.12 -31.41
CA ARG A 860 20.96 -11.25 -29.98
C ARG A 860 21.59 -10.05 -29.26
N THR A 861 20.95 -8.89 -29.43
CA THR A 861 21.48 -7.64 -28.91
C THR A 861 20.91 -7.25 -27.56
N ILE A 862 19.65 -7.60 -27.29
CA ILE A 862 19.06 -7.31 -25.98
C ILE A 862 19.75 -8.18 -24.93
N TRP A 863 20.14 -7.55 -23.82
CA TRP A 863 20.83 -8.25 -22.73
C TRP A 863 19.86 -8.48 -21.58
N VAL A 864 19.84 -9.70 -21.08
CA VAL A 864 18.94 -10.11 -20.00
C VAL A 864 19.79 -10.56 -18.82
N THR A 865 19.38 -10.17 -17.61
CA THR A 865 20.12 -10.51 -16.41
C THR A 865 20.18 -12.03 -16.24
N GLY A 866 21.40 -12.58 -16.27
CA GLY A 866 21.60 -14.00 -16.12
C GLY A 866 21.42 -14.82 -17.37
N ARG A 867 20.96 -14.22 -18.46
CA ARG A 867 20.73 -14.93 -19.72
C ARG A 867 21.67 -14.46 -20.83
N LYS A 868 22.74 -13.75 -20.49
CA LYS A 868 23.70 -13.21 -21.47
C LYS A 868 22.93 -12.30 -22.41
N GLY A 869 23.13 -12.40 -23.72
CA GLY A 869 22.37 -11.62 -24.67
C GLY A 869 21.22 -12.41 -25.25
N LEU A 870 20.15 -11.70 -25.64
CA LEU A 870 18.96 -12.32 -26.18
C LEU A 870 18.52 -11.56 -27.43
N THR A 871 17.84 -12.27 -28.33
CA THR A 871 17.32 -11.65 -29.53
C THR A 871 16.15 -10.73 -29.18
N GLU A 872 15.94 -9.72 -30.02
CA GLU A 872 14.86 -8.77 -29.78
C GLU A 872 13.50 -9.46 -29.81
N ARG A 873 13.30 -10.37 -30.76
CA ARG A 873 12.03 -11.09 -30.84
C ARG A 873 11.84 -12.00 -29.63
N GLU A 874 12.90 -12.73 -29.24
CA GLU A 874 12.79 -13.65 -28.13
C GLU A 874 12.56 -12.91 -26.81
N ALA A 875 13.25 -11.79 -26.60
CA ALA A 875 13.12 -11.06 -25.35
C ALA A 875 11.71 -10.51 -25.17
N ALA A 876 11.15 -9.93 -26.24
CA ALA A 876 9.80 -9.40 -26.15
C ALA A 876 8.76 -10.51 -26.02
N ALA A 877 9.00 -11.66 -26.66
CA ALA A 877 8.08 -12.78 -26.54
C ALA A 877 8.08 -13.35 -25.12
N LEU A 878 9.23 -13.32 -24.45
CA LEU A 878 9.30 -13.82 -23.08
C LEU A 878 8.69 -12.86 -22.08
N ILE A 879 8.62 -11.57 -22.39
CA ILE A 879 8.05 -10.60 -21.46
C ILE A 879 6.58 -10.91 -21.21
N VAL A 880 5.82 -11.12 -22.28
CA VAL A 880 4.41 -11.47 -22.12
C VAL A 880 4.27 -12.87 -21.52
N GLU A 881 5.15 -13.79 -21.91
CA GLU A 881 5.11 -15.14 -21.36
C GLU A 881 5.38 -15.14 -19.87
N GLU A 882 6.39 -14.38 -19.42
CA GLU A 882 6.67 -14.30 -18.00
C GLU A 882 5.54 -13.58 -17.26
N ALA A 883 4.98 -12.53 -17.87
CA ALA A 883 3.90 -11.79 -17.22
C ALA A 883 2.68 -12.68 -17.00
N ARG A 884 2.38 -13.55 -17.96
CA ARG A 884 1.24 -14.46 -17.80
C ARG A 884 1.42 -15.38 -16.60
N MET A 885 2.64 -15.90 -16.42
CA MET A 885 2.91 -16.77 -15.28
C MET A 885 2.92 -15.99 -13.97
N ILE A 886 3.37 -14.73 -13.99
CA ILE A 886 3.45 -13.94 -12.76
C ILE A 886 2.07 -13.69 -12.19
N LEU A 887 1.14 -13.22 -13.03
CA LEU A 887 -0.22 -12.96 -12.55
C LEU A 887 -0.93 -14.26 -12.16
N GLN A 888 -0.72 -15.33 -12.93
CA GLN A 888 -1.42 -16.58 -12.65
C GLN A 888 -0.99 -17.18 -11.32
N GLN A 889 0.31 -17.11 -10.99
CA GLN A 889 0.82 -17.69 -9.78
C GLN A 889 0.66 -16.80 -8.55
N ASP A 890 0.27 -15.55 -8.73
CA ASP A 890 0.06 -14.63 -7.61
C ASP A 890 -1.38 -14.61 -7.11
N LEU A 891 -2.26 -15.40 -7.70
CA LEU A 891 -3.65 -15.47 -7.27
C LEU A 891 -4.30 -16.77 -7.71
N LYS B 68 -56.14 -0.52 -17.58
CA LYS B 68 -54.80 0.05 -17.70
C LYS B 68 -54.23 0.39 -16.33
N LEU B 69 -55.09 0.45 -15.32
CA LEU B 69 -54.68 0.72 -13.95
C LEU B 69 -54.32 -0.56 -13.21
N LEU B 70 -53.41 -1.34 -13.79
CA LEU B 70 -53.01 -2.61 -13.21
C LEU B 70 -51.59 -2.91 -13.67
N LEU B 71 -50.73 -3.28 -12.72
CA LEU B 71 -49.29 -3.31 -12.99
C LEU B 71 -48.93 -4.34 -14.05
N ALA B 72 -49.53 -5.53 -14.00
CA ALA B 72 -49.18 -6.58 -14.96
C ALA B 72 -49.55 -6.18 -16.38
N ASN B 73 -50.53 -5.30 -16.55
CA ASN B 73 -50.87 -4.81 -17.88
C ASN B 73 -49.69 -4.04 -18.49
N TRP B 74 -49.03 -3.21 -17.69
CA TRP B 74 -47.84 -2.53 -18.14
C TRP B 74 -46.70 -3.53 -18.36
N GLY B 75 -45.85 -3.23 -19.35
CA GLY B 75 -44.72 -4.10 -19.64
C GLY B 75 -43.71 -4.13 -18.52
N LEU B 76 -43.63 -5.26 -17.82
CA LEU B 76 -42.74 -5.43 -16.68
C LEU B 76 -42.14 -6.82 -16.67
N PRO B 77 -40.92 -6.97 -16.16
CA PRO B 77 -40.38 -8.31 -15.96
C PRO B 77 -41.20 -9.09 -14.94
N LYS B 78 -41.23 -10.41 -15.14
CA LYS B 78 -42.04 -11.27 -14.27
C LYS B 78 -41.55 -11.22 -12.83
N ALA B 79 -40.23 -11.30 -12.63
CA ALA B 79 -39.68 -11.30 -11.27
C ALA B 79 -39.93 -9.97 -10.57
N VAL B 80 -39.78 -8.86 -11.29
CA VAL B 80 -40.04 -7.55 -10.70
C VAL B 80 -41.50 -7.45 -10.29
N LEU B 81 -42.40 -7.93 -11.15
CA LEU B 81 -43.83 -7.89 -10.84
C LEU B 81 -44.15 -8.73 -9.60
N GLU B 82 -43.59 -9.94 -9.53
CA GLU B 82 -43.83 -10.81 -8.38
C GLU B 82 -43.30 -10.19 -7.11
N LYS B 83 -42.11 -9.59 -7.16
CA LYS B 83 -41.58 -8.90 -5.99
C LYS B 83 -42.44 -7.70 -5.61
N TYR B 84 -43.01 -7.02 -6.61
CA TYR B 84 -43.91 -5.90 -6.31
C TYR B 84 -45.15 -6.38 -5.56
N HIS B 85 -45.69 -7.54 -5.94
CA HIS B 85 -46.75 -8.14 -5.14
C HIS B 85 -46.26 -8.46 -3.73
N SER B 86 -45.00 -8.91 -3.60
CA SER B 86 -44.48 -9.24 -2.28
C SER B 86 -44.38 -8.00 -1.38
N PHE B 87 -44.22 -6.82 -1.97
CA PHE B 87 -44.14 -5.58 -1.21
C PHE B 87 -45.50 -4.96 -0.96
N GLY B 88 -46.58 -5.61 -1.38
CA GLY B 88 -47.92 -5.10 -1.14
C GLY B 88 -48.39 -4.05 -2.12
N VAL B 89 -47.65 -3.79 -3.18
CA VAL B 89 -48.04 -2.81 -4.18
C VAL B 89 -48.49 -3.58 -5.42
N LYS B 90 -49.79 -3.57 -5.68
CA LYS B 90 -50.36 -4.16 -6.88
C LYS B 90 -51.43 -3.30 -7.54
N LYS B 91 -51.95 -2.29 -6.86
CA LYS B 91 -52.96 -1.39 -7.42
C LYS B 91 -52.32 -0.05 -7.73
N MET B 92 -52.51 0.41 -8.96
CA MET B 92 -51.94 1.67 -9.42
C MET B 92 -53.01 2.75 -9.41
N PHE B 93 -52.73 3.85 -8.73
CA PHE B 93 -53.69 4.94 -8.64
C PHE B 93 -53.82 5.67 -9.98
N GLU B 94 -54.90 6.43 -10.10
CA GLU B 94 -55.17 7.13 -11.35
C GLU B 94 -54.08 8.16 -11.65
N TRP B 95 -53.60 8.85 -10.62
CA TRP B 95 -52.60 9.90 -10.85
C TRP B 95 -51.30 9.34 -11.40
N GLN B 96 -50.88 8.16 -10.91
CA GLN B 96 -49.66 7.55 -11.41
C GLN B 96 -49.79 7.17 -12.88
N ALA B 97 -50.92 6.57 -13.25
CA ALA B 97 -51.13 6.20 -14.65
C ALA B 97 -51.20 7.43 -15.54
N GLU B 98 -51.86 8.49 -15.06
CA GLU B 98 -51.93 9.73 -15.85
C GLU B 98 -50.56 10.36 -16.02
N CYS B 99 -49.74 10.35 -14.96
CA CYS B 99 -48.38 10.87 -15.07
C CYS B 99 -47.55 10.06 -16.04
N LEU B 100 -47.68 8.73 -16.00
CA LEU B 100 -46.95 7.87 -16.91
C LEU B 100 -47.54 7.84 -18.31
N LEU B 101 -48.71 8.45 -18.51
CA LEU B 101 -49.32 8.58 -19.82
C LEU B 101 -49.46 10.05 -20.21
N LEU B 102 -48.44 10.85 -19.89
CA LEU B 102 -48.44 12.28 -20.21
C LEU B 102 -47.88 12.50 -21.62
N GLY B 103 -48.44 11.77 -22.57
CA GLY B 103 -48.07 11.92 -23.96
C GLY B 103 -46.71 11.36 -24.33
N GLN B 104 -45.77 12.25 -24.58
CA GLN B 104 -44.46 11.92 -25.14
C GLN B 104 -43.35 11.82 -24.09
N VAL B 105 -43.72 11.77 -22.81
CA VAL B 105 -42.72 11.78 -21.73
C VAL B 105 -41.82 10.54 -21.81
N LEU B 106 -42.41 9.38 -22.12
CA LEU B 106 -41.71 8.12 -21.92
C LEU B 106 -40.46 7.98 -22.79
N GLU B 107 -40.51 8.39 -24.05
CA GLU B 107 -39.46 8.04 -25.01
C GLU B 107 -38.33 9.06 -25.08
N GLY B 108 -38.02 9.75 -23.97
CA GLY B 108 -36.81 10.55 -23.93
C GLY B 108 -36.91 11.89 -23.24
N LYS B 109 -38.07 12.52 -23.26
CA LYS B 109 -38.22 13.83 -22.65
C LYS B 109 -38.26 13.72 -21.13
N ASN B 110 -37.64 14.69 -20.46
CA ASN B 110 -37.60 14.70 -19.02
C ASN B 110 -38.99 15.02 -18.44
N LEU B 111 -39.16 14.69 -17.15
CA LEU B 111 -40.45 14.81 -16.50
C LEU B 111 -40.26 15.31 -15.08
N VAL B 112 -41.20 16.16 -14.63
CA VAL B 112 -41.24 16.64 -13.26
C VAL B 112 -42.69 16.60 -12.79
N TYR B 113 -42.93 15.99 -11.63
CA TYR B 113 -44.27 15.85 -11.10
C TYR B 113 -44.26 16.04 -9.60
N SER B 114 -45.43 16.41 -9.07
CA SER B 114 -45.62 16.63 -7.64
C SER B 114 -46.77 15.77 -7.13
N ALA B 115 -46.61 15.25 -5.93
CA ALA B 115 -47.64 14.44 -5.29
C ALA B 115 -47.40 14.47 -3.78
N PRO B 116 -48.43 14.21 -2.97
CA PRO B 116 -48.22 14.14 -1.53
C PRO B 116 -47.25 13.03 -1.15
N THR B 117 -46.69 13.15 0.05
CA THR B 117 -45.60 12.28 0.47
C THR B 117 -45.98 10.81 0.50
N SER B 118 -47.27 10.50 0.63
CA SER B 118 -47.73 9.11 0.66
C SER B 118 -48.54 8.72 -0.57
N ALA B 119 -48.47 9.51 -1.65
CA ALA B 119 -49.28 9.26 -2.83
C ALA B 119 -48.71 8.20 -3.75
N GLY B 120 -47.50 7.72 -3.48
CA GLY B 120 -46.88 6.74 -4.36
C GLY B 120 -45.95 7.38 -5.36
N LYS B 121 -45.13 8.32 -4.89
CA LYS B 121 -44.24 9.05 -5.79
C LYS B 121 -43.16 8.14 -6.36
N THR B 122 -42.69 7.17 -5.58
CA THR B 122 -41.57 6.34 -6.02
C THR B 122 -41.94 5.49 -7.24
N LEU B 123 -43.18 4.98 -7.28
CA LEU B 123 -43.53 3.96 -8.27
C LEU B 123 -43.41 4.47 -9.69
N VAL B 124 -43.81 5.73 -9.94
CA VAL B 124 -43.70 6.30 -11.28
C VAL B 124 -42.23 6.35 -11.71
N ALA B 125 -41.35 6.79 -10.80
CA ALA B 125 -39.93 6.85 -11.12
C ALA B 125 -39.36 5.46 -11.36
N GLU B 126 -39.78 4.48 -10.55
CA GLU B 126 -39.28 3.11 -10.74
C GLU B 126 -39.71 2.55 -12.09
N LEU B 127 -40.97 2.77 -12.46
CA LEU B 127 -41.44 2.30 -13.76
C LEU B 127 -40.67 2.98 -14.90
N LEU B 128 -40.44 4.29 -14.76
CA LEU B 128 -39.71 5.00 -15.82
C LEU B 128 -38.27 4.51 -15.93
N ILE B 129 -37.59 4.29 -14.80
CA ILE B 129 -36.20 3.85 -14.87
C ILE B 129 -36.12 2.43 -15.40
N LEU B 130 -37.08 1.58 -15.03
CA LEU B 130 -37.14 0.23 -15.62
C LEU B 130 -37.31 0.30 -17.12
N LYS B 131 -38.25 1.11 -17.60
CA LYS B 131 -38.47 1.21 -19.04
C LYS B 131 -37.22 1.72 -19.76
N ARG B 132 -36.57 2.74 -19.19
CA ARG B 132 -35.35 3.26 -19.80
C ARG B 132 -34.24 2.21 -19.82
N VAL B 133 -34.11 1.45 -18.73
CA VAL B 133 -33.01 0.49 -18.63
C VAL B 133 -33.20 -0.66 -19.62
N LEU B 134 -34.39 -1.26 -19.65
CA LEU B 134 -34.56 -2.40 -20.54
C LEU B 134 -34.80 -1.98 -21.99
N GLU B 135 -35.14 -0.72 -22.24
CA GLU B 135 -35.29 -0.27 -23.62
C GLU B 135 -33.94 0.07 -24.24
N MET B 136 -33.22 1.02 -23.65
CA MET B 136 -31.88 1.40 -24.09
C MET B 136 -30.92 1.17 -22.92
N ARG B 137 -30.03 0.21 -23.07
CA ARG B 137 -29.08 -0.12 -22.01
C ARG B 137 -28.16 1.07 -21.73
N LYS B 138 -28.34 1.70 -20.57
CA LYS B 138 -27.55 2.87 -20.19
C LYS B 138 -27.62 3.04 -18.69
N LYS B 139 -26.52 3.47 -18.09
CA LYS B 139 -26.47 3.68 -16.65
C LYS B 139 -27.47 4.75 -16.23
N ALA B 140 -28.23 4.45 -15.19
CA ALA B 140 -29.26 5.36 -14.69
C ALA B 140 -28.93 5.76 -13.26
N LEU B 141 -28.89 7.07 -13.00
CA LEU B 141 -28.63 7.57 -11.67
C LEU B 141 -29.90 7.48 -10.82
N PHE B 142 -29.70 7.66 -9.50
CA PHE B 142 -30.81 7.74 -8.56
C PHE B 142 -30.36 8.62 -7.41
N ILE B 143 -30.77 9.88 -7.43
CA ILE B 143 -30.29 10.90 -6.50
C ILE B 143 -31.26 11.01 -5.33
N LEU B 144 -30.73 10.89 -4.12
CA LEU B 144 -31.50 11.04 -2.89
C LEU B 144 -30.78 12.00 -1.96
N PRO B 145 -31.52 12.76 -1.14
CA PRO B 145 -30.90 13.84 -0.38
C PRO B 145 -30.09 13.39 0.83
N PHE B 146 -30.52 12.32 1.50
CA PHE B 146 -29.91 11.89 2.75
C PHE B 146 -29.26 10.53 2.60
N VAL B 147 -28.27 10.28 3.46
CA VAL B 147 -27.50 9.03 3.38
C VAL B 147 -28.35 7.85 3.81
N SER B 148 -29.13 8.00 4.89
CA SER B 148 -29.95 6.90 5.37
C SER B 148 -31.02 6.51 4.37
N VAL B 149 -31.71 7.50 3.81
CA VAL B 149 -32.73 7.19 2.81
C VAL B 149 -32.09 6.65 1.54
N ALA B 150 -30.86 7.09 1.23
CA ALA B 150 -30.15 6.54 0.08
C ALA B 150 -29.83 5.07 0.29
N LYS B 151 -29.38 4.70 1.49
CA LYS B 151 -29.12 3.30 1.80
C LYS B 151 -30.40 2.48 1.72
N GLU B 152 -31.49 3.01 2.27
CA GLU B 152 -32.76 2.30 2.21
C GLU B 152 -33.22 2.10 0.78
N LYS B 153 -33.09 3.14 -0.05
CA LYS B 153 -33.49 3.04 -1.45
C LYS B 153 -32.62 2.05 -2.21
N LYS B 154 -31.31 2.06 -1.96
CA LYS B 154 -30.42 1.10 -2.62
C LYS B 154 -30.79 -0.32 -2.24
N TYR B 155 -31.04 -0.57 -0.95
CA TYR B 155 -31.41 -1.92 -0.53
C TYR B 155 -32.74 -2.34 -1.11
N TYR B 156 -33.72 -1.43 -1.17
CA TYR B 156 -35.01 -1.75 -1.79
C TYR B 156 -34.84 -2.07 -3.27
N LEU B 157 -34.02 -1.27 -3.98
CA LEU B 157 -33.83 -1.52 -5.40
C LEU B 157 -33.10 -2.83 -5.64
N GLN B 158 -32.13 -3.17 -4.79
CA GLN B 158 -31.47 -4.47 -4.90
C GLN B 158 -32.45 -5.61 -4.65
N SER B 159 -33.27 -5.49 -3.60
CA SER B 159 -34.26 -6.51 -3.29
C SER B 159 -35.33 -6.61 -4.36
N LEU B 160 -35.48 -5.58 -5.19
CA LEU B 160 -36.40 -5.65 -6.32
C LEU B 160 -35.73 -6.15 -7.59
N PHE B 161 -34.41 -5.98 -7.73
CA PHE B 161 -33.73 -6.16 -9.00
C PHE B 161 -32.63 -7.22 -8.95
N GLN B 162 -32.66 -8.13 -7.97
CA GLN B 162 -31.64 -9.18 -7.95
C GLN B 162 -31.58 -9.92 -9.28
N GLU B 163 -32.71 -10.42 -9.76
CA GLU B 163 -32.72 -11.39 -10.85
C GLU B 163 -32.49 -10.74 -12.21
N VAL B 164 -32.98 -9.52 -12.40
CA VAL B 164 -32.98 -8.88 -13.71
C VAL B 164 -31.58 -8.66 -14.27
N GLY B 165 -30.55 -8.76 -13.43
CA GLY B 165 -29.20 -8.48 -13.86
C GLY B 165 -28.81 -7.03 -13.79
N ILE B 166 -29.72 -6.15 -13.37
CA ILE B 166 -29.43 -4.73 -13.22
C ILE B 166 -28.63 -4.57 -11.92
N LYS B 167 -27.31 -4.51 -12.04
CA LYS B 167 -26.45 -4.41 -10.87
C LYS B 167 -26.59 -3.01 -10.26
N VAL B 168 -27.12 -2.94 -9.05
CA VAL B 168 -27.35 -1.66 -8.37
C VAL B 168 -26.38 -1.55 -7.21
N ASP B 169 -25.85 -0.34 -7.02
CA ASP B 169 -24.94 -0.05 -5.92
C ASP B 169 -24.90 1.47 -5.77
N GLY B 170 -24.56 1.93 -4.58
CA GLY B 170 -24.62 3.34 -4.30
C GLY B 170 -23.33 3.97 -3.81
N TYR B 171 -23.22 5.30 -3.94
CA TYR B 171 -22.06 6.06 -3.51
C TYR B 171 -22.55 7.01 -2.42
N MET B 172 -22.57 6.52 -1.18
CA MET B 172 -23.06 7.30 -0.04
C MET B 172 -21.88 7.69 0.83
N GLY B 173 -21.25 8.81 0.50
CA GLY B 173 -20.18 9.36 1.31
C GLY B 173 -18.99 8.45 1.47
N SER B 174 -18.82 7.91 2.68
CA SER B 174 -17.64 7.12 3.00
C SER B 174 -17.56 5.86 2.15
N THR B 175 -18.68 5.15 1.98
CA THR B 175 -18.64 3.88 1.26
C THR B 175 -18.47 4.11 -0.23
N SER B 176 -17.75 3.19 -0.88
CA SER B 176 -17.55 3.22 -2.32
C SER B 176 -17.70 1.81 -2.88
N PRO B 177 -18.29 1.68 -4.07
CA PRO B 177 -18.47 0.35 -4.65
C PRO B 177 -17.15 -0.33 -4.94
N SER B 178 -17.11 -1.65 -4.72
CA SER B 178 -15.93 -2.43 -5.11
C SER B 178 -15.87 -2.58 -6.63
N ARG B 179 -17.00 -2.85 -7.26
CA ARG B 179 -17.07 -2.97 -8.71
C ARG B 179 -17.04 -1.59 -9.35
N HIS B 180 -16.51 -1.53 -10.57
CA HIS B 180 -16.41 -0.27 -11.28
C HIS B 180 -17.79 0.22 -11.73
N PHE B 181 -17.87 1.52 -11.99
CA PHE B 181 -19.15 2.11 -12.41
C PHE B 181 -19.62 1.54 -13.74
N SER B 182 -18.69 1.15 -14.61
CA SER B 182 -19.08 0.54 -15.88
C SER B 182 -19.83 -0.77 -15.66
N SER B 183 -19.41 -1.57 -14.68
CA SER B 183 -20.13 -2.78 -14.35
C SER B 183 -21.51 -2.46 -13.75
N LEU B 184 -21.61 -1.36 -13.01
CA LEU B 184 -22.88 -0.98 -12.40
C LEU B 184 -23.88 -0.53 -13.46
N ASP B 185 -25.15 -0.58 -13.07
CA ASP B 185 -26.23 -0.14 -13.96
C ASP B 185 -27.12 0.92 -13.33
N ILE B 186 -27.38 0.84 -12.02
CA ILE B 186 -28.14 1.84 -11.30
C ILE B 186 -27.28 2.32 -10.14
N ALA B 187 -27.06 3.62 -10.04
CA ALA B 187 -26.25 4.22 -8.99
C ALA B 187 -27.18 5.01 -8.07
N VAL B 188 -27.57 4.39 -6.95
CA VAL B 188 -28.39 5.05 -5.96
C VAL B 188 -27.49 5.92 -5.10
N CYS B 189 -27.32 7.19 -5.49
CA CYS B 189 -26.27 8.04 -4.97
C CYS B 189 -26.86 9.26 -4.26
N THR B 190 -26.17 9.71 -3.22
CA THR B 190 -26.50 10.97 -2.59
C THR B 190 -26.03 12.13 -3.45
N ILE B 191 -26.57 13.32 -3.17
CA ILE B 191 -26.29 14.49 -4.00
C ILE B 191 -24.81 14.82 -3.97
N GLU B 192 -24.21 14.81 -2.78
CA GLU B 192 -22.82 15.22 -2.64
C GLU B 192 -21.87 14.34 -3.43
N ARG B 193 -22.20 13.05 -3.58
CA ARG B 193 -21.38 12.16 -4.38
C ARG B 193 -21.90 11.95 -5.79
N ALA B 194 -23.19 12.19 -6.03
CA ALA B 194 -23.69 12.20 -7.40
C ALA B 194 -23.05 13.31 -8.21
N ASN B 195 -22.84 14.48 -7.57
CA ASN B 195 -22.13 15.55 -8.24
C ASN B 195 -20.71 15.12 -8.63
N GLY B 196 -20.01 14.45 -7.71
CA GLY B 196 -18.67 13.98 -8.03
C GLY B 196 -18.66 12.93 -9.11
N LEU B 197 -19.62 12.01 -9.09
CA LEU B 197 -19.70 10.98 -10.12
C LEU B 197 -19.95 11.60 -11.50
N ILE B 198 -20.87 12.56 -11.57
CA ILE B 198 -21.14 13.20 -12.85
C ILE B 198 -19.95 14.04 -13.30
N ASN B 199 -19.23 14.66 -12.37
CA ASN B 199 -18.01 15.38 -12.72
C ASN B 199 -16.97 14.43 -13.29
N ARG B 200 -16.82 13.25 -12.69
CA ARG B 200 -15.90 12.25 -13.22
C ARG B 200 -16.32 11.79 -14.61
N LEU B 201 -17.62 11.56 -14.80
CA LEU B 201 -18.11 11.13 -16.12
C LEU B 201 -17.87 12.20 -17.18
N ILE B 202 -18.11 13.47 -16.83
CA ILE B 202 -17.91 14.55 -17.79
C ILE B 202 -16.43 14.80 -18.03
N GLU B 203 -15.57 14.44 -17.08
CA GLU B 203 -14.14 14.70 -17.21
C GLU B 203 -13.54 13.91 -18.36
N GLU B 204 -13.52 12.58 -18.25
CA GLU B 204 -12.93 11.74 -19.30
C GLU B 204 -13.99 11.22 -20.27
N ASN B 205 -14.85 12.13 -20.75
CA ASN B 205 -15.78 11.91 -21.85
C ASN B 205 -16.41 10.51 -21.83
N LYS B 206 -17.09 10.21 -20.73
CA LYS B 206 -17.82 8.95 -20.58
C LYS B 206 -19.32 9.18 -20.49
N MET B 207 -19.83 10.22 -21.15
CA MET B 207 -21.22 10.61 -21.02
C MET B 207 -22.18 9.61 -21.68
N ASP B 208 -21.70 8.79 -22.61
CA ASP B 208 -22.59 7.88 -23.33
C ASP B 208 -23.18 6.82 -22.40
N LEU B 209 -22.48 6.47 -21.32
CA LEU B 209 -23.00 5.48 -20.39
C LEU B 209 -24.27 5.96 -19.71
N LEU B 210 -24.28 7.22 -19.28
CA LEU B 210 -25.44 7.76 -18.56
C LEU B 210 -26.63 7.91 -19.51
N GLY B 211 -27.80 7.50 -19.04
CA GLY B 211 -29.00 7.58 -19.85
C GLY B 211 -30.19 8.22 -19.15
N MET B 212 -30.10 8.36 -17.83
CA MET B 212 -31.22 8.91 -17.06
C MET B 212 -30.79 9.29 -15.65
N VAL B 213 -31.14 10.49 -15.20
CA VAL B 213 -30.84 10.97 -13.86
C VAL B 213 -32.15 11.16 -13.14
N VAL B 214 -32.34 10.42 -12.04
CA VAL B 214 -33.55 10.50 -11.24
C VAL B 214 -33.23 11.26 -9.95
N VAL B 215 -34.02 12.28 -9.66
CA VAL B 215 -33.79 13.15 -8.51
C VAL B 215 -34.98 13.08 -7.57
N ASP B 216 -34.70 12.95 -6.28
CA ASP B 216 -35.73 12.89 -5.25
C ASP B 216 -35.71 14.21 -4.47
N GLU B 217 -36.91 14.74 -4.19
CA GLU B 217 -37.08 16.01 -3.49
C GLU B 217 -36.39 17.15 -4.24
N LEU B 218 -36.94 17.44 -5.42
CA LEU B 218 -36.44 18.55 -6.22
C LEU B 218 -36.48 19.87 -5.46
N HIS B 219 -37.43 20.03 -4.55
CA HIS B 219 -37.62 21.30 -3.86
C HIS B 219 -36.45 21.67 -2.97
N MET B 220 -35.54 20.73 -2.70
CA MET B 220 -34.38 21.02 -1.85
C MET B 220 -33.39 21.97 -2.51
N LEU B 221 -33.47 22.17 -3.83
CA LEU B 221 -32.51 23.03 -4.52
C LEU B 221 -32.61 24.50 -4.10
N GLY B 222 -33.52 24.85 -3.20
CA GLY B 222 -33.61 26.21 -2.71
C GLY B 222 -32.57 26.51 -1.65
N ASP B 223 -33.00 27.13 -0.55
CA ASP B 223 -32.08 27.45 0.54
C ASP B 223 -31.76 26.17 1.30
N SER B 224 -30.63 25.55 0.95
CA SER B 224 -30.21 24.30 1.57
C SER B 224 -28.70 24.18 1.47
N HIS B 225 -28.15 23.32 2.33
CA HIS B 225 -26.70 23.12 2.35
C HIS B 225 -26.20 22.23 1.22
N ARG B 226 -27.08 21.41 0.63
CA ARG B 226 -26.67 20.51 -0.45
C ARG B 226 -27.61 20.53 -1.65
N GLY B 227 -28.73 21.24 -1.58
CA GLY B 227 -29.60 21.34 -2.74
C GLY B 227 -28.99 22.14 -3.88
N TYR B 228 -28.10 23.07 -3.55
CA TYR B 228 -27.42 23.83 -4.60
C TYR B 228 -26.50 22.94 -5.42
N LEU B 229 -25.90 21.92 -4.79
CA LEU B 229 -25.13 20.94 -5.55
C LEU B 229 -26.02 20.21 -6.55
N LEU B 230 -27.24 19.87 -6.14
CA LEU B 230 -28.21 19.29 -7.07
C LEU B 230 -28.54 20.25 -8.20
N GLU B 231 -28.68 21.53 -7.88
CA GLU B 231 -28.94 22.54 -8.90
C GLU B 231 -27.82 22.58 -9.93
N LEU B 232 -26.57 22.61 -9.45
CA LEU B 232 -25.43 22.66 -10.37
C LEU B 232 -25.35 21.39 -11.21
N LEU B 233 -25.62 20.24 -10.58
CA LEU B 233 -25.60 18.98 -11.32
C LEU B 233 -26.62 18.99 -12.44
N LEU B 234 -27.86 19.39 -12.13
CA LEU B 234 -28.92 19.36 -13.14
C LEU B 234 -28.66 20.39 -14.23
N THR B 235 -28.15 21.57 -13.88
CA THR B 235 -27.86 22.55 -14.91
C THR B 235 -26.69 22.12 -15.78
N LYS B 236 -25.71 21.41 -15.22
CA LYS B 236 -24.64 20.85 -16.03
C LYS B 236 -25.17 19.82 -17.01
N ILE B 237 -26.06 18.94 -16.54
CA ILE B 237 -26.64 17.93 -17.41
C ILE B 237 -27.44 18.59 -18.53
N CYS B 238 -28.25 19.60 -18.18
CA CYS B 238 -29.06 20.28 -19.19
C CYS B 238 -28.18 20.99 -20.21
N TYR B 239 -27.12 21.67 -19.76
CA TYR B 239 -26.24 22.37 -20.69
C TYR B 239 -25.51 21.38 -21.59
N ILE B 240 -25.09 20.25 -21.05
CA ILE B 240 -24.43 19.24 -21.87
C ILE B 240 -25.40 18.70 -22.93
N THR B 241 -26.65 18.45 -22.54
CA THR B 241 -27.63 17.98 -23.51
C THR B 241 -27.88 19.01 -24.59
N ARG B 242 -28.01 20.29 -24.20
CA ARG B 242 -28.26 21.35 -25.19
C ARG B 242 -27.09 21.52 -26.13
N LYS B 243 -25.86 21.48 -25.61
CA LYS B 243 -24.68 21.68 -26.44
C LYS B 243 -24.45 20.53 -27.41
N SER B 244 -24.89 19.33 -27.08
CA SER B 244 -24.68 18.17 -27.94
C SER B 244 -25.65 18.14 -29.11
N ALA B 245 -26.72 18.92 -29.08
CA ALA B 245 -27.70 18.95 -30.15
C ALA B 245 -27.42 20.01 -31.20
N SER B 246 -26.34 20.78 -31.04
CA SER B 246 -26.00 21.84 -32.00
C SER B 246 -25.56 21.26 -33.33
N SER B 256 -35.83 9.98 -27.40
CA SER B 256 -35.73 11.22 -28.16
C SER B 256 -34.58 12.08 -27.62
N ASN B 257 -34.17 11.80 -26.39
CA ASN B 257 -33.12 12.56 -25.72
C ASN B 257 -32.18 11.59 -25.05
N ALA B 258 -30.92 12.02 -24.90
CA ALA B 258 -29.90 11.13 -24.34
C ALA B 258 -30.16 10.81 -22.87
N VAL B 259 -30.39 11.83 -22.05
CA VAL B 259 -30.53 11.64 -20.60
C VAL B 259 -31.86 12.23 -20.16
N GLN B 260 -32.68 11.42 -19.49
CA GLN B 260 -33.99 11.82 -19.03
C GLN B 260 -33.94 12.13 -17.54
N ILE B 261 -34.39 13.32 -17.17
CA ILE B 261 -34.36 13.78 -15.78
C ILE B 261 -35.78 13.68 -15.24
N VAL B 262 -36.00 12.73 -14.34
CA VAL B 262 -37.30 12.49 -13.74
C VAL B 262 -37.19 12.77 -12.25
N GLY B 263 -38.07 13.64 -11.74
CA GLY B 263 -37.98 14.07 -10.37
C GLY B 263 -39.34 14.07 -9.69
N MET B 264 -39.28 14.03 -8.35
CA MET B 264 -40.46 14.05 -7.51
C MET B 264 -40.32 15.17 -6.48
N SER B 265 -41.46 15.77 -6.13
CA SER B 265 -41.46 16.91 -5.21
C SER B 265 -42.79 16.96 -4.47
N ALA B 266 -42.83 17.78 -3.43
CA ALA B 266 -44.06 18.08 -2.73
C ALA B 266 -44.84 19.12 -3.52
N THR B 267 -45.85 19.74 -2.90
CA THR B 267 -46.70 20.72 -3.58
C THR B 267 -45.91 22.01 -3.75
N LEU B 268 -45.01 22.00 -4.71
CA LEU B 268 -44.22 23.19 -5.01
C LEU B 268 -45.08 24.22 -5.73
N PRO B 269 -45.24 25.43 -5.19
CA PRO B 269 -46.10 26.42 -5.86
C PRO B 269 -45.61 26.84 -7.23
N ASN B 270 -44.29 26.88 -7.45
CA ASN B 270 -43.72 27.34 -8.71
C ASN B 270 -43.07 26.20 -9.49
N LEU B 271 -43.68 25.01 -9.45
CA LEU B 271 -43.13 23.88 -10.17
C LEU B 271 -43.20 24.06 -11.68
N GLU B 272 -44.10 24.90 -12.18
CA GLU B 272 -44.14 25.20 -13.61
C GLU B 272 -42.84 25.84 -14.07
N LEU B 273 -42.32 26.78 -13.28
CA LEU B 273 -41.04 27.41 -13.64
C LEU B 273 -39.91 26.40 -13.56
N VAL B 274 -39.95 25.49 -12.58
CA VAL B 274 -38.97 24.42 -12.52
C VAL B 274 -39.11 23.48 -13.69
N ALA B 275 -40.35 23.13 -14.05
CA ALA B 275 -40.58 22.25 -15.19
C ALA B 275 -40.09 22.87 -16.48
N SER B 276 -40.31 24.19 -16.65
CA SER B 276 -39.80 24.88 -17.83
C SER B 276 -38.29 25.06 -17.79
N TRP B 277 -37.68 24.99 -16.60
CA TRP B 277 -36.23 25.10 -16.50
C TRP B 277 -35.55 23.94 -17.22
N LEU B 278 -36.09 22.73 -17.08
CA LEU B 278 -35.64 21.58 -17.85
C LEU B 278 -36.55 21.29 -19.03
N ASN B 279 -37.45 22.22 -19.37
CA ASN B 279 -38.42 22.09 -20.46
C ASN B 279 -39.26 20.83 -20.34
N ALA B 280 -39.34 20.27 -19.13
CA ALA B 280 -40.07 19.03 -18.90
C ALA B 280 -41.56 19.28 -18.75
N GLU B 281 -42.35 18.27 -19.09
CA GLU B 281 -43.78 18.33 -18.89
C GLU B 281 -44.11 18.19 -17.41
N LEU B 282 -45.16 18.89 -16.98
CA LEU B 282 -45.53 18.95 -15.57
C LEU B 282 -46.89 18.30 -15.34
N TYR B 283 -46.96 17.47 -14.29
CA TYR B 283 -48.22 16.91 -13.83
C TYR B 283 -48.27 17.02 -12.31
N HIS B 284 -49.06 17.97 -11.81
CA HIS B 284 -49.21 18.18 -10.38
C HIS B 284 -50.54 17.60 -9.93
N THR B 285 -50.50 16.82 -8.85
CA THR B 285 -51.70 16.17 -8.32
C THR B 285 -51.71 16.29 -6.81
N ASP B 286 -52.91 16.16 -6.23
CA ASP B 286 -53.10 16.20 -4.79
C ASP B 286 -53.78 14.95 -4.27
N PHE B 287 -53.65 13.84 -4.99
CA PHE B 287 -54.27 12.59 -4.57
C PHE B 287 -53.60 12.05 -3.31
N ARG B 288 -54.40 11.55 -2.39
CA ARG B 288 -53.91 10.96 -1.15
C ARG B 288 -54.60 9.63 -0.94
N PRO B 289 -53.86 8.57 -0.59
CA PRO B 289 -54.53 7.27 -0.33
C PRO B 289 -55.55 7.35 0.79
N VAL B 290 -55.28 8.12 1.83
CA VAL B 290 -56.23 8.36 2.91
C VAL B 290 -56.36 9.86 3.13
N PRO B 291 -57.55 10.35 3.47
CA PRO B 291 -57.69 11.78 3.78
C PRO B 291 -56.85 12.17 4.99
N LEU B 292 -56.40 13.42 4.98
CA LEU B 292 -55.65 13.99 6.10
C LEU B 292 -56.49 15.08 6.74
N LEU B 293 -56.72 14.97 8.04
CA LEU B 293 -57.54 15.92 8.79
C LEU B 293 -56.63 16.60 9.81
N GLU B 294 -55.96 17.67 9.38
CA GLU B 294 -55.14 18.46 10.29
C GLU B 294 -56.02 19.19 11.29
N SER B 295 -55.52 19.34 12.52
CA SER B 295 -56.32 19.92 13.59
C SER B 295 -55.41 20.60 14.60
N VAL B 296 -56.01 21.48 15.41
CA VAL B 296 -55.31 22.24 16.42
C VAL B 296 -56.08 22.08 17.73
N LYS B 297 -55.37 22.29 18.85
CA LYS B 297 -55.93 22.10 20.18
C LYS B 297 -56.24 23.45 20.82
N VAL B 298 -57.34 23.48 21.59
CA VAL B 298 -57.65 24.62 22.44
C VAL B 298 -58.21 24.12 23.76
N GLY B 299 -57.37 24.11 24.80
CA GLY B 299 -57.79 23.60 26.09
C GLY B 299 -58.25 22.17 26.03
N ASN B 300 -59.56 21.96 26.19
CA ASN B 300 -60.18 20.65 26.07
C ASN B 300 -61.04 20.55 24.82
N SER B 301 -60.63 21.22 23.74
CA SER B 301 -61.36 21.21 22.48
C SER B 301 -60.37 21.15 21.33
N ILE B 302 -60.81 20.57 20.22
CA ILE B 302 -59.99 20.41 19.02
C ILE B 302 -60.66 21.15 17.87
N TYR B 303 -59.89 22.01 17.20
CA TYR B 303 -60.38 22.79 16.07
C TYR B 303 -59.70 22.32 14.78
N ASP B 304 -60.47 22.29 13.70
CA ASP B 304 -59.97 21.83 12.41
C ASP B 304 -59.09 22.90 11.78
N SER B 305 -58.67 22.67 10.54
CA SER B 305 -57.76 23.59 9.87
C SER B 305 -58.39 24.96 9.67
N SER B 306 -59.65 25.01 9.25
CA SER B 306 -60.31 26.27 8.93
C SER B 306 -61.07 26.83 10.12
N MET B 307 -60.39 26.92 11.27
CA MET B 307 -60.92 27.58 12.46
C MET B 307 -62.30 27.06 12.83
N LYS B 308 -62.47 25.74 12.75
CA LYS B 308 -63.75 25.10 13.01
C LYS B 308 -63.57 23.95 13.99
N LEU B 309 -64.43 23.91 15.01
CA LEU B 309 -64.41 22.80 15.96
C LEU B 309 -64.94 21.54 15.29
N VAL B 310 -64.22 20.43 15.44
CA VAL B 310 -64.61 19.18 14.84
C VAL B 310 -64.93 18.11 15.89
N ARG B 311 -64.30 18.15 17.06
CA ARG B 311 -64.57 17.17 18.11
C ARG B 311 -64.25 17.81 19.45
N GLU B 312 -65.16 17.61 20.42
CA GLU B 312 -64.96 18.11 21.78
C GLU B 312 -64.05 17.15 22.52
N PHE B 313 -62.82 17.58 22.79
CA PHE B 313 -61.86 16.74 23.48
C PHE B 313 -62.30 16.45 24.90
N GLU B 314 -62.03 15.21 25.35
CA GLU B 314 -62.26 14.81 26.72
C GLU B 314 -61.07 13.97 27.16
N PRO B 315 -60.58 14.15 28.38
CA PRO B 315 -59.47 13.32 28.85
C PRO B 315 -59.97 12.00 29.42
N MET B 316 -59.24 10.93 29.12
CA MET B 316 -59.58 9.61 29.61
C MET B 316 -58.95 9.34 30.97
N LEU B 317 -57.62 9.38 31.04
CA LEU B 317 -56.90 9.16 32.28
C LEU B 317 -55.59 9.95 32.24
N GLN B 318 -55.28 10.63 33.34
CA GLN B 318 -54.06 11.42 33.44
C GLN B 318 -53.66 11.52 34.90
N VAL B 319 -52.37 11.35 35.17
CA VAL B 319 -51.84 11.46 36.52
C VAL B 319 -50.56 12.30 36.51
N GLU B 323 -54.02 21.01 31.08
CA GLU B 323 -54.64 21.57 29.88
C GLU B 323 -54.13 20.88 28.62
N ASP B 324 -52.81 20.75 28.51
CA ASP B 324 -52.22 20.11 27.34
C ASP B 324 -52.64 18.64 27.26
N HIS B 325 -52.46 17.90 28.35
CA HIS B 325 -52.86 16.50 28.44
C HIS B 325 -52.30 15.68 27.28
N VAL B 326 -51.01 15.89 27.00
CA VAL B 326 -50.37 15.26 25.85
C VAL B 326 -50.32 13.74 25.98
N VAL B 327 -50.44 13.21 27.19
CA VAL B 327 -50.41 11.76 27.37
C VAL B 327 -51.74 11.11 26.98
N SER B 328 -52.84 11.88 26.97
CA SER B 328 -54.13 11.29 26.64
C SER B 328 -54.24 10.97 25.15
N LEU B 329 -53.79 11.89 24.29
CA LEU B 329 -53.88 11.68 22.85
C LEU B 329 -53.18 10.40 22.41
N CYS B 330 -52.05 10.09 23.04
CA CYS B 330 -51.45 8.78 22.81
C CYS B 330 -52.37 7.67 23.30
N TYR B 331 -53.00 7.87 24.46
CA TYR B 331 -53.80 6.81 25.08
C TYR B 331 -54.98 6.43 24.21
N GLU B 332 -55.73 7.42 23.70
CA GLU B 332 -56.92 7.11 22.92
C GLU B 332 -56.56 6.30 21.68
N THR B 333 -55.46 6.64 21.01
CA THR B 333 -55.01 5.84 19.89
C THR B 333 -54.51 4.47 20.33
N ILE B 334 -53.99 4.37 21.55
CA ILE B 334 -53.47 3.09 22.04
C ILE B 334 -54.60 2.09 22.22
N CYS B 335 -55.70 2.50 22.86
CA CYS B 335 -56.85 1.61 23.03
C CYS B 335 -57.51 1.26 21.71
N ASP B 336 -57.25 2.02 20.65
CA ASP B 336 -57.75 1.69 19.33
C ASP B 336 -56.80 0.79 18.55
N ASN B 337 -55.72 0.33 19.18
CA ASN B 337 -54.76 -0.58 18.57
C ASN B 337 -54.11 0.05 17.33
N HIS B 338 -53.44 1.18 17.56
CA HIS B 338 -52.72 1.88 16.52
C HIS B 338 -51.46 2.48 17.13
N SER B 339 -50.80 3.36 16.38
CA SER B 339 -49.54 3.95 16.80
C SER B 339 -49.62 5.47 16.72
N VAL B 340 -48.60 6.13 17.29
CA VAL B 340 -48.56 7.57 17.39
C VAL B 340 -47.13 8.05 17.25
N LEU B 341 -46.94 9.13 16.49
CA LEU B 341 -45.67 9.84 16.42
C LEU B 341 -45.80 11.14 17.20
N LEU B 342 -44.89 11.36 18.14
CA LEU B 342 -44.93 12.53 19.03
C LEU B 342 -43.65 13.33 18.81
N PHE B 343 -43.69 14.26 17.85
CA PHE B 343 -42.53 15.08 17.56
C PHE B 343 -42.33 16.13 18.65
N CYS B 344 -41.10 16.29 19.08
CA CYS B 344 -40.71 17.19 20.16
C CYS B 344 -39.59 18.11 19.69
N PRO B 345 -39.46 19.29 20.29
CA PRO B 345 -38.45 20.25 19.82
C PRO B 345 -37.01 19.81 20.08
N SER B 346 -36.71 19.36 21.29
CA SER B 346 -35.35 19.08 21.70
C SER B 346 -35.21 17.63 22.15
N LYS B 347 -33.96 17.15 22.13
CA LYS B 347 -33.68 15.78 22.57
C LYS B 347 -34.00 15.59 24.05
N LYS B 348 -33.65 16.57 24.88
CA LYS B 348 -33.94 16.46 26.31
C LYS B 348 -35.43 16.39 26.56
N TRP B 349 -36.22 17.12 25.79
CA TRP B 349 -37.67 17.01 25.87
C TRP B 349 -38.13 15.61 25.48
N CYS B 350 -37.48 15.02 24.46
CA CYS B 350 -37.86 13.68 24.02
C CYS B 350 -37.66 12.64 25.12
N GLU B 351 -36.53 12.73 25.83
CA GLU B 351 -36.29 11.80 26.94
C GLU B 351 -37.33 11.98 28.03
N LYS B 352 -37.66 13.23 28.36
CA LYS B 352 -38.65 13.49 29.40
C LYS B 352 -40.04 12.99 28.99
N LEU B 353 -40.42 13.24 27.73
CA LEU B 353 -41.76 12.87 27.29
C LEU B 353 -41.91 11.36 27.17
N ALA B 354 -40.89 10.67 26.64
CA ALA B 354 -40.95 9.22 26.54
C ALA B 354 -41.01 8.57 27.91
N ASP B 355 -40.25 9.09 28.87
CA ASP B 355 -40.30 8.57 30.23
C ASP B 355 -41.67 8.81 30.86
N ILE B 356 -42.28 9.97 30.61
CA ILE B 356 -43.57 10.30 31.21
C ILE B 356 -44.64 9.33 30.74
N ILE B 357 -44.71 9.11 29.42
CA ILE B 357 -45.76 8.26 28.87
C ILE B 357 -45.58 6.82 29.36
N ALA B 358 -44.34 6.37 29.50
CA ALA B 358 -44.08 5.03 30.00
C ALA B 358 -44.60 4.85 31.42
N ARG B 359 -44.41 5.87 32.27
CA ARG B 359 -44.88 5.77 33.65
C ARG B 359 -46.40 5.69 33.72
N GLU B 360 -47.09 6.47 32.88
CA GLU B 360 -48.56 6.40 32.85
C GLU B 360 -49.06 5.02 32.43
N PHE B 361 -48.30 4.30 31.61
CA PHE B 361 -48.70 2.96 31.22
C PHE B 361 -48.68 1.98 32.38
N TYR B 362 -48.03 2.32 33.49
CA TYR B 362 -48.09 1.49 34.69
C TYR B 362 -49.47 1.59 35.35
N ASN B 363 -49.85 2.79 35.78
CA ASN B 363 -51.08 2.94 36.55
C ASN B 363 -52.32 2.82 35.66
N LEU B 364 -52.27 3.37 34.45
CA LEU B 364 -53.44 3.43 33.59
C LEU B 364 -53.70 2.13 32.84
N HIS B 365 -52.80 1.15 32.91
CA HIS B 365 -53.00 -0.12 32.25
C HIS B 365 -52.76 -1.33 33.14
N HIS B 366 -52.18 -1.15 34.33
CA HIS B 366 -51.95 -2.26 35.25
C HIS B 366 -52.38 -1.97 36.67
N GLN B 367 -52.81 -0.74 36.98
CA GLN B 367 -53.26 -0.36 38.32
C GLN B 367 -52.20 -0.68 39.38
N ALA B 368 -50.95 -0.38 39.05
CA ALA B 368 -49.83 -0.62 39.96
C ALA B 368 -48.95 0.62 40.09
N GLU B 383 -46.81 -7.15 20.83
CA GLU B 383 -46.45 -8.48 21.33
C GLU B 383 -45.31 -8.39 22.34
N GLN B 384 -45.55 -8.93 23.54
CA GLN B 384 -44.54 -8.88 24.59
C GLN B 384 -43.30 -9.68 24.21
N LYS B 385 -43.48 -10.85 23.61
CA LYS B 385 -42.35 -11.69 23.24
C LYS B 385 -41.46 -11.00 22.21
N GLU B 386 -42.08 -10.40 21.18
CA GLU B 386 -41.30 -9.71 20.17
C GLU B 386 -40.69 -8.42 20.70
N LEU B 387 -41.35 -7.76 21.64
CA LEU B 387 -40.81 -6.53 22.21
C LEU B 387 -39.53 -6.81 22.99
N LEU B 388 -39.46 -7.96 23.66
CA LEU B 388 -38.23 -8.34 24.36
C LEU B 388 -37.09 -8.59 23.39
N GLU B 389 -37.41 -9.04 22.17
CA GLU B 389 -36.36 -9.23 21.16
C GLU B 389 -35.69 -7.91 20.81
N VAL B 390 -36.48 -6.84 20.71
CA VAL B 390 -35.90 -5.52 20.46
C VAL B 390 -34.95 -5.13 21.59
N MET B 391 -35.35 -5.40 22.83
CA MET B 391 -34.47 -5.14 23.97
C MET B 391 -33.19 -5.95 23.86
N ASP B 392 -33.30 -7.22 23.47
CA ASP B 392 -32.11 -8.06 23.33
C ASP B 392 -31.17 -7.52 22.26
N GLN B 393 -31.73 -7.05 21.14
CA GLN B 393 -30.90 -6.51 20.07
C GLN B 393 -30.13 -5.28 20.53
N LEU B 394 -30.75 -4.43 21.35
CA LEU B 394 -30.10 -3.24 21.86
C LEU B 394 -29.18 -3.52 23.05
N ARG B 395 -29.22 -4.74 23.59
CA ARG B 395 -28.43 -5.03 24.79
C ARG B 395 -26.96 -5.22 24.48
N ARG B 396 -26.64 -5.85 23.34
CA ARG B 396 -25.24 -6.06 22.97
C ARG B 396 -24.81 -5.17 21.81
N LEU B 397 -25.48 -4.04 21.62
CA LEU B 397 -25.00 -3.03 20.71
C LEU B 397 -23.70 -2.43 21.27
N PRO B 398 -22.78 -2.00 20.40
CA PRO B 398 -21.50 -1.44 20.88
C PRO B 398 -21.64 -0.41 21.98
N SER B 399 -22.73 0.37 21.99
CA SER B 399 -22.99 1.33 23.05
C SER B 399 -23.89 0.76 24.15
N GLY B 400 -24.28 -0.51 24.06
CA GLY B 400 -25.16 -1.06 25.06
C GLY B 400 -26.58 -0.53 24.92
N LEU B 401 -27.30 -0.55 26.03
CA LEU B 401 -28.67 -0.08 26.10
C LEU B 401 -28.72 1.25 26.86
N ASP B 402 -29.44 2.22 26.29
CA ASP B 402 -29.55 3.52 26.93
C ASP B 402 -30.31 3.41 28.24
N SER B 403 -29.91 4.22 29.22
CA SER B 403 -30.55 4.17 30.54
C SER B 403 -32.01 4.60 30.44
N VAL B 404 -32.30 5.65 29.68
CA VAL B 404 -33.68 6.11 29.54
C VAL B 404 -34.52 5.08 28.79
N LEU B 405 -33.93 4.44 27.78
CA LEU B 405 -34.64 3.41 27.03
C LEU B 405 -34.95 2.18 27.87
N GLN B 406 -34.19 1.95 28.94
CA GLN B 406 -34.41 0.77 29.76
C GLN B 406 -35.78 0.80 30.43
N LYS B 407 -36.19 1.97 30.90
CA LYS B 407 -37.45 2.12 31.63
C LYS B 407 -38.64 2.38 30.72
N THR B 408 -38.44 2.45 29.41
CA THR B 408 -39.51 2.83 28.50
C THR B 408 -39.81 1.79 27.43
N VAL B 409 -38.77 1.12 26.90
CA VAL B 409 -38.94 0.30 25.69
C VAL B 409 -40.02 -0.78 25.83
N PRO B 410 -40.02 -1.62 26.89
CA PRO B 410 -40.95 -2.76 26.87
C PRO B 410 -42.38 -2.38 27.21
N TRP B 411 -42.87 -1.28 26.64
CA TRP B 411 -44.25 -0.86 26.85
C TRP B 411 -44.88 -0.26 25.60
N GLY B 412 -44.20 -0.26 24.45
CA GLY B 412 -44.68 0.43 23.29
C GLY B 412 -44.37 1.91 23.26
N VAL B 413 -43.62 2.42 24.23
CA VAL B 413 -43.27 3.84 24.32
C VAL B 413 -41.76 3.96 24.26
N ALA B 414 -41.25 4.80 23.37
CA ALA B 414 -39.82 4.98 23.22
C ALA B 414 -39.56 6.38 22.68
N PHE B 415 -38.32 6.62 22.26
CA PHE B 415 -37.93 7.90 21.70
C PHE B 415 -36.80 7.68 20.69
N HIS B 416 -36.65 8.63 19.78
CA HIS B 416 -35.70 8.48 18.68
C HIS B 416 -35.32 9.86 18.18
N HIS B 417 -34.10 10.30 18.49
CA HIS B 417 -33.63 11.59 17.99
C HIS B 417 -32.18 11.52 17.52
N ALA B 418 -31.58 12.67 17.22
CA ALA B 418 -30.25 12.70 16.63
C ALA B 418 -29.19 12.15 17.59
N GLY B 419 -29.31 12.47 18.87
CA GLY B 419 -28.29 12.09 19.84
C GLY B 419 -28.15 10.60 20.07
N LEU B 420 -29.10 9.79 19.60
CA LEU B 420 -28.98 8.35 19.73
C LEU B 420 -28.02 7.79 18.69
N THR B 421 -27.65 6.52 18.88
CA THR B 421 -26.73 5.87 17.96
C THR B 421 -27.40 5.63 16.61
N PHE B 422 -26.58 5.55 15.57
CA PHE B 422 -27.09 5.26 14.24
C PHE B 422 -27.70 3.85 14.19
N GLU B 423 -27.08 2.90 14.88
CA GLU B 423 -27.66 1.55 14.96
C GLU B 423 -28.88 1.52 15.87
N GLU B 424 -28.85 2.30 16.96
CA GLU B 424 -30.01 2.37 17.85
C GLU B 424 -31.22 2.95 17.12
N ARG B 425 -31.01 3.97 16.30
CA ARG B 425 -32.11 4.58 15.57
C ARG B 425 -32.76 3.59 14.61
N ASP B 426 -31.95 2.77 13.95
CA ASP B 426 -32.50 1.83 12.97
C ASP B 426 -33.36 0.76 13.64
N ILE B 427 -32.95 0.31 14.83
CA ILE B 427 -33.76 -0.68 15.53
C ILE B 427 -35.05 -0.06 16.05
N ILE B 428 -34.97 1.13 16.63
CA ILE B 428 -36.17 1.80 17.14
C ILE B 428 -37.14 2.09 16.01
N GLU B 429 -36.62 2.61 14.89
CA GLU B 429 -37.46 2.81 13.72
C GLU B 429 -37.96 1.48 13.17
N GLY B 430 -37.10 0.47 13.16
CA GLY B 430 -37.50 -0.84 12.68
C GLY B 430 -38.61 -1.45 13.53
N ALA B 431 -38.57 -1.23 14.84
CA ALA B 431 -39.63 -1.72 15.71
C ALA B 431 -40.96 -1.05 15.39
N PHE B 432 -40.94 0.21 14.95
CA PHE B 432 -42.18 0.88 14.59
C PHE B 432 -42.80 0.27 13.34
N ARG B 433 -41.96 -0.14 12.37
CA ARG B 433 -42.48 -0.73 11.15
C ARG B 433 -43.24 -2.02 11.42
N GLN B 434 -42.80 -2.78 12.43
CA GLN B 434 -43.51 -3.97 12.85
C GLN B 434 -44.59 -3.68 13.89
N GLY B 435 -44.66 -2.46 14.39
CA GLY B 435 -45.65 -2.10 15.38
C GLY B 435 -45.29 -2.46 16.80
N LEU B 436 -44.08 -2.96 17.05
CA LEU B 436 -43.69 -3.35 18.40
C LEU B 436 -43.71 -2.15 19.35
N ILE B 437 -43.17 -1.01 18.91
CA ILE B 437 -43.25 0.22 19.66
C ILE B 437 -44.38 1.07 19.09
N ARG B 438 -45.24 1.58 19.97
CA ARG B 438 -46.45 2.25 19.55
C ARG B 438 -46.42 3.77 19.76
N VAL B 439 -45.41 4.29 20.45
CA VAL B 439 -45.25 5.73 20.64
C VAL B 439 -43.78 6.06 20.42
N LEU B 440 -43.51 7.06 19.58
CA LEU B 440 -42.15 7.54 19.32
C LEU B 440 -42.08 9.03 19.62
N ALA B 441 -41.29 9.39 20.63
CA ALA B 441 -41.00 10.79 20.93
C ALA B 441 -39.77 11.18 20.14
N ALA B 442 -39.99 11.72 18.94
CA ALA B 442 -38.92 12.05 18.01
C ALA B 442 -38.74 13.56 17.93
N THR B 443 -37.64 13.96 17.29
CA THR B 443 -37.34 15.35 17.01
C THR B 443 -37.63 15.66 15.54
N SER B 444 -37.23 16.84 15.10
CA SER B 444 -37.44 17.24 13.71
C SER B 444 -36.57 16.46 12.73
N THR B 445 -35.60 15.69 13.21
CA THR B 445 -34.74 14.93 12.30
C THR B 445 -35.50 13.81 11.60
N LEU B 446 -36.49 13.22 12.27
CA LEU B 446 -37.28 12.15 11.67
C LEU B 446 -38.18 12.66 10.54
N SER B 447 -38.36 13.97 10.41
CA SER B 447 -39.24 14.51 9.38
C SER B 447 -38.74 14.13 7.99
N SER B 448 -37.44 14.21 7.76
CA SER B 448 -36.85 13.90 6.46
C SER B 448 -36.27 12.50 6.40
N GLY B 449 -36.53 11.67 7.39
CA GLY B 449 -35.98 10.33 7.44
C GLY B 449 -36.70 9.36 6.52
N VAL B 450 -36.67 8.08 6.91
CA VAL B 450 -37.30 7.02 6.13
C VAL B 450 -38.80 7.13 6.20
N ASN B 451 -39.51 6.41 5.33
CA ASN B 451 -40.96 6.42 5.30
C ASN B 451 -41.50 5.70 6.53
N LEU B 452 -41.90 6.47 7.54
CA LEU B 452 -42.42 5.92 8.79
C LEU B 452 -43.89 6.29 8.93
N PRO B 453 -44.82 5.36 8.70
CA PRO B 453 -46.24 5.68 8.79
C PRO B 453 -46.77 5.55 10.21
N ALA B 454 -47.85 6.28 10.47
CA ALA B 454 -48.52 6.24 11.76
C ALA B 454 -49.96 6.67 11.58
N ARG B 455 -50.80 6.28 12.54
CA ARG B 455 -52.21 6.67 12.49
C ARG B 455 -52.40 8.12 12.92
N ARG B 456 -51.62 8.59 13.89
CA ARG B 456 -51.73 9.93 14.41
C ARG B 456 -50.34 10.55 14.53
N VAL B 457 -50.26 11.86 14.30
CA VAL B 457 -49.03 12.62 14.47
C VAL B 457 -49.33 13.80 15.38
N ILE B 458 -48.54 13.96 16.44
CA ILE B 458 -48.72 15.03 17.42
C ILE B 458 -47.43 15.83 17.50
N ILE B 459 -47.55 17.15 17.40
CA ILE B 459 -46.42 18.06 17.46
C ILE B 459 -46.59 18.93 18.70
N ARG B 460 -45.60 18.87 19.60
CA ARG B 460 -45.77 19.44 20.94
C ARG B 460 -45.83 20.97 20.90
N THR B 461 -44.88 21.60 20.22
CA THR B 461 -44.82 23.06 20.25
C THR B 461 -44.70 23.61 18.84
N PRO B 462 -45.24 24.82 18.61
CA PRO B 462 -45.02 25.50 17.32
C PRO B 462 -43.64 26.14 17.20
N ILE B 463 -42.89 26.22 18.29
CA ILE B 463 -41.56 26.81 18.29
C ILE B 463 -40.55 25.68 18.43
N PHE B 464 -39.60 25.62 17.49
CA PHE B 464 -38.55 24.60 17.49
C PHE B 464 -37.21 25.31 17.60
N GLY B 465 -36.58 25.21 18.77
CA GLY B 465 -35.29 25.85 19.00
C GLY B 465 -35.32 27.36 18.99
N GLY B 466 -36.37 27.96 19.55
CA GLY B 466 -36.48 29.40 19.63
C GLY B 466 -36.98 30.08 18.37
N ARG B 467 -37.30 29.32 17.33
CA ARG B 467 -37.77 29.89 16.07
C ARG B 467 -39.03 29.17 15.63
N PRO B 468 -39.90 29.84 14.86
CA PRO B 468 -41.10 29.17 14.36
C PRO B 468 -40.75 27.98 13.49
N LEU B 469 -41.55 26.92 13.60
CA LEU B 469 -41.30 25.70 12.86
C LEU B 469 -41.55 25.93 11.37
N ASP B 470 -40.63 25.42 10.54
CA ASP B 470 -40.70 25.64 9.10
C ASP B 470 -41.91 24.92 8.53
N ILE B 471 -42.53 25.54 7.53
CA ILE B 471 -43.69 24.94 6.88
C ILE B 471 -43.28 23.68 6.11
N LEU B 472 -42.10 23.70 5.48
CA LEU B 472 -41.62 22.53 4.77
C LEU B 472 -41.44 21.35 5.72
N THR B 473 -40.89 21.60 6.90
CA THR B 473 -40.79 20.54 7.92
C THR B 473 -42.18 20.08 8.35
N TYR B 474 -43.11 21.03 8.52
CA TYR B 474 -44.45 20.68 8.98
C TYR B 474 -45.16 19.76 8.00
N LYS B 475 -45.03 20.05 6.70
CA LYS B 475 -45.67 19.19 5.69
C LYS B 475 -45.07 17.79 5.70
N GLN B 476 -43.75 17.70 5.89
CA GLN B 476 -43.11 16.39 5.97
C GLN B 476 -43.52 15.66 7.24
N MET B 477 -43.66 16.40 8.35
CA MET B 477 -44.07 15.78 9.61
C MET B 477 -45.48 15.23 9.54
N VAL B 478 -46.43 16.05 9.08
CA VAL B 478 -47.83 15.62 9.02
C VAL B 478 -48.13 14.74 7.82
N GLY B 479 -47.17 14.56 6.92
CA GLY B 479 -47.36 13.66 5.80
C GLY B 479 -47.26 12.20 6.16
N ARG B 480 -46.87 11.89 7.39
CA ARG B 480 -46.76 10.51 7.86
C ARG B 480 -48.03 9.99 8.50
N ALA B 481 -49.08 10.81 8.56
CA ALA B 481 -50.34 10.39 9.16
C ALA B 481 -51.16 9.59 8.16
N GLY B 482 -51.57 8.39 8.57
CA GLY B 482 -52.39 7.54 7.72
C GLY B 482 -51.60 6.45 7.02
N ARG B 483 -51.74 5.21 7.50
CA ARG B 483 -51.09 4.07 6.87
C ARG B 483 -51.96 3.57 5.72
N LYS B 484 -51.35 3.39 4.55
CA LYS B 484 -52.10 3.00 3.37
C LYS B 484 -52.65 1.58 3.52
N GLY B 485 -53.95 1.43 3.27
CA GLY B 485 -54.59 0.12 3.30
C GLY B 485 -55.05 -0.35 4.65
N VAL B 486 -54.74 0.37 5.73
CA VAL B 486 -55.15 -0.06 7.07
C VAL B 486 -55.93 1.07 7.74
N ASP B 487 -55.32 2.24 7.86
CA ASP B 487 -55.97 3.37 8.50
C ASP B 487 -56.97 4.01 7.55
N THR B 488 -58.19 4.23 8.04
CA THR B 488 -59.22 4.86 7.22
C THR B 488 -59.05 6.38 7.15
N VAL B 489 -58.30 6.98 8.07
CA VAL B 489 -58.07 8.42 8.07
C VAL B 489 -56.65 8.71 8.53
N GLY B 490 -56.28 9.98 8.54
CA GLY B 490 -55.00 10.41 9.06
C GLY B 490 -55.12 11.75 9.77
N GLU B 491 -54.65 11.83 11.00
CA GLU B 491 -54.84 13.00 11.84
C GLU B 491 -53.49 13.60 12.24
N SER B 492 -53.42 14.92 12.21
CA SER B 492 -52.26 15.66 12.69
C SER B 492 -52.73 16.70 13.70
N ILE B 493 -52.15 16.68 14.88
CA ILE B 493 -52.54 17.57 15.97
C ILE B 493 -51.34 18.41 16.36
N LEU B 494 -51.43 19.71 16.15
CA LEU B 494 -50.41 20.66 16.58
C LEU B 494 -50.88 21.37 17.83
N ILE B 495 -50.01 21.40 18.84
CA ILE B 495 -50.36 21.95 20.15
C ILE B 495 -49.88 23.39 20.23
N CYS B 496 -50.81 24.31 20.39
CA CYS B 496 -50.50 25.73 20.51
C CYS B 496 -51.16 26.26 21.77
N LYS B 497 -50.51 27.26 22.39
CA LYS B 497 -50.99 27.84 23.64
C LYS B 497 -50.90 29.36 23.55
N ASN B 498 -51.76 30.02 24.34
CA ASN B 498 -51.87 31.48 24.44
C ASN B 498 -51.63 32.20 23.11
N SER B 499 -50.76 33.19 23.11
CA SER B 499 -50.52 34.01 21.93
C SER B 499 -49.85 33.24 20.81
N GLU B 500 -49.21 32.11 21.11
CA GLU B 500 -48.55 31.32 20.08
C GLU B 500 -49.52 30.66 19.11
N LYS B 501 -50.83 30.69 19.41
CA LYS B 501 -51.80 30.04 18.53
C LYS B 501 -51.88 30.73 17.18
N SER B 502 -51.60 32.03 17.11
CA SER B 502 -51.62 32.74 15.84
C SER B 502 -50.57 32.19 14.89
N LYS B 503 -49.36 31.92 15.41
CA LYS B 503 -48.32 31.31 14.58
C LYS B 503 -48.71 29.90 14.15
N GLY B 504 -49.32 29.14 15.05
CA GLY B 504 -49.73 27.79 14.71
C GLY B 504 -50.76 27.73 13.60
N ILE B 505 -51.76 28.62 13.66
CA ILE B 505 -52.81 28.63 12.65
C ILE B 505 -52.24 28.93 11.28
N ALA B 506 -51.23 29.81 11.20
CA ALA B 506 -50.63 30.15 9.92
C ALA B 506 -50.00 28.93 9.25
N LEU B 507 -49.47 28.00 10.04
CA LEU B 507 -48.89 26.77 9.48
C LEU B 507 -49.95 25.92 8.80
N LEU B 508 -51.13 25.81 9.41
CA LEU B 508 -52.18 24.97 8.85
C LEU B 508 -52.68 25.52 7.52
N GLN B 509 -52.92 26.83 7.45
CA GLN B 509 -53.44 27.45 6.24
C GLN B 509 -52.35 27.97 5.32
N GLY B 510 -51.08 27.85 5.71
CA GLY B 510 -50.00 28.30 4.86
C GLY B 510 -49.61 27.27 3.82
N SER B 511 -48.74 27.69 2.92
CA SER B 511 -48.23 26.84 1.85
C SER B 511 -46.71 26.93 1.81
N LEU B 512 -46.08 25.84 1.37
CA LEU B 512 -44.64 25.78 1.33
C LEU B 512 -44.08 26.80 0.34
N LYS B 513 -43.01 27.48 0.76
CA LYS B 513 -42.49 28.60 -0.01
C LYS B 513 -41.89 28.14 -1.34
N PRO B 514 -41.94 28.97 -2.38
CA PRO B 514 -41.36 28.59 -3.66
C PRO B 514 -39.86 28.43 -3.57
N VAL B 515 -39.32 27.57 -4.45
CA VAL B 515 -37.89 27.31 -4.46
C VAL B 515 -37.12 28.57 -4.84
N ARG B 516 -35.86 28.62 -4.42
CA ARG B 516 -34.97 29.73 -4.70
C ARG B 516 -33.78 29.22 -5.52
N SER B 517 -32.81 30.11 -5.74
CA SER B 517 -31.64 29.80 -6.55
C SER B 517 -30.36 29.70 -5.75
N CYS B 518 -30.20 30.55 -4.73
CA CYS B 518 -28.98 30.60 -3.91
C CYS B 518 -27.74 30.79 -4.77
N LEU B 519 -27.87 31.62 -5.80
CA LEU B 519 -26.77 31.88 -6.71
C LEU B 519 -26.41 33.37 -6.72
N VAL B 527 -20.24 38.13 -5.27
CA VAL B 527 -19.98 36.76 -5.68
C VAL B 527 -20.55 35.79 -4.65
N THR B 528 -20.79 34.55 -5.08
CA THR B 528 -21.34 33.52 -4.22
C THR B 528 -20.51 32.24 -4.35
N GLY B 529 -20.48 31.46 -3.27
CA GLY B 529 -19.77 30.20 -3.29
C GLY B 529 -20.40 29.14 -4.17
N SER B 530 -21.69 29.28 -4.47
CA SER B 530 -22.36 28.33 -5.35
C SER B 530 -21.96 28.55 -6.80
N MET B 531 -21.86 29.81 -7.24
CA MET B 531 -21.50 30.07 -8.62
C MET B 531 -20.02 29.82 -8.89
N ILE B 532 -19.17 30.04 -7.89
CA ILE B 532 -17.74 29.80 -8.06
C ILE B 532 -17.48 28.33 -8.37
N ARG B 533 -18.11 27.44 -7.60
CA ARG B 533 -18.00 26.02 -7.90
C ARG B 533 -18.69 25.66 -9.21
N ALA B 534 -19.79 26.33 -9.53
CA ALA B 534 -20.49 26.05 -10.78
C ALA B 534 -19.60 26.32 -11.98
N ILE B 535 -18.93 27.48 -11.99
CA ILE B 535 -18.05 27.82 -13.09
C ILE B 535 -16.86 26.87 -13.14
N LEU B 536 -16.26 26.59 -11.99
CA LEU B 536 -15.08 25.72 -11.94
C LEU B 536 -15.42 24.29 -12.35
N GLU B 537 -16.67 23.86 -12.17
CA GLU B 537 -17.03 22.49 -12.49
C GLU B 537 -17.06 22.22 -14.00
N ILE B 538 -16.99 23.25 -14.83
CA ILE B 538 -17.09 23.12 -16.27
C ILE B 538 -15.75 23.38 -16.96
N ILE B 539 -15.10 24.50 -16.63
CA ILE B 539 -13.87 24.88 -17.31
C ILE B 539 -12.77 23.85 -17.05
N VAL B 540 -12.63 23.43 -15.79
CA VAL B 540 -11.69 22.36 -15.48
C VAL B 540 -12.13 21.05 -16.13
N GLY B 541 -13.43 20.87 -16.33
CA GLY B 541 -13.90 19.74 -17.10
C GLY B 541 -13.66 19.87 -18.59
N GLY B 542 -13.34 21.07 -19.07
CA GLY B 542 -13.03 21.29 -20.47
C GLY B 542 -14.21 21.39 -21.39
N VAL B 543 -15.43 21.32 -20.88
CA VAL B 543 -16.61 21.34 -21.73
C VAL B 543 -16.77 22.71 -22.39
N ALA B 544 -16.64 23.78 -21.61
CA ALA B 544 -16.75 25.13 -22.11
C ALA B 544 -15.51 25.92 -21.74
N SER B 545 -14.87 26.52 -22.74
CA SER B 545 -13.66 27.30 -22.53
C SER B 545 -13.84 28.78 -22.87
N THR B 546 -14.41 29.09 -24.04
CA THR B 546 -14.60 30.47 -24.42
C THR B 546 -15.64 31.15 -23.54
N SER B 547 -15.48 32.46 -23.39
CA SER B 547 -16.40 33.23 -22.54
C SER B 547 -17.82 33.18 -23.07
N GLN B 548 -17.99 33.29 -24.39
CA GLN B 548 -19.33 33.26 -24.97
C GLN B 548 -19.99 31.90 -24.76
N ASP B 549 -19.23 30.81 -24.95
CA ASP B 549 -19.77 29.48 -24.68
C ASP B 549 -20.07 29.32 -23.19
N MET B 550 -19.19 29.86 -22.34
CA MET B 550 -19.46 29.85 -20.90
C MET B 550 -20.70 30.67 -20.56
N HIS B 551 -20.90 31.80 -21.26
CA HIS B 551 -22.09 32.60 -21.01
C HIS B 551 -23.36 31.88 -21.44
N THR B 552 -23.26 30.95 -22.39
CA THR B 552 -24.39 30.11 -22.71
C THR B 552 -24.78 29.23 -21.52
N TYR B 553 -23.78 28.73 -20.79
CA TYR B 553 -24.06 27.96 -19.58
C TYR B 553 -24.76 28.81 -18.54
N ALA B 554 -24.36 30.07 -18.40
CA ALA B 554 -25.01 30.97 -17.45
C ALA B 554 -26.47 31.20 -17.79
N ALA B 555 -26.85 31.07 -19.06
CA ALA B 555 -28.25 31.15 -19.45
C ALA B 555 -29.01 29.85 -19.23
N CYS B 556 -28.30 28.74 -19.00
CA CYS B 556 -28.92 27.46 -18.72
C CYS B 556 -29.12 27.20 -17.23
N THR B 557 -28.71 28.13 -16.38
CA THR B 557 -28.81 27.95 -14.94
C THR B 557 -30.25 28.24 -14.47
N PHE B 558 -30.50 27.95 -13.20
CA PHE B 558 -31.83 28.17 -12.64
C PHE B 558 -32.13 29.66 -12.48
N LEU B 559 -31.12 30.47 -12.14
CA LEU B 559 -31.34 31.90 -11.98
C LEU B 559 -31.77 32.54 -13.29
N ALA B 560 -31.11 32.19 -14.38
CA ALA B 560 -31.48 32.76 -15.68
C ALA B 560 -32.86 32.26 -16.12
N ALA B 561 -33.14 30.98 -15.91
CA ALA B 561 -34.42 30.42 -16.34
C ALA B 561 -35.58 30.95 -15.51
N SER B 562 -35.33 31.51 -14.34
CA SER B 562 -36.40 32.10 -13.54
C SER B 562 -37.04 33.27 -14.25
N MET B 563 -36.22 34.13 -14.87
CA MET B 563 -36.73 35.30 -15.57
C MET B 563 -37.31 34.90 -16.92
N GLY B 580 -23.10 39.47 -15.51
CA GLY B 580 -22.86 40.30 -14.35
C GLY B 580 -21.88 39.67 -13.37
N ALA B 581 -22.41 38.83 -12.49
CA ALA B 581 -21.58 38.13 -11.51
C ALA B 581 -20.94 36.87 -12.07
N ILE B 582 -21.30 36.46 -13.29
CA ILE B 582 -20.72 35.26 -13.88
C ILE B 582 -19.25 35.50 -14.23
N GLU B 583 -18.94 36.65 -14.84
CA GLU B 583 -17.56 36.96 -15.16
C GLU B 583 -16.74 37.26 -13.91
N ALA B 584 -17.39 37.71 -12.83
CA ALA B 584 -16.68 37.95 -11.59
C ALA B 584 -16.16 36.66 -10.97
N CYS B 585 -16.87 35.55 -11.20
CA CYS B 585 -16.39 34.25 -10.71
C CYS B 585 -15.07 33.87 -11.37
N VAL B 586 -14.95 34.11 -12.68
CA VAL B 586 -13.70 33.82 -13.38
C VAL B 586 -12.58 34.71 -12.84
N MET B 587 -12.88 36.00 -12.61
CA MET B 587 -11.86 36.91 -12.09
C MET B 587 -11.39 36.48 -10.71
N TRP B 588 -12.26 35.86 -9.91
CA TRP B 588 -11.82 35.34 -8.61
C TRP B 588 -10.99 34.08 -8.79
N LEU B 589 -11.39 33.20 -9.71
CA LEU B 589 -10.61 31.99 -9.97
C LEU B 589 -9.26 32.32 -10.57
N LEU B 590 -9.21 33.33 -11.44
CA LEU B 590 -7.94 33.73 -12.05
C LEU B 590 -6.96 34.26 -11.00
N GLU B 591 -7.45 35.07 -10.06
CA GLU B 591 -6.57 35.68 -9.07
C GLU B 591 -5.96 34.63 -8.15
N ASN B 592 -6.66 33.51 -7.93
CA ASN B 592 -6.20 32.47 -7.03
C ASN B 592 -5.57 31.29 -7.77
N GLU B 593 -5.12 31.49 -9.01
CA GLU B 593 -4.31 30.54 -9.76
C GLU B 593 -5.14 29.34 -10.20
N PHE B 594 -6.40 29.26 -9.73
CA PHE B 594 -7.26 28.12 -10.03
C PHE B 594 -7.36 27.87 -11.54
N ILE B 595 -7.44 28.93 -12.33
CA ILE B 595 -7.59 28.83 -13.78
C ILE B 595 -6.70 29.86 -14.44
N GLN B 596 -5.94 29.46 -15.44
CA GLN B 596 -5.09 30.35 -16.21
C GLN B 596 -5.79 30.79 -17.49
N SER B 597 -5.48 32.00 -17.93
CA SER B 597 -6.13 32.60 -19.10
C SER B 597 -5.13 32.77 -20.22
N THR B 598 -5.51 32.33 -21.42
CA THR B 598 -4.72 32.56 -22.63
C THR B 598 -5.59 33.21 -23.70
N GLU B 599 -5.06 33.33 -24.91
CA GLU B 599 -5.82 33.91 -26.00
C GLU B 599 -6.68 32.85 -26.70
N LYS B 607 -10.98 35.26 -24.78
CA LYS B 607 -10.08 34.62 -23.84
C LYS B 607 -10.45 33.15 -23.62
N VAL B 608 -9.45 32.28 -23.65
CA VAL B 608 -9.63 30.86 -23.40
C VAL B 608 -9.05 30.54 -22.03
N TYR B 609 -9.84 29.88 -21.19
CA TYR B 609 -9.45 29.57 -19.82
C TYR B 609 -9.03 28.10 -19.73
N HIS B 610 -7.85 27.86 -19.16
CA HIS B 610 -7.32 26.52 -19.01
C HIS B 610 -7.24 26.14 -17.54
N PRO B 611 -7.44 24.87 -17.21
CA PRO B 611 -7.24 24.42 -15.84
C PRO B 611 -5.76 24.33 -15.49
N THR B 612 -5.49 24.40 -14.19
CA THR B 612 -4.15 24.29 -13.64
C THR B 612 -4.04 23.01 -12.82
N HIS B 613 -2.86 22.83 -12.20
CA HIS B 613 -2.66 21.68 -11.31
C HIS B 613 -3.59 21.77 -10.11
N LEU B 614 -3.70 22.95 -9.51
CA LEU B 614 -4.63 23.14 -8.39
C LEU B 614 -6.08 23.02 -8.86
N GLY B 615 -6.39 23.58 -10.02
CA GLY B 615 -7.75 23.50 -10.52
C GLY B 615 -8.20 22.08 -10.82
N SER B 616 -7.31 21.29 -11.43
CA SER B 616 -7.64 19.91 -11.74
C SER B 616 -7.81 19.06 -10.48
N ALA B 617 -7.32 19.54 -9.33
CA ALA B 617 -7.47 18.82 -8.08
C ALA B 617 -8.74 19.22 -7.33
N THR B 618 -9.13 20.49 -7.41
CA THR B 618 -10.35 20.94 -6.75
C THR B 618 -11.58 20.28 -7.35
N LEU B 619 -11.64 20.17 -8.67
CA LEU B 619 -12.80 19.56 -9.32
C LEU B 619 -12.83 18.05 -9.09
N SER B 620 -11.69 17.38 -9.23
CA SER B 620 -11.65 15.93 -9.11
C SER B 620 -11.99 15.48 -7.69
N SER B 621 -11.50 16.20 -6.68
CA SER B 621 -11.76 15.84 -5.29
C SER B 621 -13.12 16.30 -4.80
N SER B 622 -13.80 17.15 -5.56
CA SER B 622 -15.14 17.65 -5.21
C SER B 622 -15.11 18.42 -3.89
N LEU B 623 -14.29 19.46 -3.88
CA LEU B 623 -14.21 20.40 -2.76
C LEU B 623 -14.61 21.79 -3.22
N SER B 624 -15.20 22.55 -2.30
CA SER B 624 -15.52 23.94 -2.59
C SER B 624 -14.23 24.73 -2.77
N PRO B 625 -14.16 25.59 -3.79
CA PRO B 625 -12.92 26.37 -4.01
C PRO B 625 -12.55 27.26 -2.84
N ALA B 626 -13.52 27.67 -2.02
CA ALA B 626 -13.19 28.46 -0.83
C ALA B 626 -12.36 27.63 0.16
N ASP B 627 -12.72 26.36 0.34
CA ASP B 627 -12.01 25.50 1.27
C ASP B 627 -10.67 25.03 0.71
N THR B 628 -10.61 24.79 -0.61
CA THR B 628 -9.39 24.24 -1.20
C THR B 628 -8.20 25.18 -1.04
N LEU B 629 -8.45 26.48 -1.08
CA LEU B 629 -7.35 27.43 -0.90
C LEU B 629 -6.68 27.27 0.45
N ASP B 630 -7.48 27.08 1.51
CA ASP B 630 -6.90 26.88 2.84
C ASP B 630 -6.27 25.50 2.96
N ILE B 631 -6.91 24.47 2.40
CA ILE B 631 -6.35 23.12 2.48
C ILE B 631 -5.00 23.06 1.78
N PHE B 632 -4.90 23.68 0.61
CA PHE B 632 -3.63 23.68 -0.11
C PHE B 632 -2.56 24.38 0.69
N ALA B 633 -2.90 25.46 1.39
CA ALA B 633 -1.94 26.12 2.27
C ALA B 633 -1.71 25.32 3.54
N ASP B 634 -2.76 24.66 4.05
CA ASP B 634 -2.62 23.87 5.27
C ASP B 634 -1.81 22.60 5.01
N LEU B 635 -2.11 21.91 3.89
CA LEU B 635 -1.34 20.72 3.55
C LEU B 635 0.11 21.07 3.23
N GLN B 636 0.33 22.18 2.54
CA GLN B 636 1.69 22.61 2.25
C GLN B 636 2.40 23.18 3.48
N ARG B 637 1.68 23.43 4.57
CA ARG B 637 2.34 23.70 5.84
C ARG B 637 2.88 22.42 6.47
N ALA B 638 2.42 21.26 6.00
CA ALA B 638 2.99 19.98 6.36
C ALA B 638 4.11 19.55 5.42
N MET B 639 4.50 20.41 4.47
CA MET B 639 5.65 20.13 3.62
C MET B 639 6.90 19.91 4.45
N LYS B 640 7.13 20.76 5.44
CA LYS B 640 8.40 20.84 6.14
C LYS B 640 8.38 20.16 7.51
N GLY B 641 7.24 20.16 8.20
CA GLY B 641 7.16 19.57 9.51
C GLY B 641 6.08 18.52 9.63
N PHE B 642 6.46 17.27 9.87
CA PHE B 642 5.51 16.17 9.97
C PHE B 642 5.95 15.22 11.07
N VAL B 643 4.98 14.49 11.62
CA VAL B 643 5.23 13.46 12.62
C VAL B 643 4.58 12.17 12.15
N LEU B 644 5.08 11.05 12.67
CA LEU B 644 4.58 9.74 12.25
C LEU B 644 4.31 8.77 13.39
N GLU B 645 4.68 9.09 14.63
CA GLU B 645 4.42 8.16 15.73
C GLU B 645 2.93 7.96 15.95
N ASN B 646 2.16 9.04 15.91
CA ASN B 646 0.74 9.02 16.21
C ASN B 646 -0.04 9.49 15.00
N ASP B 647 -1.26 8.98 14.87
CA ASP B 647 -2.13 9.34 13.76
C ASP B 647 -2.72 10.73 13.88
N LEU B 648 -2.39 11.47 14.95
CA LEU B 648 -3.06 12.74 15.20
C LEU B 648 -2.83 13.74 14.08
N HIS B 649 -1.56 13.97 13.71
CA HIS B 649 -1.27 14.95 12.67
C HIS B 649 -1.87 14.53 11.34
N ILE B 650 -1.80 13.24 11.02
CA ILE B 650 -2.45 12.74 9.82
C ILE B 650 -3.96 12.89 9.94
N LEU B 651 -4.52 12.56 11.11
CA LEU B 651 -5.95 12.76 11.33
C LEU B 651 -6.32 14.24 11.35
N TYR B 652 -5.41 15.09 11.85
CA TYR B 652 -5.68 16.52 11.90
C TYR B 652 -5.89 17.11 10.50
N LEU B 653 -5.37 16.46 9.47
CA LEU B 653 -5.53 16.92 8.10
C LEU B 653 -6.80 16.40 7.44
N VAL B 654 -7.59 15.58 8.13
CA VAL B 654 -8.83 15.04 7.60
C VAL B 654 -10.05 15.44 8.41
N THR B 655 -9.87 16.13 9.53
CA THR B 655 -11.03 16.64 10.26
C THR B 655 -11.72 17.72 9.43
N PRO B 656 -13.02 17.58 9.16
CA PRO B 656 -13.69 18.51 8.24
C PRO B 656 -13.65 19.95 8.73
N MET B 657 -14.24 20.19 9.89
CA MET B 657 -14.34 21.51 10.53
C MET B 657 -14.89 21.26 11.94
N PHE B 658 -15.16 22.35 12.66
CA PHE B 658 -15.85 22.24 13.94
C PHE B 658 -17.36 22.25 13.78
N GLU B 659 -17.87 22.98 12.78
CA GLU B 659 -19.29 23.19 12.52
C GLU B 659 -20.11 23.27 13.80
N ASP B 660 -21.22 22.55 13.87
CA ASP B 660 -22.05 22.43 15.07
C ASP B 660 -22.14 20.99 15.53
N TRP B 661 -21.03 20.26 15.42
CA TRP B 661 -21.05 18.83 15.72
C TRP B 661 -21.27 18.57 17.20
N THR B 662 -20.73 19.42 18.07
CA THR B 662 -20.99 19.30 19.51
C THR B 662 -20.59 20.61 20.19
N THR B 663 -21.00 20.73 21.45
CA THR B 663 -20.56 21.83 22.29
C THR B 663 -19.25 21.44 22.97
N ILE B 664 -18.27 22.32 22.93
CA ILE B 664 -16.95 22.03 23.47
C ILE B 664 -16.86 22.54 24.90
N ASP B 665 -16.43 21.67 25.81
CA ASP B 665 -16.23 22.04 27.21
C ASP B 665 -14.74 22.27 27.44
N TRP B 666 -14.39 23.48 27.85
CA TRP B 666 -12.99 23.86 27.93
C TRP B 666 -12.28 23.27 29.15
N TYR B 667 -12.98 23.14 30.27
CA TYR B 667 -12.34 22.55 31.45
C TYR B 667 -11.92 21.11 31.20
N ARG B 668 -12.72 20.39 30.42
CA ARG B 668 -12.31 19.07 29.95
C ARG B 668 -11.06 19.15 29.08
N PHE B 669 -10.99 20.16 28.22
CA PHE B 669 -9.82 20.32 27.36
C PHE B 669 -8.56 20.61 28.19
N PHE B 670 -8.73 21.24 29.35
CA PHE B 670 -7.62 21.37 30.29
C PHE B 670 -7.12 20.00 30.74
N CYS B 671 -8.05 19.10 31.05
CA CYS B 671 -7.65 17.72 31.34
C CYS B 671 -7.14 17.02 30.09
N LEU B 672 -7.71 17.35 28.93
CA LEU B 672 -7.22 16.77 27.68
C LEU B 672 -5.79 17.19 27.40
N TRP B 673 -5.45 18.45 27.67
CA TRP B 673 -4.17 18.98 27.24
C TRP B 673 -3.01 18.42 28.05
N GLU B 674 -3.17 18.34 29.39
CA GLU B 674 -2.06 17.88 30.22
C GLU B 674 -1.81 16.38 30.06
N LYS B 675 -2.87 15.58 30.11
CA LYS B 675 -2.71 14.13 30.11
C LYS B 675 -2.29 13.58 28.75
N LEU B 676 -2.30 14.40 27.70
CA LEU B 676 -1.80 13.95 26.41
C LEU B 676 -0.29 13.69 26.51
N PRO B 677 0.21 12.66 25.82
CA PRO B 677 1.65 12.35 25.90
C PRO B 677 2.53 13.47 25.37
N THR B 678 3.85 13.32 25.52
CA THR B 678 4.78 14.33 25.04
C THR B 678 4.76 14.49 23.53
N SER B 679 4.19 13.54 22.80
CA SER B 679 4.05 13.61 21.35
C SER B 679 2.78 14.33 20.91
N MET B 680 1.66 14.07 21.57
CA MET B 680 0.40 14.70 21.17
C MET B 680 0.47 16.21 21.33
N LYS B 681 1.21 16.69 22.33
CA LYS B 681 1.42 18.13 22.46
C LYS B 681 2.35 18.66 21.37
N ARG B 682 3.29 17.83 20.89
CA ARG B 682 4.15 18.26 19.79
C ARG B 682 3.36 18.52 18.52
N VAL B 683 2.34 17.70 18.26
CA VAL B 683 1.50 17.91 17.09
C VAL B 683 0.79 19.25 17.17
N ALA B 684 0.36 19.64 18.37
CA ALA B 684 -0.34 20.90 18.55
C ALA B 684 0.56 22.09 18.18
N GLU B 685 1.82 22.06 18.60
CA GLU B 685 2.75 23.13 18.25
C GLU B 685 3.01 23.18 16.75
N LEU B 686 2.98 22.03 16.09
CA LEU B 686 3.25 21.96 14.65
C LEU B 686 2.10 22.50 13.81
N VAL B 687 0.92 22.70 14.39
CA VAL B 687 -0.24 23.15 13.63
C VAL B 687 -0.76 24.49 14.13
N GLY B 688 0.06 25.22 14.89
CA GLY B 688 -0.29 26.55 15.35
C GLY B 688 -0.99 26.62 16.69
N VAL B 689 -1.35 25.49 17.28
CA VAL B 689 -2.00 25.50 18.59
C VAL B 689 -0.99 25.96 19.64
N GLU B 690 -1.42 26.89 20.49
CA GLU B 690 -0.54 27.49 21.47
C GLU B 690 -0.81 26.89 22.85
N GLU B 691 0.27 26.48 23.53
CA GLU B 691 0.13 25.95 24.88
C GLU B 691 -0.30 27.05 25.86
N GLY B 692 0.17 28.27 25.65
CA GLY B 692 -0.19 29.35 26.56
C GLY B 692 -1.67 29.62 26.60
N PHE B 693 -2.31 29.66 25.43
CA PHE B 693 -3.77 29.81 25.33
C PHE B 693 -4.32 28.49 24.78
N LEU B 694 -4.69 27.59 25.69
CA LEU B 694 -5.35 26.35 25.30
C LEU B 694 -6.23 25.94 26.47
N ALA B 695 -7.52 26.23 26.36
CA ALA B 695 -8.50 26.05 27.44
C ALA B 695 -8.17 26.91 28.66
N ARG B 696 -7.32 27.92 28.50
CA ARG B 696 -6.87 28.76 29.60
C ARG B 696 -7.59 30.10 29.63
N CYS B 697 -7.54 30.87 28.55
CA CYS B 697 -8.17 32.19 28.53
C CYS B 697 -9.66 32.11 28.25
N VAL B 698 -10.16 30.98 27.76
CA VAL B 698 -11.60 30.85 27.50
C VAL B 698 -12.39 30.78 28.79
N LYS B 699 -11.80 30.18 29.84
CA LYS B 699 -12.50 30.08 31.12
C LYS B 699 -12.82 31.45 31.70
N GLY B 700 -11.86 32.37 31.61
CA GLY B 700 -12.09 33.72 32.11
C GLY B 700 -12.93 34.60 31.20
N LYS B 701 -13.23 34.14 29.99
CA LYS B 701 -14.04 34.92 29.06
C LYS B 701 -15.04 34.02 28.33
N GLN B 709 -9.25 36.57 15.35
CA GLN B 709 -9.06 35.33 16.10
C GLN B 709 -9.99 34.24 15.58
N HIS B 710 -10.73 34.55 14.52
CA HIS B 710 -11.65 33.57 13.94
C HIS B 710 -10.89 32.38 13.36
N ARG B 711 -9.77 32.64 12.69
CA ARG B 711 -8.98 31.55 12.13
C ARG B 711 -8.27 30.76 13.22
N GLN B 712 -7.89 31.42 14.32
CA GLN B 712 -7.22 30.73 15.41
C GLN B 712 -8.19 29.91 16.24
N MET B 713 -9.41 30.43 16.45
CA MET B 713 -10.42 29.67 17.19
C MET B 713 -10.82 28.41 16.44
N ALA B 714 -10.87 28.49 15.11
CA ALA B 714 -11.21 27.34 14.28
C ALA B 714 -10.07 26.33 14.16
N ILE B 715 -9.01 26.49 14.94
CA ILE B 715 -7.89 25.56 14.97
C ILE B 715 -7.91 24.73 16.26
N HIS B 716 -8.09 25.39 17.41
CA HIS B 716 -8.22 24.67 18.67
C HIS B 716 -9.45 23.79 18.67
N LYS B 717 -10.58 24.31 18.17
CA LYS B 717 -11.77 23.49 17.99
C LYS B 717 -11.51 22.37 16.99
N ARG B 718 -10.79 22.67 15.91
CA ARG B 718 -10.38 21.63 14.97
C ARG B 718 -9.41 20.65 15.61
N PHE B 719 -8.54 21.14 16.49
CA PHE B 719 -7.63 20.23 17.21
C PHE B 719 -8.40 19.28 18.09
N PHE B 720 -9.42 19.78 18.80
CA PHE B 720 -10.25 18.92 19.63
C PHE B 720 -10.98 17.88 18.78
N THR B 721 -11.41 18.27 17.58
CA THR B 721 -12.06 17.32 16.67
C THR B 721 -11.11 16.20 16.28
N SER B 722 -9.82 16.49 16.13
CA SER B 722 -8.85 15.44 15.82
C SER B 722 -8.59 14.53 17.00
N LEU B 723 -8.63 15.07 18.22
CA LEU B 723 -8.43 14.24 19.40
C LEU B 723 -9.52 13.20 19.55
N VAL B 724 -10.78 13.59 19.30
CA VAL B 724 -11.88 12.64 19.38
C VAL B 724 -11.72 11.54 18.34
N LEU B 725 -11.36 11.92 17.11
CA LEU B 725 -11.20 10.94 16.05
C LEU B 725 -10.03 9.99 16.34
N LEU B 726 -9.03 10.43 17.09
CA LEU B 726 -7.92 9.54 17.44
C LEU B 726 -8.40 8.38 18.31
N ASP B 727 -9.25 8.66 19.29
CA ASP B 727 -9.85 7.59 20.07
C ASP B 727 -10.86 6.80 19.25
N LEU B 728 -11.44 7.40 18.22
CA LEU B 728 -12.41 6.69 17.39
C LEU B 728 -11.74 5.63 16.54
N ILE B 729 -10.53 5.89 16.04
CA ILE B 729 -9.78 4.90 15.28
C ILE B 729 -9.00 3.94 16.18
N SER B 730 -8.88 4.25 17.46
CA SER B 730 -8.23 3.36 18.43
C SER B 730 -9.22 2.38 19.04
N GLU B 731 -10.45 2.34 18.54
CA GLU B 731 -11.50 1.42 18.98
C GLU B 731 -11.86 1.60 20.45
N VAL B 732 -11.70 2.81 20.98
CA VAL B 732 -12.23 3.12 22.31
C VAL B 732 -13.76 3.05 22.24
N PRO B 733 -14.43 2.31 23.13
CA PRO B 733 -15.87 2.13 22.98
C PRO B 733 -16.64 3.43 23.17
N LEU B 734 -17.79 3.49 22.49
CA LEU B 734 -18.58 4.71 22.46
C LEU B 734 -19.08 5.10 23.85
N ARG B 735 -19.29 4.12 24.73
CA ARG B 735 -19.72 4.44 26.09
C ARG B 735 -18.64 5.21 26.83
N GLU B 736 -17.39 4.74 26.74
CA GLU B 736 -16.29 5.46 27.39
C GLU B 736 -16.08 6.81 26.72
N ILE B 737 -16.06 6.83 25.38
CA ILE B 737 -15.80 8.07 24.65
C ILE B 737 -16.88 9.11 24.87
N ASN B 738 -18.07 8.69 25.29
CA ASN B 738 -19.13 9.65 25.61
C ASN B 738 -18.87 10.34 26.94
N GLN B 739 -18.63 9.57 27.99
CA GLN B 739 -18.36 10.15 29.30
C GLN B 739 -16.99 10.80 29.40
N LYS B 740 -16.13 10.60 28.39
CA LYS B 740 -14.76 11.11 28.42
C LYS B 740 -14.62 12.38 27.60
N TYR B 741 -15.29 12.46 26.44
CA TYR B 741 -15.32 13.66 25.61
C TYR B 741 -16.68 14.34 25.60
N GLY B 742 -17.58 13.95 26.51
CA GLY B 742 -18.81 14.69 26.73
C GLY B 742 -19.82 14.69 25.61
N CYS B 743 -19.44 14.27 24.40
CA CYS B 743 -20.35 14.24 23.26
C CYS B 743 -20.92 12.84 23.12
N ASN B 744 -22.24 12.74 23.06
CA ASN B 744 -22.89 11.45 22.99
C ASN B 744 -22.64 10.81 21.63
N ARG B 745 -23.02 9.53 21.54
CA ARG B 745 -22.74 8.75 20.33
C ARG B 745 -23.43 9.33 19.10
N GLY B 746 -24.54 10.05 19.28
CA GLY B 746 -25.22 10.63 18.14
C GLY B 746 -24.40 11.71 17.47
N GLN B 747 -23.76 12.58 18.26
CA GLN B 747 -22.94 13.65 17.71
C GLN B 747 -21.56 13.18 17.30
N ILE B 748 -21.17 11.97 17.65
CA ILE B 748 -19.85 11.45 17.31
C ILE B 748 -19.86 10.70 15.98
N GLN B 749 -20.85 9.83 15.77
CA GLN B 749 -21.02 9.23 14.46
C GLN B 749 -21.48 10.25 13.43
N SER B 750 -22.02 11.39 13.88
CA SER B 750 -22.28 12.50 12.96
C SER B 750 -21.01 13.16 12.47
N LEU B 751 -19.86 12.82 13.06
CA LEU B 751 -18.57 13.35 12.64
C LEU B 751 -17.71 12.31 11.93
N GLN B 752 -17.60 11.10 12.49
CA GLN B 752 -16.73 10.10 11.89
C GLN B 752 -17.21 9.67 10.51
N GLN B 753 -18.52 9.64 10.28
CA GLN B 753 -19.02 9.39 8.94
C GLN B 753 -19.02 10.65 8.07
N SER B 754 -18.72 11.80 8.66
CA SER B 754 -18.47 13.02 7.90
C SER B 754 -17.00 13.31 7.72
N ALA B 755 -16.15 12.85 8.64
CA ALA B 755 -14.70 12.98 8.48
C ALA B 755 -14.14 11.89 7.59
N ALA B 756 -14.81 10.74 7.50
CA ALA B 756 -14.37 9.68 6.58
C ALA B 756 -14.47 10.13 5.14
N VAL B 757 -15.54 10.86 4.80
CA VAL B 757 -15.66 11.42 3.45
C VAL B 757 -14.58 12.45 3.20
N TYR B 758 -14.22 13.22 4.22
CA TYR B 758 -13.17 14.23 4.08
C TYR B 758 -11.84 13.58 3.75
N ALA B 759 -11.51 12.46 4.41
CA ALA B 759 -10.29 11.74 4.09
C ALA B 759 -10.36 11.13 2.69
N GLY B 760 -11.56 10.85 2.20
CA GLY B 760 -11.73 10.39 0.83
C GLY B 760 -11.64 11.47 -0.22
N MET B 761 -11.60 12.74 0.21
CA MET B 761 -11.40 13.86 -0.70
C MET B 761 -10.04 14.53 -0.56
N ILE B 762 -9.43 14.47 0.62
CA ILE B 762 -8.05 14.95 0.77
C ILE B 762 -7.09 14.02 0.05
N THR B 763 -7.33 12.70 0.12
CA THR B 763 -6.49 11.75 -0.59
C THR B 763 -6.56 11.98 -2.10
N VAL B 764 -7.77 12.18 -2.63
CA VAL B 764 -7.91 12.47 -4.05
C VAL B 764 -7.29 13.84 -4.38
N PHE B 765 -7.41 14.79 -3.45
CA PHE B 765 -6.81 16.10 -3.67
C PHE B 765 -5.29 16.01 -3.80
N SER B 766 -4.66 15.05 -3.11
CA SER B 766 -3.21 14.90 -3.20
C SER B 766 -2.78 14.25 -4.51
N ASN B 767 -3.52 13.23 -4.96
CA ASN B 767 -3.14 12.53 -6.20
C ASN B 767 -3.15 13.47 -7.40
N ARG B 768 -4.21 14.26 -7.53
CA ARG B 768 -4.29 15.19 -8.64
C ARG B 768 -3.25 16.30 -8.53
N LEU B 769 -2.73 16.55 -7.32
CA LEU B 769 -1.66 17.51 -7.12
C LEU B 769 -0.28 16.87 -7.12
N GLY B 770 -0.20 15.57 -7.40
CA GLY B 770 1.08 14.88 -7.45
C GLY B 770 1.80 14.76 -6.12
N TRP B 771 1.10 14.40 -5.06
CA TRP B 771 1.69 14.15 -3.75
C TRP B 771 1.48 12.67 -3.42
N HIS B 772 2.41 11.83 -3.88
CA HIS B 772 2.30 10.39 -3.66
C HIS B 772 2.75 9.97 -2.28
N ASN B 773 3.46 10.82 -1.54
CA ASN B 773 3.93 10.43 -0.21
C ASN B 773 2.79 10.37 0.79
N MET B 774 1.92 11.37 0.79
CA MET B 774 0.84 11.47 1.77
C MET B 774 -0.44 10.80 1.35
N GLU B 775 -0.65 10.58 0.05
CA GLU B 775 -1.75 9.70 -0.36
C GLU B 775 -1.54 8.30 0.19
N LEU B 776 -0.30 7.83 0.22
CA LEU B 776 0.00 6.55 0.83
C LEU B 776 -0.35 6.55 2.32
N LEU B 777 -0.03 7.64 3.02
CA LEU B 777 -0.38 7.74 4.44
C LEU B 777 -1.89 7.86 4.62
N LEU B 778 -2.56 8.63 3.76
CA LEU B 778 -3.98 8.89 3.90
C LEU B 778 -4.86 7.92 3.14
N SER B 779 -4.27 6.91 2.48
CA SER B 779 -5.08 5.97 1.69
C SER B 779 -6.02 5.18 2.58
N GLN B 780 -5.54 4.70 3.72
CA GLN B 780 -6.31 3.83 4.59
C GLN B 780 -7.09 4.59 5.67
N PHE B 781 -6.95 5.90 5.75
CA PHE B 781 -7.59 6.66 6.82
C PHE B 781 -9.06 6.93 6.56
N GLN B 782 -9.54 6.76 5.32
CA GLN B 782 -10.98 6.80 5.09
C GLN B 782 -11.64 5.53 5.59
N LYS B 783 -11.00 4.38 5.37
CA LYS B 783 -11.54 3.12 5.86
C LYS B 783 -11.42 3.01 7.37
N ARG B 784 -10.38 3.61 7.96
CA ARG B 784 -10.21 3.54 9.41
C ARG B 784 -11.18 4.44 10.16
N LEU B 785 -11.71 5.47 9.51
CA LEU B 785 -12.66 6.37 10.15
C LEU B 785 -14.11 5.95 9.94
N THR B 786 -14.41 5.32 8.80
CA THR B 786 -15.77 4.87 8.55
C THR B 786 -16.22 3.82 9.57
N PHE B 787 -15.34 2.87 9.87
CA PHE B 787 -15.67 1.78 10.77
C PHE B 787 -15.04 1.91 12.15
N GLY B 788 -14.17 2.89 12.36
CA GLY B 788 -13.51 3.05 13.64
C GLY B 788 -12.65 1.87 14.03
N ILE B 789 -11.84 1.40 13.09
CA ILE B 789 -11.01 0.22 13.30
C ILE B 789 -9.54 0.59 13.27
N GLN B 790 -8.66 -0.38 13.51
CA GLN B 790 -7.24 -0.19 13.41
C GLN B 790 -6.75 -0.73 12.06
N ARG B 791 -5.43 -0.68 11.85
CA ARG B 791 -4.86 -1.13 10.59
C ARG B 791 -4.93 -2.65 10.44
N GLU B 792 -5.14 -3.39 11.53
CA GLU B 792 -5.18 -4.84 11.44
C GLU B 792 -6.45 -5.33 10.75
N LEU B 793 -7.59 -4.69 11.02
CA LEU B 793 -8.88 -5.14 10.54
C LEU B 793 -9.25 -4.57 9.18
N CYS B 794 -8.33 -3.86 8.52
CA CYS B 794 -8.66 -3.20 7.26
C CYS B 794 -9.14 -4.21 6.22
N ASP B 795 -8.48 -5.37 6.15
CA ASP B 795 -8.93 -6.40 5.23
C ASP B 795 -10.17 -7.12 5.72
N LEU B 796 -10.35 -7.20 7.05
CA LEU B 796 -11.46 -7.96 7.60
C LEU B 796 -12.79 -7.22 7.45
N VAL B 797 -12.76 -5.89 7.57
CA VAL B 797 -13.99 -5.10 7.57
C VAL B 797 -14.53 -4.93 6.15
N ARG B 798 -13.85 -5.55 5.18
CA ARG B 798 -14.34 -5.50 3.80
C ARG B 798 -15.71 -6.17 3.68
N VAL B 799 -15.92 -7.27 4.39
CA VAL B 799 -17.24 -7.88 4.45
C VAL B 799 -18.17 -6.97 5.25
N SER B 800 -19.38 -6.77 4.73
CA SER B 800 -20.29 -5.76 5.26
C SER B 800 -20.87 -6.11 6.62
N LEU B 801 -20.67 -7.33 7.12
CA LEU B 801 -21.31 -7.79 8.34
C LEU B 801 -20.43 -7.64 9.57
N LEU B 802 -19.38 -6.81 9.51
CA LEU B 802 -18.49 -6.55 10.64
C LEU B 802 -18.22 -5.05 10.68
N ASN B 803 -18.94 -4.33 11.55
CA ASN B 803 -18.78 -2.87 11.59
C ASN B 803 -17.58 -2.45 12.42
N ALA B 804 -17.64 -2.67 13.75
CA ALA B 804 -16.50 -2.35 14.60
C ALA B 804 -16.30 -3.32 15.76
N GLN B 805 -17.13 -4.34 15.90
CA GLN B 805 -17.01 -5.26 17.03
C GLN B 805 -17.06 -6.70 16.56
N ARG B 806 -17.75 -6.94 15.45
CA ARG B 806 -17.79 -8.28 14.87
C ARG B 806 -16.46 -8.65 14.20
N ALA B 807 -15.55 -7.69 14.04
CA ALA B 807 -14.24 -7.96 13.46
C ALA B 807 -13.15 -8.15 14.51
N ARG B 808 -13.17 -7.37 15.60
CA ARG B 808 -12.17 -7.56 16.65
C ARG B 808 -12.35 -8.89 17.36
N VAL B 809 -13.59 -9.24 17.71
CA VAL B 809 -13.83 -10.52 18.36
C VAL B 809 -13.51 -11.68 17.42
N LEU B 810 -13.70 -11.48 16.12
CA LEU B 810 -13.28 -12.46 15.14
C LEU B 810 -11.76 -12.40 14.91
N TYR B 811 -11.17 -11.22 15.03
CA TYR B 811 -9.71 -11.10 14.94
C TYR B 811 -9.02 -11.87 16.05
N ALA B 812 -9.54 -11.80 17.27
CA ALA B 812 -8.95 -12.50 18.40
C ALA B 812 -9.02 -14.00 18.27
N SER B 813 -9.81 -14.53 17.35
CA SER B 813 -9.94 -15.97 17.15
C SER B 813 -8.87 -16.53 16.22
N GLY B 814 -7.97 -15.69 15.71
CA GLY B 814 -6.88 -16.13 14.86
C GLY B 814 -7.05 -15.81 13.40
N PHE B 815 -8.24 -15.44 12.94
CA PHE B 815 -8.46 -15.07 11.55
C PHE B 815 -8.07 -13.62 11.37
N HIS B 816 -6.84 -13.39 10.90
CA HIS B 816 -6.30 -12.04 10.78
C HIS B 816 -6.57 -11.40 9.43
N THR B 817 -7.14 -12.13 8.48
CA THR B 817 -7.33 -11.61 7.12
C THR B 817 -8.65 -12.16 6.58
N VAL B 818 -9.21 -11.44 5.61
CA VAL B 818 -10.41 -11.91 4.93
C VAL B 818 -10.16 -13.16 4.10
N ALA B 819 -8.90 -13.52 3.89
CA ALA B 819 -8.58 -14.72 3.10
C ALA B 819 -8.95 -15.99 3.85
N ASP B 820 -8.32 -16.20 5.03
CA ASP B 820 -8.60 -17.40 5.79
C ASP B 820 -9.98 -17.38 6.43
N LEU B 821 -10.59 -16.19 6.56
CA LEU B 821 -11.98 -16.13 7.03
C LEU B 821 -12.92 -16.79 6.02
N ALA B 822 -12.63 -16.63 4.73
CA ALA B 822 -13.43 -17.30 3.71
C ALA B 822 -13.32 -18.81 3.83
N ARG B 823 -12.14 -19.32 4.14
CA ARG B 823 -11.92 -20.75 4.33
C ARG B 823 -12.15 -21.19 5.78
N ALA B 824 -12.56 -20.28 6.65
CA ALA B 824 -12.78 -20.62 8.04
C ALA B 824 -13.96 -21.58 8.18
N ASN B 825 -13.92 -22.40 9.23
CA ASN B 825 -14.98 -23.37 9.47
C ASN B 825 -16.29 -22.67 9.81
N ILE B 826 -17.38 -23.17 9.23
CA ILE B 826 -18.68 -22.54 9.41
C ILE B 826 -19.12 -22.62 10.87
N VAL B 827 -18.95 -23.78 11.51
CA VAL B 827 -19.41 -23.94 12.88
C VAL B 827 -18.45 -23.26 13.86
N GLU B 828 -17.17 -23.12 13.49
CA GLU B 828 -16.20 -22.54 14.41
C GLU B 828 -16.50 -21.07 14.69
N VAL B 829 -16.89 -20.31 13.67
CA VAL B 829 -17.18 -18.89 13.86
C VAL B 829 -18.49 -18.65 14.61
N GLU B 830 -19.32 -19.68 14.76
CA GLU B 830 -20.55 -19.52 15.54
C GLU B 830 -20.23 -19.27 17.01
N VAL B 831 -19.27 -20.00 17.57
CA VAL B 831 -19.00 -19.90 19.00
C VAL B 831 -18.30 -18.58 19.33
N ILE B 832 -17.42 -18.10 18.43
CA ILE B 832 -16.69 -16.88 18.73
C ILE B 832 -17.61 -15.67 18.68
N LEU B 833 -18.57 -15.66 17.75
CA LEU B 833 -19.52 -14.57 17.69
C LEU B 833 -20.52 -14.61 18.85
N LYS B 834 -20.76 -15.80 19.39
CA LYS B 834 -21.69 -15.93 20.51
C LYS B 834 -21.18 -15.21 21.75
N ASN B 835 -19.88 -15.32 22.02
CA ASN B 835 -19.28 -14.70 23.20
C ASN B 835 -19.09 -13.20 22.97
N ALA B 836 -18.41 -12.54 23.91
CA ALA B 836 -18.14 -11.11 23.85
C ALA B 836 -19.44 -10.30 23.71
N VAL B 837 -20.27 -10.42 24.74
CA VAL B 837 -21.57 -9.74 24.80
C VAL B 837 -21.43 -8.58 25.79
N PRO B 838 -21.40 -7.32 25.32
CA PRO B 838 -21.28 -6.15 26.20
C PRO B 838 -22.53 -5.94 27.05
N MET B 859 -34.38 -14.41 18.97
CA MET B 859 -33.29 -15.20 18.42
C MET B 859 -32.48 -14.36 17.43
N ARG B 860 -33.17 -13.51 16.68
CA ARG B 860 -32.54 -12.63 15.69
C ARG B 860 -31.99 -11.40 16.43
N THR B 861 -30.90 -11.62 17.16
CA THR B 861 -30.32 -10.59 18.01
C THR B 861 -29.18 -9.83 17.34
N ILE B 862 -28.41 -10.47 16.47
CA ILE B 862 -27.34 -9.77 15.76
C ILE B 862 -27.97 -8.79 14.78
N TRP B 863 -27.47 -7.56 14.78
CA TRP B 863 -27.98 -6.50 13.91
C TRP B 863 -27.01 -6.29 12.75
N VAL B 864 -27.56 -6.23 11.54
CA VAL B 864 -26.79 -6.08 10.31
C VAL B 864 -27.23 -4.79 9.64
N THR B 865 -26.26 -4.03 9.12
CA THR B 865 -26.55 -2.76 8.46
C THR B 865 -27.46 -2.99 7.26
N GLY B 866 -28.66 -2.41 7.31
CA GLY B 866 -29.61 -2.52 6.22
C GLY B 866 -30.44 -3.80 6.24
N ARG B 867 -30.15 -4.74 7.12
CA ARG B 867 -30.88 -6.00 7.20
C ARG B 867 -31.66 -6.15 8.50
N LYS B 868 -31.86 -5.05 9.24
CA LYS B 868 -32.57 -5.07 10.53
C LYS B 868 -31.81 -6.01 11.45
N GLY B 869 -32.47 -6.90 12.17
CA GLY B 869 -31.82 -7.89 13.02
C GLY B 869 -31.70 -9.22 12.32
N LEU B 870 -30.66 -9.98 12.67
CA LEU B 870 -30.40 -11.27 12.07
C LEU B 870 -30.06 -12.28 13.17
N THR B 871 -30.36 -13.55 12.88
CA THR B 871 -30.04 -14.62 13.81
C THR B 871 -28.54 -14.83 13.89
N GLU B 872 -28.08 -15.33 15.04
CA GLU B 872 -26.65 -15.57 15.22
C GLU B 872 -26.13 -16.59 14.23
N ARG B 873 -26.88 -17.66 14.00
CA ARG B 873 -26.46 -18.67 13.04
C ARG B 873 -26.44 -18.12 11.62
N GLU B 874 -27.49 -17.36 11.24
CA GLU B 874 -27.57 -16.82 9.90
C GLU B 874 -26.47 -15.79 9.64
N ALA B 875 -26.21 -14.92 10.62
CA ALA B 875 -25.20 -13.87 10.44
C ALA B 875 -23.82 -14.46 10.24
N ALA B 876 -23.45 -15.46 11.05
CA ALA B 876 -22.15 -16.07 10.90
C ALA B 876 -22.05 -16.89 9.62
N ALA B 877 -23.14 -17.52 9.20
CA ALA B 877 -23.14 -18.28 7.96
C ALA B 877 -22.97 -17.36 6.75
N LEU B 878 -23.52 -16.15 6.82
CA LEU B 878 -23.38 -15.20 5.72
C LEU B 878 -22.00 -14.57 5.65
N ILE B 879 -21.27 -14.53 6.78
CA ILE B 879 -19.94 -13.92 6.79
C ILE B 879 -19.00 -14.71 5.88
N VAL B 880 -18.98 -16.03 6.03
CA VAL B 880 -18.14 -16.86 5.17
C VAL B 880 -18.68 -16.85 3.74
N GLU B 881 -20.01 -16.84 3.59
CA GLU B 881 -20.59 -16.80 2.25
C GLU B 881 -20.24 -15.51 1.52
N GLU B 882 -20.33 -14.38 2.22
CA GLU B 882 -19.96 -13.11 1.60
C GLU B 882 -18.46 -13.05 1.33
N ALA B 883 -17.64 -13.59 2.24
CA ALA B 883 -16.20 -13.57 2.04
C ALA B 883 -15.80 -14.38 0.81
N ARG B 884 -16.46 -15.51 0.58
CA ARG B 884 -16.16 -16.31 -0.60
C ARG B 884 -16.41 -15.53 -1.89
N MET B 885 -17.52 -14.79 -1.94
CA MET B 885 -17.82 -13.99 -3.12
C MET B 885 -16.88 -12.80 -3.25
N ILE B 886 -16.44 -12.22 -2.13
CA ILE B 886 -15.58 -11.05 -2.19
C ILE B 886 -14.23 -11.39 -2.81
N LEU B 887 -13.59 -12.47 -2.34
CA LEU B 887 -12.31 -12.87 -2.90
C LEU B 887 -12.45 -13.34 -4.35
N GLN B 888 -13.53 -14.07 -4.66
CA GLN B 888 -13.70 -14.60 -6.00
C GLN B 888 -13.88 -13.49 -7.04
N GLN B 889 -14.63 -12.44 -6.68
CA GLN B 889 -14.92 -11.35 -7.61
C GLN B 889 -13.81 -10.30 -7.67
N ASP B 890 -12.83 -10.37 -6.77
CA ASP B 890 -11.73 -9.42 -6.77
C ASP B 890 -10.51 -9.91 -7.57
N LEU B 891 -10.60 -11.10 -8.15
CA LEU B 891 -9.49 -11.63 -8.95
C LEU B 891 -9.99 -12.69 -9.93
#